data_2LYI
#
_entry.id   2LYI
#
_entity_poly.entity_id   1
_entity_poly.type   'polypeptide(L)'
_entity_poly.pdbx_seq_one_letter_code
;MHHHHHHSGSLGDQLTSTLASALTKTNTLKAVSASKPSANVAVAIVTSGLKKALGALRINAGVSSQLTSAVSQAVANVRP
GSSPAVYAKAIAAPSVQILVSSGSVNNNNAKQVASTLSENLVREMANTARRYRVNVPEASVQADVSLVTSMTSTFVISSQ
TSVQMGG
;
_entity_poly.pdbx_strand_id   A
#
# COMPACT_ATOMS: atom_id res chain seq x y z
N MET A 1 -2.04 -12.99 11.73
CA MET A 1 -0.84 -13.08 12.55
C MET A 1 -0.75 -11.91 13.52
N HIS A 2 -1.02 -10.70 13.02
CA HIS A 2 -0.97 -9.50 13.84
C HIS A 2 -2.36 -8.86 13.96
N HIS A 3 -3.20 -9.11 12.96
CA HIS A 3 -4.55 -8.56 12.95
C HIS A 3 -5.29 -8.94 14.23
N HIS A 4 -6.41 -8.26 14.48
CA HIS A 4 -7.22 -8.53 15.67
C HIS A 4 -8.18 -9.68 15.41
N HIS A 5 -9.05 -9.94 16.38
CA HIS A 5 -10.03 -11.02 16.26
C HIS A 5 -11.33 -10.50 15.67
N HIS A 6 -12.09 -9.76 16.48
CA HIS A 6 -13.36 -9.20 16.04
C HIS A 6 -13.99 -8.33 17.13
N HIS A 7 -14.33 -7.11 16.76
CA HIS A 7 -14.94 -6.18 17.72
C HIS A 7 -15.29 -4.86 17.02
N SER A 8 -14.26 -4.14 16.57
CA SER A 8 -14.46 -2.86 15.90
C SER A 8 -13.69 -2.81 14.59
N GLY A 9 -13.43 -3.98 14.02
CA GLY A 9 -12.70 -4.05 12.76
C GLY A 9 -11.28 -3.56 12.89
N SER A 10 -10.33 -4.49 12.78
CA SER A 10 -8.91 -4.14 12.89
C SER A 10 -8.55 -2.98 11.95
N LEU A 11 -7.66 -2.12 12.41
CA LEU A 11 -7.23 -0.97 11.61
C LEU A 11 -6.52 -1.42 10.34
N GLY A 12 -5.72 -2.47 10.45
CA GLY A 12 -5.00 -2.99 9.30
C GLY A 12 -5.92 -3.62 8.27
N ASP A 13 -6.98 -4.25 8.75
CA ASP A 13 -7.94 -4.90 7.87
C ASP A 13 -8.55 -3.90 6.90
N GLN A 14 -9.04 -2.79 7.43
CA GLN A 14 -9.65 -1.75 6.60
C GLN A 14 -8.62 -1.12 5.67
N LEU A 15 -7.44 -0.82 6.22
CA LEU A 15 -6.37 -0.22 5.43
C LEU A 15 -6.02 -1.09 4.21
N THR A 16 -5.93 -2.40 4.44
CA THR A 16 -5.60 -3.32 3.37
C THR A 16 -6.74 -3.43 2.36
N SER A 17 -7.97 -3.43 2.86
CA SER A 17 -9.15 -3.53 2.00
C SER A 17 -9.21 -2.34 1.05
N THR A 18 -8.94 -1.15 1.56
CA THR A 18 -8.97 0.06 0.75
C THR A 18 -7.70 0.18 -0.09
N LEU A 19 -6.56 0.02 0.54
CA LEU A 19 -5.28 0.12 -0.14
C LEU A 19 -5.21 -0.87 -1.31
N ALA A 20 -5.63 -2.11 -1.04
CA ALA A 20 -5.61 -3.15 -2.07
C ALA A 20 -6.67 -2.87 -3.13
N SER A 21 -7.84 -2.40 -2.70
CA SER A 21 -8.94 -2.11 -3.61
C SER A 21 -8.54 -1.02 -4.59
N ALA A 22 -7.91 0.03 -4.09
CA ALA A 22 -7.47 1.15 -4.92
C ALA A 22 -6.35 0.72 -5.87
N LEU A 23 -5.39 -0.01 -5.34
CA LEU A 23 -4.25 -0.48 -6.12
C LEU A 23 -4.71 -1.51 -7.16
N THR A 24 -5.88 -2.10 -6.93
CA THR A 24 -6.42 -3.09 -7.84
C THR A 24 -6.95 -2.45 -9.11
N LYS A 25 -7.27 -1.16 -9.02
CA LYS A 25 -7.79 -0.42 -10.17
C LYS A 25 -6.77 0.61 -10.66
N THR A 26 -5.53 0.46 -10.22
CA THR A 26 -4.47 1.38 -10.61
C THR A 26 -3.61 0.79 -11.72
N ASN A 27 -3.41 1.56 -12.79
CA ASN A 27 -2.61 1.10 -13.92
C ASN A 27 -1.23 0.65 -13.45
N THR A 28 -0.73 1.27 -12.40
CA THR A 28 0.58 0.93 -11.85
C THR A 28 0.62 -0.53 -11.39
N LEU A 29 -0.55 -1.09 -11.13
CA LEU A 29 -0.67 -2.47 -10.67
C LEU A 29 -1.17 -3.37 -11.79
N LYS A 30 -2.11 -2.85 -12.57
CA LYS A 30 -2.69 -3.60 -13.68
C LYS A 30 -1.67 -3.79 -14.80
N ALA A 31 -0.82 -2.79 -15.00
CA ALA A 31 0.19 -2.83 -16.04
C ALA A 31 1.28 -3.87 -15.70
N VAL A 32 1.76 -3.81 -14.47
CA VAL A 32 2.80 -4.74 -14.01
C VAL A 32 2.25 -6.15 -13.87
N SER A 33 1.02 -6.26 -13.34
CA SER A 33 0.39 -7.55 -13.15
C SER A 33 0.14 -8.24 -14.48
N ALA A 34 -0.44 -7.50 -15.43
CA ALA A 34 -0.73 -8.04 -16.75
C ALA A 34 0.55 -8.35 -17.51
N SER A 35 1.61 -7.60 -17.20
CA SER A 35 2.90 -7.79 -17.86
C SER A 35 3.53 -9.12 -17.46
N LYS A 36 3.14 -9.62 -16.29
CA LYS A 36 3.67 -10.88 -15.78
C LYS A 36 5.19 -10.91 -15.84
N PRO A 37 5.82 -9.95 -15.13
CA PRO A 37 7.29 -9.84 -15.10
C PRO A 37 7.93 -10.98 -14.31
N SER A 38 8.09 -10.79 -13.01
CA SER A 38 8.69 -11.80 -12.15
C SER A 38 8.83 -11.30 -10.72
N ALA A 39 8.82 -12.23 -9.77
CA ALA A 39 8.95 -11.87 -8.36
C ALA A 39 10.29 -11.20 -8.08
N ASN A 40 11.23 -11.35 -9.02
CA ASN A 40 12.55 -10.76 -8.86
C ASN A 40 12.49 -9.24 -9.03
N VAL A 41 11.85 -8.79 -10.10
CA VAL A 41 11.72 -7.37 -10.38
C VAL A 41 10.58 -6.75 -9.57
N ALA A 42 9.54 -7.54 -9.33
CA ALA A 42 8.39 -7.08 -8.55
C ALA A 42 8.81 -6.63 -7.16
N VAL A 43 9.74 -7.38 -6.56
CA VAL A 43 10.22 -7.06 -5.21
C VAL A 43 11.00 -5.75 -5.22
N ALA A 44 11.79 -5.54 -6.26
CA ALA A 44 12.60 -4.33 -6.39
C ALA A 44 11.72 -3.11 -6.65
N ILE A 45 10.63 -3.33 -7.37
CA ILE A 45 9.70 -2.24 -7.69
C ILE A 45 8.94 -1.78 -6.46
N VAL A 46 8.40 -2.74 -5.71
CA VAL A 46 7.65 -2.44 -4.49
C VAL A 46 8.54 -1.77 -3.45
N THR A 47 9.77 -2.24 -3.34
CA THR A 47 10.72 -1.69 -2.38
C THR A 47 10.99 -0.21 -2.66
N SER A 48 11.08 0.13 -3.95
CA SER A 48 11.34 1.50 -4.35
C SER A 48 10.24 2.43 -3.86
N GLY A 49 8.99 2.00 -4.04
CA GLY A 49 7.86 2.81 -3.61
C GLY A 49 7.70 2.83 -2.10
N LEU A 50 8.08 1.73 -1.46
CA LEU A 50 7.97 1.62 0.00
C LEU A 50 8.96 2.57 0.68
N LYS A 51 10.15 2.67 0.12
CA LYS A 51 11.19 3.55 0.68
C LYS A 51 10.77 5.01 0.59
N LYS A 52 10.23 5.39 -0.56
CA LYS A 52 9.78 6.76 -0.78
C LYS A 52 8.56 7.09 0.08
N ALA A 53 7.61 6.15 0.12
CA ALA A 53 6.40 6.34 0.91
C ALA A 53 6.73 6.53 2.39
N LEU A 54 7.56 5.63 2.92
CA LEU A 54 7.96 5.70 4.32
C LEU A 54 8.84 6.91 4.58
N GLY A 55 9.69 7.24 3.61
CA GLY A 55 10.58 8.38 3.76
C GLY A 55 9.82 9.70 3.76
N ALA A 56 8.71 9.74 3.05
CA ALA A 56 7.89 10.96 2.98
C ALA A 56 7.01 11.10 4.21
N LEU A 57 6.82 10.00 4.93
CA LEU A 57 6.00 10.00 6.14
C LEU A 57 6.87 10.06 7.38
N ARG A 58 8.16 10.34 7.20
CA ARG A 58 9.09 10.42 8.32
C ARG A 58 9.01 9.16 9.18
N ILE A 59 8.83 8.03 8.52
CA ILE A 59 8.74 6.75 9.23
C ILE A 59 10.12 6.28 9.69
N ASN A 60 10.19 5.80 10.93
CA ASN A 60 11.45 5.33 11.50
C ASN A 60 12.13 4.33 10.56
N ALA A 61 13.44 4.49 10.38
CA ALA A 61 14.19 3.60 9.51
C ALA A 61 14.08 2.15 9.97
N GLY A 62 14.05 1.95 11.29
CA GLY A 62 13.95 0.61 11.83
C GLY A 62 12.72 -0.12 11.34
N VAL A 63 11.56 0.52 11.46
CA VAL A 63 10.31 -0.09 11.03
C VAL A 63 10.21 -0.12 9.51
N SER A 64 10.78 0.91 8.86
CA SER A 64 10.75 1.00 7.41
C SER A 64 11.62 -0.08 6.78
N SER A 65 12.57 -0.59 7.55
CA SER A 65 13.47 -1.62 7.07
C SER A 65 12.79 -2.99 7.09
N GLN A 66 12.11 -3.29 8.18
CA GLN A 66 11.41 -4.56 8.33
C GLN A 66 10.19 -4.61 7.42
N LEU A 67 9.53 -3.47 7.25
CA LEU A 67 8.34 -3.39 6.40
C LEU A 67 8.66 -3.81 4.97
N THR A 68 9.83 -3.40 4.48
CA THR A 68 10.26 -3.73 3.12
C THR A 68 10.59 -5.20 3.00
N SER A 69 11.26 -5.74 4.03
CA SER A 69 11.65 -7.15 4.03
C SER A 69 10.43 -8.05 3.97
N ALA A 70 9.39 -7.68 4.70
CA ALA A 70 8.15 -8.46 4.73
C ALA A 70 7.36 -8.28 3.44
N VAL A 71 7.09 -7.02 3.08
CA VAL A 71 6.35 -6.72 1.87
C VAL A 71 6.95 -7.44 0.66
N SER A 72 8.27 -7.51 0.61
CA SER A 72 8.96 -8.16 -0.49
C SER A 72 8.71 -9.67 -0.46
N GLN A 73 8.65 -10.23 0.73
CA GLN A 73 8.43 -11.66 0.90
C GLN A 73 7.06 -12.06 0.35
N ALA A 74 6.03 -11.31 0.76
CA ALA A 74 4.66 -11.59 0.31
C ALA A 74 4.54 -11.41 -1.20
N VAL A 75 5.17 -10.37 -1.73
CA VAL A 75 5.13 -10.08 -3.15
C VAL A 75 5.93 -11.12 -3.94
N ALA A 76 6.97 -11.67 -3.31
CA ALA A 76 7.81 -12.67 -3.95
C ALA A 76 7.21 -14.07 -3.79
N ASN A 77 6.04 -14.14 -3.16
CA ASN A 77 5.37 -15.42 -2.96
C ASN A 77 4.19 -15.57 -3.90
N VAL A 78 3.60 -14.44 -4.30
CA VAL A 78 2.46 -14.45 -5.21
C VAL A 78 2.86 -14.97 -6.59
N ARG A 79 4.15 -14.85 -6.91
CA ARG A 79 4.66 -15.31 -8.19
C ARG A 79 4.04 -14.51 -9.34
N PRO A 80 4.72 -14.50 -10.49
CA PRO A 80 4.26 -13.78 -11.68
C PRO A 80 3.02 -14.42 -12.31
N GLY A 81 2.26 -13.63 -13.04
CA GLY A 81 1.06 -14.15 -13.69
C GLY A 81 -0.16 -14.05 -12.78
N SER A 82 -0.08 -13.21 -11.77
CA SER A 82 -1.19 -13.04 -10.83
C SER A 82 -1.80 -11.65 -10.96
N SER A 83 -3.12 -11.57 -10.83
CA SER A 83 -3.83 -10.30 -10.93
C SER A 83 -3.23 -9.27 -9.98
N PRO A 84 -3.52 -7.99 -10.25
CA PRO A 84 -3.03 -6.88 -9.42
C PRO A 84 -3.68 -6.85 -8.04
N ALA A 85 -4.69 -7.68 -7.86
CA ALA A 85 -5.40 -7.75 -6.59
C ALA A 85 -4.56 -8.43 -5.52
N VAL A 86 -3.90 -9.52 -5.91
CA VAL A 86 -3.05 -10.27 -4.97
C VAL A 86 -1.76 -9.50 -4.67
N TYR A 87 -1.22 -8.85 -5.69
CA TYR A 87 0.02 -8.09 -5.52
C TYR A 87 -0.18 -6.92 -4.55
N ALA A 88 -1.27 -6.18 -4.75
CA ALA A 88 -1.59 -5.05 -3.90
C ALA A 88 -1.83 -5.49 -2.46
N LYS A 89 -2.43 -6.66 -2.31
CA LYS A 89 -2.72 -7.20 -0.98
C LYS A 89 -1.45 -7.70 -0.31
N ALA A 90 -0.55 -8.27 -1.09
CA ALA A 90 0.72 -8.78 -0.57
C ALA A 90 1.65 -7.63 -0.16
N ILE A 91 1.24 -6.41 -0.49
CA ILE A 91 2.04 -5.23 -0.16
C ILE A 91 1.39 -4.42 0.95
N ALA A 92 0.07 -4.57 1.09
CA ALA A 92 -0.67 -3.86 2.11
C ALA A 92 -0.77 -4.67 3.40
N ALA A 93 -0.94 -5.98 3.25
CA ALA A 93 -1.04 -6.87 4.39
C ALA A 93 0.15 -6.72 5.33
N PRO A 94 1.35 -6.97 4.79
CA PRO A 94 2.60 -6.86 5.55
C PRO A 94 2.94 -5.41 5.90
N SER A 95 2.24 -4.48 5.28
CA SER A 95 2.47 -3.06 5.52
C SER A 95 1.65 -2.56 6.70
N VAL A 96 0.38 -2.97 6.74
CA VAL A 96 -0.52 -2.57 7.81
C VAL A 96 -0.13 -3.24 9.13
N GLN A 97 0.25 -4.51 9.04
CA GLN A 97 0.65 -5.27 10.23
C GLN A 97 1.84 -4.62 10.92
N ILE A 98 2.78 -4.12 10.12
CA ILE A 98 3.96 -3.47 10.65
C ILE A 98 3.70 -2.01 10.99
N LEU A 99 2.88 -1.36 10.16
CA LEU A 99 2.53 0.04 10.37
C LEU A 99 1.74 0.22 11.66
N VAL A 100 0.91 -0.77 11.98
CA VAL A 100 0.09 -0.72 13.18
C VAL A 100 0.89 -1.14 14.40
N SER A 101 1.81 -2.08 14.21
CA SER A 101 2.64 -2.57 15.30
C SER A 101 3.67 -1.53 15.72
N SER A 102 4.01 -0.65 14.79
CA SER A 102 4.99 0.40 15.06
C SER A 102 4.29 1.72 15.40
N GLY A 103 2.96 1.71 15.33
CA GLY A 103 2.20 2.91 15.64
C GLY A 103 2.26 3.93 14.53
N SER A 104 2.92 3.58 13.43
CA SER A 104 3.04 4.48 12.29
C SER A 104 1.68 4.87 11.74
N VAL A 105 0.67 4.07 12.06
CA VAL A 105 -0.69 4.33 11.60
C VAL A 105 -1.71 4.06 12.71
N ASN A 106 -2.59 5.03 12.94
CA ASN A 106 -3.61 4.90 13.97
C ASN A 106 -4.99 5.25 13.41
N ASN A 107 -5.97 5.36 14.29
CA ASN A 107 -7.33 5.68 13.90
C ASN A 107 -7.53 7.19 13.79
N ASN A 108 -6.77 7.81 12.89
CA ASN A 108 -6.86 9.26 12.69
C ASN A 108 -5.92 9.70 11.58
N ASN A 109 -4.79 9.02 11.46
CA ASN A 109 -3.80 9.35 10.42
C ASN A 109 -3.74 8.26 9.35
N ALA A 110 -4.40 7.14 9.63
CA ALA A 110 -4.42 6.03 8.69
C ALA A 110 -4.84 6.49 7.29
N LYS A 111 -5.78 7.42 7.24
CA LYS A 111 -6.27 7.95 5.97
C LYS A 111 -5.21 8.83 5.31
N GLN A 112 -4.47 9.57 6.13
CA GLN A 112 -3.42 10.44 5.62
C GLN A 112 -2.22 9.64 5.14
N VAL A 113 -1.76 8.72 5.98
CA VAL A 113 -0.61 7.88 5.64
C VAL A 113 -0.93 6.97 4.45
N ALA A 114 -2.16 6.48 4.41
CA ALA A 114 -2.60 5.60 3.33
C ALA A 114 -2.58 6.33 1.99
N SER A 115 -2.93 7.60 2.01
CA SER A 115 -2.96 8.40 0.79
C SER A 115 -1.54 8.77 0.35
N THR A 116 -0.73 9.20 1.30
CA THR A 116 0.64 9.59 1.01
C THR A 116 1.48 8.37 0.62
N LEU A 117 1.41 7.33 1.44
CA LEU A 117 2.16 6.11 1.18
C LEU A 117 1.86 5.56 -0.21
N SER A 118 0.57 5.45 -0.53
CA SER A 118 0.14 4.94 -1.83
C SER A 118 0.50 5.92 -2.94
N GLU A 119 0.41 7.22 -2.64
CA GLU A 119 0.71 8.26 -3.61
C GLU A 119 2.18 8.19 -4.03
N ASN A 120 3.06 7.98 -3.06
CA ASN A 120 4.49 7.90 -3.33
C ASN A 120 4.87 6.50 -3.81
N LEU A 121 4.22 5.49 -3.24
CA LEU A 121 4.48 4.11 -3.61
C LEU A 121 4.08 3.84 -5.05
N VAL A 122 2.88 4.29 -5.43
CA VAL A 122 2.38 4.10 -6.78
C VAL A 122 3.23 4.86 -7.79
N ARG A 123 3.66 6.07 -7.42
CA ARG A 123 4.48 6.89 -8.29
C ARG A 123 5.84 6.25 -8.53
N GLU A 124 6.50 5.85 -7.44
CA GLU A 124 7.81 5.23 -7.52
C GLU A 124 7.72 3.86 -8.18
N MET A 125 6.70 3.10 -7.80
CA MET A 125 6.49 1.76 -8.36
C MET A 125 6.44 1.80 -9.88
N ALA A 126 5.76 2.81 -10.42
CA ALA A 126 5.64 2.96 -11.87
C ALA A 126 6.99 3.33 -12.49
N ASN A 127 7.72 4.21 -11.83
CA ASN A 127 9.03 4.63 -12.31
C ASN A 127 9.96 3.45 -12.49
N THR A 128 9.97 2.55 -11.51
CA THR A 128 10.83 1.37 -11.56
C THR A 128 10.30 0.37 -12.57
N ALA A 129 8.99 0.25 -12.67
CA ALA A 129 8.36 -0.67 -13.61
C ALA A 129 8.82 -0.40 -15.04
N ARG A 130 9.01 0.87 -15.35
CA ARG A 130 9.44 1.28 -16.69
C ARG A 130 10.74 0.58 -17.07
N ARG A 131 11.65 0.47 -16.11
CA ARG A 131 12.94 -0.17 -16.34
C ARG A 131 12.77 -1.69 -16.49
N TYR A 132 11.58 -2.18 -16.19
CA TYR A 132 11.28 -3.60 -16.29
C TYR A 132 10.30 -3.88 -17.42
N ARG A 133 10.42 -3.11 -18.50
CA ARG A 133 9.54 -3.27 -19.67
C ARG A 133 8.10 -2.92 -19.31
N VAL A 134 7.94 -2.19 -18.20
CA VAL A 134 6.61 -1.77 -17.75
C VAL A 134 6.52 -0.26 -17.62
N ASN A 135 6.69 0.44 -18.73
CA ASN A 135 6.62 1.89 -18.74
C ASN A 135 5.20 2.38 -18.54
N VAL A 136 5.04 3.50 -17.85
CA VAL A 136 3.72 4.07 -17.59
C VAL A 136 3.73 5.58 -17.79
N PRO A 137 2.75 6.09 -18.56
CA PRO A 137 2.62 7.53 -18.83
C PRO A 137 2.21 8.32 -17.61
N GLU A 138 2.83 9.48 -17.41
CA GLU A 138 2.53 10.33 -16.27
C GLU A 138 1.03 10.64 -16.21
N ALA A 139 0.37 10.58 -17.36
CA ALA A 139 -1.06 10.85 -17.43
C ALA A 139 -1.86 9.77 -16.71
N SER A 140 -1.32 8.55 -16.69
CA SER A 140 -1.98 7.43 -16.03
C SER A 140 -1.60 7.37 -14.56
N VAL A 141 -0.32 7.57 -14.27
CA VAL A 141 0.16 7.54 -12.89
C VAL A 141 -0.53 8.58 -12.04
N GLN A 142 -0.68 9.78 -12.58
CA GLN A 142 -1.32 10.87 -11.86
C GLN A 142 -2.73 10.47 -11.41
N ALA A 143 -3.43 9.74 -12.27
CA ALA A 143 -4.78 9.28 -11.98
C ALA A 143 -4.78 8.28 -10.83
N ASP A 144 -3.74 7.46 -10.78
CA ASP A 144 -3.61 6.45 -9.72
C ASP A 144 -3.40 7.10 -8.36
N VAL A 145 -2.61 8.17 -8.35
CA VAL A 145 -2.33 8.89 -7.11
C VAL A 145 -3.57 9.61 -6.59
N SER A 146 -4.31 10.22 -7.50
CA SER A 146 -5.52 10.96 -7.14
C SER A 146 -6.63 9.99 -6.73
N LEU A 147 -6.64 8.81 -7.34
CA LEU A 147 -7.64 7.80 -7.05
C LEU A 147 -7.43 7.20 -5.66
N VAL A 148 -6.20 6.77 -5.39
CA VAL A 148 -5.87 6.19 -4.10
C VAL A 148 -6.04 7.20 -2.97
N THR A 149 -5.71 8.46 -3.26
CA THR A 149 -5.82 9.52 -2.28
C THR A 149 -7.28 9.84 -1.97
N SER A 150 -8.09 9.91 -3.02
CA SER A 150 -9.52 10.21 -2.86
C SER A 150 -10.19 9.17 -1.99
N MET A 151 -9.78 7.91 -2.14
CA MET A 151 -10.34 6.81 -1.36
C MET A 151 -10.11 7.03 0.13
N THR A 152 -8.89 7.41 0.49
CA THR A 152 -8.53 7.65 1.88
C THR A 152 -9.19 8.92 2.40
N SER A 153 -9.29 9.93 1.54
CA SER A 153 -9.90 11.20 1.92
C SER A 153 -11.24 10.98 2.60
N THR A 154 -11.91 9.89 2.23
CA THR A 154 -13.22 9.56 2.80
C THR A 154 -13.19 8.21 3.49
N PHE A 155 -12.07 7.89 4.13
CA PHE A 155 -11.91 6.63 4.83
C PHE A 155 -12.31 6.76 6.30
N VAL A 156 -13.35 6.05 6.70
CA VAL A 156 -13.83 6.09 8.08
C VAL A 156 -13.78 4.70 8.71
N ILE A 157 -12.97 4.58 9.76
CA ILE A 157 -12.83 3.30 10.47
C ILE A 157 -14.08 2.99 11.27
N SER A 158 -14.80 1.94 10.86
CA SER A 158 -16.01 1.52 11.56
C SER A 158 -15.69 0.81 12.87
N SER A 159 -15.19 1.57 13.83
CA SER A 159 -14.83 1.02 15.13
C SER A 159 -15.67 1.64 16.25
N GLN A 160 -16.50 0.82 16.89
CA GLN A 160 -17.36 1.30 17.96
C GLN A 160 -16.54 1.80 19.14
N THR A 161 -15.54 1.01 19.54
CA THR A 161 -14.68 1.37 20.65
C THR A 161 -13.56 2.30 20.20
N SER A 162 -13.90 3.55 19.92
CA SER A 162 -12.92 4.53 19.47
C SER A 162 -12.98 5.79 20.33
N VAL A 163 -12.96 5.59 21.65
CA VAL A 163 -13.01 6.70 22.59
C VAL A 163 -11.61 7.08 23.05
N GLN A 164 -11.20 8.31 22.75
CA GLN A 164 -9.88 8.79 23.13
C GLN A 164 -9.96 9.63 24.40
N MET A 165 -10.94 9.34 25.24
CA MET A 165 -11.13 10.06 26.49
C MET A 165 -11.44 11.53 26.23
N GLY A 166 -12.66 11.81 25.79
CA GLY A 166 -13.06 13.17 25.50
C GLY A 166 -14.54 13.40 25.73
N GLY A 167 -14.88 13.95 26.90
CA GLY A 167 -16.27 14.21 27.21
C GLY A 167 -16.44 14.90 28.56
N MET A 1 -13.74 -2.76 21.56
CA MET A 1 -12.55 -2.68 22.38
C MET A 1 -11.30 -3.06 21.58
N HIS A 2 -10.50 -2.07 21.22
CA HIS A 2 -9.29 -2.29 20.45
C HIS A 2 -8.38 -3.29 21.17
N HIS A 3 -8.51 -3.36 22.49
CA HIS A 3 -7.70 -4.26 23.29
C HIS A 3 -8.28 -5.67 23.27
N HIS A 4 -8.39 -6.26 22.08
CA HIS A 4 -8.93 -7.60 21.92
C HIS A 4 -10.38 -7.65 22.38
N HIS A 5 -11.00 -8.83 22.24
CA HIS A 5 -12.39 -9.01 22.64
C HIS A 5 -13.31 -8.12 21.81
N HIS A 6 -12.87 -7.78 20.60
CA HIS A 6 -13.66 -6.93 19.72
C HIS A 6 -12.93 -6.71 18.39
N HIS A 7 -13.56 -5.94 17.50
CA HIS A 7 -12.96 -5.66 16.20
C HIS A 7 -13.19 -4.19 15.81
N SER A 8 -14.43 -3.73 15.93
CA SER A 8 -14.76 -2.35 15.60
C SER A 8 -14.30 -2.01 14.18
N GLY A 9 -14.37 -2.99 13.28
CA GLY A 9 -13.97 -2.77 11.91
C GLY A 9 -12.51 -3.15 11.67
N SER A 10 -11.73 -3.18 12.75
CA SER A 10 -10.32 -3.53 12.65
C SER A 10 -9.57 -2.56 11.74
N LEU A 11 -8.88 -1.60 12.36
CA LEU A 11 -8.13 -0.60 11.61
C LEU A 11 -7.23 -1.26 10.56
N GLY A 12 -6.69 -2.44 10.90
CA GLY A 12 -5.83 -3.14 9.98
C GLY A 12 -6.59 -3.68 8.78
N ASP A 13 -7.84 -4.07 9.01
CA ASP A 13 -8.67 -4.62 7.93
C ASP A 13 -9.06 -3.52 6.94
N GLN A 14 -9.41 -2.34 7.47
CA GLN A 14 -9.80 -1.22 6.64
C GLN A 14 -8.63 -0.74 5.78
N LEU A 15 -7.48 -0.57 6.41
CA LEU A 15 -6.27 -0.12 5.70
C LEU A 15 -5.94 -1.05 4.54
N THR A 16 -5.94 -2.35 4.82
CA THR A 16 -5.64 -3.35 3.80
C THR A 16 -6.74 -3.41 2.75
N SER A 17 -7.99 -3.33 3.20
CA SER A 17 -9.14 -3.38 2.29
C SER A 17 -9.13 -2.19 1.34
N THR A 18 -8.83 -1.02 1.88
CA THR A 18 -8.80 0.21 1.07
C THR A 18 -7.53 0.26 0.23
N LEU A 19 -6.38 0.06 0.87
CA LEU A 19 -5.10 0.09 0.17
C LEU A 19 -5.09 -0.91 -0.99
N ALA A 20 -5.56 -2.12 -0.72
CA ALA A 20 -5.61 -3.16 -1.73
C ALA A 20 -6.65 -2.85 -2.79
N SER A 21 -7.78 -2.30 -2.36
CA SER A 21 -8.86 -1.95 -3.27
C SER A 21 -8.41 -0.89 -4.28
N ALA A 22 -7.72 0.13 -3.78
CA ALA A 22 -7.23 1.20 -4.63
C ALA A 22 -6.14 0.71 -5.56
N LEU A 23 -5.19 -0.05 -5.02
CA LEU A 23 -4.09 -0.58 -5.82
C LEU A 23 -4.60 -1.59 -6.85
N THR A 24 -5.81 -2.09 -6.63
CA THR A 24 -6.41 -3.05 -7.54
C THR A 24 -6.93 -2.37 -8.80
N LYS A 25 -7.20 -1.07 -8.69
CA LYS A 25 -7.70 -0.31 -9.83
C LYS A 25 -6.66 0.70 -10.31
N THR A 26 -5.42 0.49 -9.88
CA THR A 26 -4.32 1.37 -10.27
C THR A 26 -3.53 0.80 -11.43
N ASN A 27 -3.36 1.59 -12.49
CA ASN A 27 -2.62 1.15 -13.67
C ASN A 27 -1.24 0.64 -13.28
N THR A 28 -0.68 1.19 -12.21
CA THR A 28 0.64 0.79 -11.73
C THR A 28 0.65 -0.67 -11.30
N LEU A 29 -0.54 -1.19 -10.97
CA LEU A 29 -0.67 -2.57 -10.54
C LEU A 29 -1.20 -3.45 -11.67
N LYS A 30 -2.14 -2.91 -12.43
CA LYS A 30 -2.72 -3.64 -13.55
C LYS A 30 -1.72 -3.80 -14.68
N ALA A 31 -0.85 -2.81 -14.85
CA ALA A 31 0.17 -2.85 -15.89
C ALA A 31 1.25 -3.87 -15.56
N VAL A 32 1.74 -3.82 -14.32
CA VAL A 32 2.79 -4.74 -13.88
C VAL A 32 2.25 -6.16 -13.76
N SER A 33 1.03 -6.29 -13.25
CA SER A 33 0.39 -7.59 -13.08
C SER A 33 0.18 -8.27 -14.43
N ALA A 34 -0.39 -7.53 -15.38
CA ALA A 34 -0.65 -8.06 -16.70
C ALA A 34 0.65 -8.34 -17.45
N SER A 35 1.69 -7.58 -17.13
CA SER A 35 2.99 -7.74 -17.77
C SER A 35 3.63 -9.08 -17.38
N LYS A 36 3.24 -9.59 -16.21
CA LYS A 36 3.76 -10.86 -15.72
C LYS A 36 5.29 -10.86 -15.75
N PRO A 37 5.89 -9.92 -14.99
CA PRO A 37 7.35 -9.80 -14.91
C PRO A 37 8.00 -10.96 -14.16
N SER A 38 8.15 -10.81 -12.85
CA SER A 38 8.75 -11.84 -12.02
C SER A 38 8.96 -11.34 -10.60
N ALA A 39 9.11 -12.27 -9.66
CA ALA A 39 9.31 -11.92 -8.26
C ALA A 39 10.62 -11.15 -8.07
N ASN A 40 11.54 -11.33 -9.00
CA ASN A 40 12.83 -10.65 -8.94
C ASN A 40 12.68 -9.16 -9.20
N VAL A 41 11.96 -8.82 -10.27
CA VAL A 41 11.74 -7.42 -10.63
C VAL A 41 10.61 -6.82 -9.78
N ALA A 42 9.60 -7.62 -9.49
CA ALA A 42 8.47 -7.17 -8.69
C ALA A 42 8.94 -6.61 -7.35
N VAL A 43 9.89 -7.30 -6.73
CA VAL A 43 10.42 -6.87 -5.44
C VAL A 43 11.16 -5.56 -5.56
N ALA A 44 11.89 -5.39 -6.67
CA ALA A 44 12.65 -4.16 -6.90
C ALA A 44 11.72 -2.99 -7.17
N ILE A 45 10.62 -3.25 -7.86
CA ILE A 45 9.64 -2.21 -8.18
C ILE A 45 8.89 -1.76 -6.93
N VAL A 46 8.49 -2.72 -6.11
CA VAL A 46 7.76 -2.43 -4.89
C VAL A 46 8.66 -1.75 -3.86
N THR A 47 9.92 -2.17 -3.81
CA THR A 47 10.88 -1.61 -2.87
C THR A 47 11.07 -0.12 -3.10
N SER A 48 11.11 0.28 -4.38
CA SER A 48 11.29 1.69 -4.73
C SER A 48 10.17 2.54 -4.13
N GLY A 49 8.94 2.05 -4.23
CA GLY A 49 7.81 2.78 -3.71
C GLY A 49 7.75 2.75 -2.19
N LEU A 50 8.11 1.61 -1.61
CA LEU A 50 8.10 1.45 -0.16
C LEU A 50 9.09 2.41 0.49
N LYS A 51 10.28 2.52 -0.09
CA LYS A 51 11.31 3.41 0.44
C LYS A 51 10.88 4.86 0.35
N LYS A 52 10.28 5.22 -0.79
CA LYS A 52 9.81 6.59 -1.01
C LYS A 52 8.64 6.91 -0.09
N ALA A 53 7.70 5.97 0.01
CA ALA A 53 6.53 6.16 0.86
C ALA A 53 6.93 6.39 2.31
N LEU A 54 7.80 5.53 2.82
CA LEU A 54 8.27 5.65 4.21
C LEU A 54 9.12 6.89 4.39
N GLY A 55 9.88 7.25 3.36
CA GLY A 55 10.73 8.42 3.43
C GLY A 55 9.94 9.71 3.41
N ALA A 56 8.83 9.71 2.68
CA ALA A 56 7.98 10.89 2.59
C ALA A 56 7.08 11.02 3.81
N LEU A 57 6.87 9.91 4.52
CA LEU A 57 6.03 9.90 5.70
C LEU A 57 6.87 9.99 6.97
N ARG A 58 8.16 10.28 6.80
CA ARG A 58 9.08 10.39 7.93
C ARG A 58 8.99 9.15 8.82
N ILE A 59 8.68 8.01 8.21
CA ILE A 59 8.58 6.76 8.95
C ILE A 59 9.93 6.31 9.48
N ASN A 60 9.95 5.84 10.72
CA ASN A 60 11.18 5.38 11.34
C ASN A 60 11.91 4.38 10.44
N ALA A 61 13.23 4.52 10.36
CA ALA A 61 14.03 3.63 9.53
C ALA A 61 13.91 2.18 9.99
N GLY A 62 13.84 2.00 11.30
CA GLY A 62 13.71 0.66 11.85
C GLY A 62 12.50 -0.08 11.31
N VAL A 63 11.34 0.56 11.40
CA VAL A 63 10.10 -0.04 10.93
C VAL A 63 10.05 -0.06 9.40
N SER A 64 10.62 0.97 8.78
CA SER A 64 10.64 1.08 7.33
C SER A 64 11.54 -0.01 6.72
N SER A 65 12.45 -0.53 7.52
CA SER A 65 13.37 -1.56 7.06
C SER A 65 12.69 -2.92 7.04
N GLN A 66 11.98 -3.25 8.12
CA GLN A 66 11.29 -4.52 8.23
C GLN A 66 10.08 -4.56 7.31
N LEU A 67 9.42 -3.42 7.14
CA LEU A 67 8.25 -3.32 6.27
C LEU A 67 8.59 -3.71 4.84
N THR A 68 9.77 -3.29 4.38
CA THR A 68 10.22 -3.61 3.03
C THR A 68 10.58 -5.08 2.89
N SER A 69 11.25 -5.61 3.91
CA SER A 69 11.66 -7.01 3.90
C SER A 69 10.44 -7.92 3.84
N ALA A 70 9.40 -7.56 4.58
CA ALA A 70 8.17 -8.35 4.61
C ALA A 70 7.38 -8.20 3.32
N VAL A 71 7.10 -6.95 2.94
CA VAL A 71 6.36 -6.67 1.72
C VAL A 71 6.98 -7.40 0.52
N SER A 72 8.30 -7.43 0.47
CA SER A 72 9.00 -8.09 -0.62
C SER A 72 8.80 -9.61 -0.56
N GLN A 73 8.75 -10.15 0.65
CA GLN A 73 8.55 -11.58 0.83
C GLN A 73 7.19 -12.03 0.29
N ALA A 74 6.15 -11.31 0.69
CA ALA A 74 4.80 -11.62 0.24
C ALA A 74 4.66 -11.46 -1.26
N VAL A 75 5.24 -10.38 -1.79
CA VAL A 75 5.17 -10.10 -3.22
C VAL A 75 6.04 -11.08 -4.00
N ALA A 76 7.05 -11.63 -3.33
CA ALA A 76 7.96 -12.59 -3.97
C ALA A 76 7.40 -14.01 -3.86
N ASN A 77 6.25 -14.15 -3.23
CA ASN A 77 5.63 -15.45 -3.05
C ASN A 77 4.43 -15.62 -4.00
N VAL A 78 3.82 -14.50 -4.37
CA VAL A 78 2.68 -14.52 -5.27
C VAL A 78 3.07 -15.04 -6.65
N ARG A 79 4.35 -14.92 -6.98
CA ARG A 79 4.85 -15.37 -8.26
C ARG A 79 4.22 -14.57 -9.41
N PRO A 80 4.90 -14.56 -10.56
CA PRO A 80 4.42 -13.84 -11.75
C PRO A 80 3.19 -14.51 -12.36
N GLY A 81 2.41 -13.71 -13.10
CA GLY A 81 1.22 -14.24 -13.74
C GLY A 81 0.01 -14.18 -12.82
N SER A 82 0.06 -13.32 -11.81
CA SER A 82 -1.04 -13.18 -10.87
C SER A 82 -1.68 -11.81 -10.99
N SER A 83 -3.00 -11.76 -10.84
CA SER A 83 -3.75 -10.51 -10.95
C SER A 83 -3.16 -9.45 -10.00
N PRO A 84 -3.48 -8.18 -10.27
CA PRO A 84 -3.01 -7.06 -9.46
C PRO A 84 -3.64 -7.03 -8.08
N ALA A 85 -4.63 -7.89 -7.86
CA ALA A 85 -5.32 -7.96 -6.59
C ALA A 85 -4.44 -8.62 -5.52
N VAL A 86 -3.74 -9.68 -5.92
CA VAL A 86 -2.87 -10.40 -5.00
C VAL A 86 -1.61 -9.60 -4.71
N TYR A 87 -1.08 -8.94 -5.73
CA TYR A 87 0.13 -8.14 -5.60
C TYR A 87 -0.10 -6.97 -4.64
N ALA A 88 -1.21 -6.27 -4.83
CA ALA A 88 -1.55 -5.12 -3.99
C ALA A 88 -1.79 -5.56 -2.55
N LYS A 89 -2.33 -6.76 -2.38
CA LYS A 89 -2.60 -7.30 -1.05
C LYS A 89 -1.31 -7.75 -0.36
N ALA A 90 -0.40 -8.30 -1.16
CA ALA A 90 0.88 -8.77 -0.63
C ALA A 90 1.76 -7.60 -0.21
N ILE A 91 1.35 -6.39 -0.56
CA ILE A 91 2.10 -5.19 -0.21
C ILE A 91 1.40 -4.41 0.90
N ALA A 92 0.11 -4.64 1.05
CA ALA A 92 -0.68 -3.96 2.08
C ALA A 92 -0.79 -4.81 3.34
N ALA A 93 -0.90 -6.12 3.15
CA ALA A 93 -1.01 -7.05 4.28
C ALA A 93 0.15 -6.88 5.24
N PRO A 94 1.38 -7.08 4.74
CA PRO A 94 2.60 -6.94 5.55
C PRO A 94 2.89 -5.50 5.94
N SER A 95 2.35 -4.56 5.17
CA SER A 95 2.55 -3.15 5.42
C SER A 95 1.67 -2.67 6.58
N VAL A 96 0.43 -3.16 6.60
CA VAL A 96 -0.51 -2.79 7.64
C VAL A 96 -0.12 -3.40 8.99
N GLN A 97 0.16 -4.70 8.98
CA GLN A 97 0.55 -5.40 10.19
C GLN A 97 1.73 -4.72 10.86
N ILE A 98 2.66 -4.22 10.06
CA ILE A 98 3.83 -3.54 10.58
C ILE A 98 3.53 -2.08 10.89
N LEU A 99 2.70 -1.47 10.06
CA LEU A 99 2.32 -0.07 10.25
C LEU A 99 1.54 0.12 11.54
N VAL A 100 0.73 -0.89 11.88
CA VAL A 100 -0.08 -0.84 13.10
C VAL A 100 0.74 -1.23 14.32
N SER A 101 1.68 -2.15 14.12
CA SER A 101 2.54 -2.62 15.20
C SER A 101 3.52 -1.54 15.63
N SER A 102 3.93 -0.71 14.67
CA SER A 102 4.87 0.36 14.95
C SER A 102 4.15 1.66 15.27
N GLY A 103 2.82 1.61 15.24
CA GLY A 103 2.02 2.78 15.53
C GLY A 103 2.07 3.82 14.42
N SER A 104 2.71 3.45 13.32
CA SER A 104 2.84 4.36 12.18
C SER A 104 1.45 4.80 11.68
N VAL A 105 0.44 4.00 11.99
CA VAL A 105 -0.93 4.30 11.58
C VAL A 105 -1.91 4.10 12.73
N ASN A 106 -2.77 5.08 12.94
CA ASN A 106 -3.77 5.01 14.00
C ASN A 106 -5.15 5.39 13.49
N ASN A 107 -6.09 5.55 14.40
CA ASN A 107 -7.46 5.90 14.04
C ASN A 107 -7.62 7.42 13.95
N ASN A 108 -6.89 8.03 13.03
CA ASN A 108 -6.94 9.48 12.83
C ASN A 108 -6.01 9.91 11.71
N ASN A 109 -4.90 9.20 11.56
CA ASN A 109 -3.91 9.52 10.53
C ASN A 109 -3.86 8.41 9.48
N ALA A 110 -4.52 7.30 9.77
CA ALA A 110 -4.53 6.16 8.85
C ALA A 110 -4.95 6.60 7.46
N LYS A 111 -5.90 7.52 7.38
CA LYS A 111 -6.38 8.03 6.10
C LYS A 111 -5.33 8.89 5.43
N GLN A 112 -4.57 9.64 6.23
CA GLN A 112 -3.53 10.51 5.70
C GLN A 112 -2.33 9.69 5.23
N VAL A 113 -1.88 8.78 6.09
CA VAL A 113 -0.73 7.93 5.76
C VAL A 113 -1.04 7.01 4.59
N ALA A 114 -2.28 6.51 4.56
CA ALA A 114 -2.71 5.61 3.50
C ALA A 114 -2.71 6.32 2.15
N SER A 115 -3.09 7.59 2.15
CA SER A 115 -3.14 8.39 0.94
C SER A 115 -1.74 8.69 0.43
N THR A 116 -0.87 9.09 1.34
CA THR A 116 0.51 9.42 0.98
C THR A 116 1.32 8.16 0.66
N LEU A 117 1.02 7.08 1.37
CA LEU A 117 1.71 5.81 1.15
C LEU A 117 1.55 5.34 -0.30
N SER A 118 0.31 5.27 -0.75
CA SER A 118 0.02 4.84 -2.12
C SER A 118 0.51 5.88 -3.13
N GLU A 119 0.37 7.15 -2.78
CA GLU A 119 0.81 8.23 -3.66
C GLU A 119 2.30 8.12 -3.97
N ASN A 120 3.09 7.87 -2.93
CA ASN A 120 4.53 7.74 -3.10
C ASN A 120 4.90 6.34 -3.59
N LEU A 121 4.18 5.34 -3.12
CA LEU A 121 4.42 3.96 -3.51
C LEU A 121 4.19 3.77 -5.02
N VAL A 122 3.08 4.30 -5.51
CA VAL A 122 2.74 4.19 -6.92
C VAL A 122 3.67 5.05 -7.78
N ARG A 123 3.95 6.27 -7.30
CA ARG A 123 4.83 7.18 -8.01
C ARG A 123 6.17 6.52 -8.33
N GLU A 124 6.76 5.88 -7.32
CA GLU A 124 8.04 5.22 -7.50
C GLU A 124 7.87 3.88 -8.21
N MET A 125 6.81 3.16 -7.84
CA MET A 125 6.53 1.86 -8.45
C MET A 125 6.47 1.97 -9.97
N ALA A 126 5.77 2.99 -10.46
CA ALA A 126 5.63 3.20 -11.90
C ALA A 126 6.96 3.64 -12.51
N ASN A 127 7.70 4.48 -11.78
CA ASN A 127 8.98 4.97 -12.27
C ASN A 127 9.97 3.82 -12.45
N THR A 128 9.79 2.76 -11.67
CA THR A 128 10.67 1.60 -11.74
C THR A 128 10.10 0.55 -12.70
N ALA A 129 8.81 0.30 -12.60
CA ALA A 129 8.14 -0.68 -13.45
C ALA A 129 8.34 -0.34 -14.92
N ARG A 130 8.23 0.95 -15.24
CA ARG A 130 8.40 1.40 -16.62
C ARG A 130 9.73 0.96 -17.19
N ARG A 131 10.73 0.84 -16.32
CA ARG A 131 12.07 0.42 -16.73
C ARG A 131 12.11 -1.09 -16.95
N TYR A 132 11.12 -1.79 -16.44
CA TYR A 132 11.04 -3.24 -16.57
C TYR A 132 10.13 -3.63 -17.73
N ARG A 133 9.97 -2.72 -18.68
CA ARG A 133 9.13 -2.96 -19.85
C ARG A 133 7.65 -3.01 -19.45
N VAL A 134 7.28 -2.18 -18.50
CA VAL A 134 5.90 -2.12 -18.02
C VAL A 134 5.16 -0.92 -18.60
N ASN A 135 5.92 0.12 -18.94
CA ASN A 135 5.35 1.33 -19.51
C ASN A 135 4.35 1.97 -18.54
N VAL A 136 4.79 2.99 -17.83
CA VAL A 136 3.94 3.67 -16.87
C VAL A 136 4.27 5.16 -16.80
N PRO A 137 3.75 5.93 -17.77
CA PRO A 137 3.98 7.38 -17.84
C PRO A 137 3.27 8.13 -16.72
N GLU A 138 3.82 9.29 -16.37
CA GLU A 138 3.24 10.11 -15.30
C GLU A 138 1.75 10.35 -15.56
N ALA A 139 1.38 10.41 -16.84
CA ALA A 139 -0.01 10.64 -17.22
C ALA A 139 -0.92 9.59 -16.60
N SER A 140 -0.41 8.37 -16.44
CA SER A 140 -1.19 7.28 -15.88
C SER A 140 -0.98 7.21 -14.36
N VAL A 141 0.22 7.53 -13.92
CA VAL A 141 0.54 7.50 -12.49
C VAL A 141 -0.27 8.55 -11.73
N GLN A 142 -0.42 9.72 -12.33
CA GLN A 142 -1.17 10.81 -11.71
C GLN A 142 -2.58 10.36 -11.34
N ALA A 143 -3.18 9.54 -12.19
CA ALA A 143 -4.52 9.04 -11.95
C ALA A 143 -4.55 8.07 -10.77
N ASP A 144 -3.47 7.31 -10.61
CA ASP A 144 -3.36 6.35 -9.52
C ASP A 144 -3.20 7.06 -8.18
N VAL A 145 -2.46 8.16 -8.18
CA VAL A 145 -2.22 8.93 -6.97
C VAL A 145 -3.50 9.64 -6.52
N SER A 146 -4.26 10.16 -7.47
CA SER A 146 -5.50 10.86 -7.17
C SER A 146 -6.59 9.88 -6.77
N LEU A 147 -6.53 8.68 -7.34
CA LEU A 147 -7.51 7.65 -7.04
C LEU A 147 -7.34 7.11 -5.62
N VAL A 148 -6.11 6.74 -5.29
CA VAL A 148 -5.81 6.22 -3.95
C VAL A 148 -6.05 7.28 -2.88
N THR A 149 -5.68 8.52 -3.19
CA THR A 149 -5.86 9.63 -2.26
C THR A 149 -7.33 9.95 -2.06
N SER A 150 -8.07 9.99 -3.15
CA SER A 150 -9.50 10.30 -3.10
C SER A 150 -10.23 9.28 -2.25
N MET A 151 -9.81 8.02 -2.34
CA MET A 151 -10.44 6.95 -1.57
C MET A 151 -10.15 7.12 -0.08
N THR A 152 -8.96 7.59 0.25
CA THR A 152 -8.56 7.79 1.64
C THR A 152 -9.22 9.04 2.22
N SER A 153 -9.41 10.05 1.37
CA SER A 153 -10.02 11.30 1.80
C SER A 153 -11.31 11.04 2.58
N THR A 154 -12.09 10.08 2.11
CA THR A 154 -13.34 9.73 2.77
C THR A 154 -13.23 8.40 3.50
N PHE A 155 -12.25 8.29 4.39
CA PHE A 155 -12.04 7.07 5.15
C PHE A 155 -12.14 7.33 6.65
N VAL A 156 -13.08 6.66 7.30
CA VAL A 156 -13.30 6.82 8.73
C VAL A 156 -13.40 5.47 9.43
N ILE A 157 -12.52 5.23 10.39
CA ILE A 157 -12.51 3.97 11.14
C ILE A 157 -13.91 3.66 11.69
N SER A 158 -14.24 2.38 11.74
CA SER A 158 -15.54 1.94 12.24
C SER A 158 -16.66 2.47 11.34
N SER A 159 -16.31 2.91 10.15
CA SER A 159 -17.29 3.44 9.20
C SER A 159 -18.15 4.51 9.87
N GLN A 160 -17.52 5.34 10.69
CA GLN A 160 -18.23 6.41 11.39
C GLN A 160 -19.28 5.84 12.33
N THR A 161 -20.14 6.71 12.87
CA THR A 161 -21.18 6.29 13.79
C THR A 161 -20.58 5.68 15.05
N SER A 162 -19.49 6.25 15.52
CA SER A 162 -18.83 5.76 16.73
C SER A 162 -18.49 6.91 17.68
N VAL A 163 -19.35 7.92 17.68
CA VAL A 163 -19.15 9.08 18.55
C VAL A 163 -20.46 9.51 19.22
N GLN A 164 -20.38 9.84 20.50
CA GLN A 164 -21.56 10.26 21.25
C GLN A 164 -21.19 10.61 22.68
N MET A 165 -22.13 11.23 23.39
CA MET A 165 -21.90 11.63 24.78
C MET A 165 -20.76 12.62 24.88
N GLY A 166 -21.08 13.90 24.97
CA GLY A 166 -20.08 14.93 25.07
C GLY A 166 -20.46 16.04 26.04
N GLY A 167 -20.59 15.69 27.32
CA GLY A 167 -20.96 16.68 28.32
C GLY A 167 -22.23 17.43 27.96
N MET A 1 1.33 -12.43 5.03
CA MET A 1 1.04 -13.81 5.39
C MET A 1 -0.31 -13.94 6.09
N HIS A 2 -0.43 -13.28 7.24
CA HIS A 2 -1.68 -13.31 8.00
C HIS A 2 -2.86 -12.90 7.14
N HIS A 3 -4.07 -13.08 7.68
CA HIS A 3 -5.28 -12.73 6.94
C HIS A 3 -6.09 -11.67 7.70
N HIS A 4 -6.75 -12.10 8.77
CA HIS A 4 -7.56 -11.19 9.58
C HIS A 4 -8.15 -11.92 10.78
N HIS A 5 -8.06 -11.31 11.95
CA HIS A 5 -8.59 -11.91 13.18
C HIS A 5 -8.36 -10.98 14.37
N HIS A 6 -9.37 -10.17 14.68
CA HIS A 6 -9.28 -9.24 15.80
C HIS A 6 -10.56 -8.43 15.93
N HIS A 7 -10.85 -7.98 17.15
CA HIS A 7 -12.05 -7.20 17.42
C HIS A 7 -12.01 -5.87 16.67
N SER A 8 -12.97 -5.00 16.97
CA SER A 8 -13.05 -3.71 16.31
C SER A 8 -13.02 -3.85 14.80
N GLY A 9 -12.88 -2.73 14.10
CA GLY A 9 -12.84 -2.76 12.64
C GLY A 9 -11.48 -3.19 12.12
N SER A 10 -10.55 -3.46 13.02
CA SER A 10 -9.21 -3.87 12.63
C SER A 10 -8.61 -2.89 11.63
N LEU A 11 -7.91 -1.88 12.15
CA LEU A 11 -7.29 -0.87 11.31
C LEU A 11 -6.46 -1.52 10.20
N GLY A 12 -5.89 -2.68 10.51
CA GLY A 12 -5.09 -3.38 9.52
C GLY A 12 -5.92 -3.92 8.37
N ASP A 13 -7.12 -4.40 8.68
CA ASP A 13 -8.01 -4.95 7.67
C ASP A 13 -8.57 -3.84 6.78
N GLN A 14 -9.06 -2.78 7.42
CA GLN A 14 -9.64 -1.65 6.70
C GLN A 14 -8.60 -1.04 5.74
N LEU A 15 -7.40 -0.80 6.26
CA LEU A 15 -6.33 -0.21 5.46
C LEU A 15 -6.00 -1.10 4.26
N THR A 16 -5.93 -2.40 4.50
CA THR A 16 -5.62 -3.36 3.44
C THR A 16 -6.76 -3.45 2.43
N SER A 17 -7.99 -3.46 2.94
CA SER A 17 -9.17 -3.55 2.09
C SER A 17 -9.23 -2.37 1.13
N THR A 18 -8.96 -1.18 1.64
CA THR A 18 -8.98 0.03 0.83
C THR A 18 -7.73 0.15 -0.03
N LEU A 19 -6.57 -0.02 0.59
CA LEU A 19 -5.30 0.06 -0.12
C LEU A 19 -5.26 -0.94 -1.27
N ALA A 20 -5.68 -2.17 -1.00
CA ALA A 20 -5.69 -3.21 -2.01
C ALA A 20 -6.76 -2.95 -3.06
N SER A 21 -7.91 -2.45 -2.62
CA SER A 21 -9.02 -2.16 -3.52
C SER A 21 -8.63 -1.07 -4.51
N ALA A 22 -8.00 -0.02 -4.01
CA ALA A 22 -7.57 1.09 -4.85
C ALA A 22 -6.45 0.67 -5.79
N LEU A 23 -5.47 -0.05 -5.25
CA LEU A 23 -4.34 -0.52 -6.04
C LEU A 23 -4.78 -1.55 -7.08
N THR A 24 -5.97 -2.12 -6.87
CA THR A 24 -6.50 -3.11 -7.78
C THR A 24 -7.02 -2.46 -9.05
N LYS A 25 -7.36 -1.17 -8.95
CA LYS A 25 -7.88 -0.43 -10.10
C LYS A 25 -6.86 0.61 -10.57
N THR A 26 -5.61 0.44 -10.13
CA THR A 26 -4.55 1.36 -10.52
C THR A 26 -3.67 0.77 -11.62
N ASN A 27 -3.48 1.54 -12.69
CA ASN A 27 -2.67 1.09 -13.82
C ASN A 27 -1.29 0.64 -13.35
N THR A 28 -0.81 1.27 -12.27
CA THR A 28 0.51 0.94 -11.72
C THR A 28 0.56 -0.51 -11.26
N LEU A 29 -0.61 -1.09 -11.01
CA LEU A 29 -0.70 -2.47 -10.56
C LEU A 29 -1.20 -3.38 -11.68
N LYS A 30 -2.11 -2.85 -12.50
CA LYS A 30 -2.67 -3.61 -13.61
C LYS A 30 -1.65 -3.78 -14.73
N ALA A 31 -0.80 -2.76 -14.91
CA ALA A 31 0.23 -2.79 -15.93
C ALA A 31 1.29 -3.85 -15.63
N VAL A 32 1.76 -3.86 -14.39
CA VAL A 32 2.77 -4.82 -13.96
C VAL A 32 2.20 -6.23 -13.88
N SER A 33 0.97 -6.33 -13.37
CA SER A 33 0.31 -7.61 -13.24
C SER A 33 0.05 -8.24 -14.60
N ALA A 34 -0.52 -7.46 -15.50
CA ALA A 34 -0.82 -7.93 -16.85
C ALA A 34 0.45 -8.19 -17.64
N SER A 35 1.57 -7.70 -17.11
CA SER A 35 2.87 -7.87 -17.78
C SER A 35 3.51 -9.18 -17.36
N LYS A 36 3.14 -9.67 -16.18
CA LYS A 36 3.68 -10.93 -15.67
C LYS A 36 5.21 -10.92 -15.74
N PRO A 37 5.83 -9.97 -15.05
CA PRO A 37 7.30 -9.83 -15.03
C PRO A 37 7.96 -10.96 -14.25
N SER A 38 8.13 -10.76 -12.94
CA SER A 38 8.75 -11.76 -12.09
C SER A 38 8.88 -11.25 -10.65
N ALA A 39 8.89 -12.17 -9.70
CA ALA A 39 9.00 -11.81 -8.29
C ALA A 39 10.34 -11.12 -8.01
N ASN A 40 11.27 -11.25 -8.94
CA ASN A 40 12.59 -10.63 -8.79
C ASN A 40 12.50 -9.13 -8.98
N VAL A 41 11.86 -8.70 -10.05
CA VAL A 41 11.71 -7.27 -10.34
C VAL A 41 10.57 -6.67 -9.52
N ALA A 42 9.54 -7.47 -9.27
CA ALA A 42 8.39 -7.01 -8.50
C ALA A 42 8.82 -6.55 -7.11
N VAL A 43 9.72 -7.29 -6.49
CA VAL A 43 10.21 -6.95 -5.16
C VAL A 43 11.01 -5.65 -5.18
N ALA A 44 11.81 -5.47 -6.23
CA ALA A 44 12.63 -4.28 -6.37
C ALA A 44 11.76 -3.05 -6.67
N ILE A 45 10.70 -3.27 -7.43
CA ILE A 45 9.79 -2.19 -7.80
C ILE A 45 8.98 -1.72 -6.59
N VAL A 46 8.44 -2.69 -5.84
CA VAL A 46 7.65 -2.39 -4.66
C VAL A 46 8.50 -1.76 -3.57
N THR A 47 9.73 -2.23 -3.44
CA THR A 47 10.65 -1.72 -2.43
C THR A 47 10.92 -0.23 -2.64
N SER A 48 11.07 0.17 -3.90
CA SER A 48 11.34 1.56 -4.23
C SER A 48 10.21 2.47 -3.74
N GLY A 49 8.98 2.02 -3.95
CA GLY A 49 7.83 2.81 -3.53
C GLY A 49 7.65 2.79 -2.01
N LEU A 50 8.00 1.66 -1.39
CA LEU A 50 7.87 1.52 0.04
C LEU A 50 8.83 2.46 0.78
N LYS A 51 10.05 2.55 0.28
CA LYS A 51 11.06 3.41 0.89
C LYS A 51 10.67 4.88 0.76
N LYS A 52 10.16 5.25 -0.42
CA LYS A 52 9.73 6.62 -0.67
C LYS A 52 8.51 6.97 0.16
N ALA A 53 7.53 6.07 0.19
CA ALA A 53 6.31 6.29 0.95
C ALA A 53 6.61 6.47 2.43
N LEU A 54 7.40 5.57 2.99
CA LEU A 54 7.77 5.63 4.41
C LEU A 54 8.68 6.83 4.67
N GLY A 55 9.54 7.15 3.71
CA GLY A 55 10.45 8.26 3.87
C GLY A 55 9.73 9.61 3.87
N ALA A 56 8.61 9.67 3.14
CA ALA A 56 7.84 10.91 3.06
C ALA A 56 6.94 11.07 4.29
N LEU A 57 6.72 9.96 4.99
CA LEU A 57 5.88 9.97 6.18
C LEU A 57 6.72 10.05 7.44
N ARG A 58 8.00 10.37 7.28
CA ARG A 58 8.91 10.47 8.41
C ARG A 58 8.88 9.21 9.25
N ILE A 59 8.83 8.06 8.59
CA ILE A 59 8.79 6.77 9.28
C ILE A 59 10.19 6.34 9.70
N ASN A 60 10.31 5.85 10.93
CA ASN A 60 11.59 5.40 11.46
C ASN A 60 12.25 4.41 10.50
N ALA A 61 13.56 4.55 10.33
CA ALA A 61 14.32 3.67 9.46
C ALA A 61 14.23 2.21 9.92
N GLY A 62 14.24 2.02 11.23
CA GLY A 62 14.16 0.68 11.78
C GLY A 62 12.93 -0.06 11.31
N VAL A 63 11.77 0.56 11.47
CA VAL A 63 10.51 -0.06 11.05
C VAL A 63 10.38 -0.09 9.54
N SER A 64 10.88 0.96 8.88
CA SER A 64 10.82 1.05 7.42
C SER A 64 11.71 0.00 6.79
N SER A 65 12.62 -0.56 7.57
CA SER A 65 13.53 -1.59 7.07
C SER A 65 12.87 -2.96 7.06
N GLN A 66 12.18 -3.28 8.15
CA GLN A 66 11.50 -4.57 8.27
C GLN A 66 10.29 -4.63 7.35
N LEU A 67 9.63 -3.48 7.17
CA LEU A 67 8.46 -3.39 6.31
C LEU A 67 8.80 -3.81 4.88
N THR A 68 9.99 -3.45 4.43
CA THR A 68 10.43 -3.79 3.08
C THR A 68 10.71 -5.28 2.95
N SER A 69 11.25 -5.87 4.02
CA SER A 69 11.58 -7.28 4.03
C SER A 69 10.30 -8.13 3.99
N ALA A 70 9.28 -7.67 4.68
CA ALA A 70 8.00 -8.38 4.73
C ALA A 70 7.25 -8.25 3.42
N VAL A 71 7.02 -7.00 2.99
CA VAL A 71 6.31 -6.74 1.73
C VAL A 71 6.96 -7.49 0.58
N SER A 72 8.28 -7.56 0.57
CA SER A 72 9.02 -8.25 -0.48
C SER A 72 8.74 -9.74 -0.44
N GLN A 73 8.60 -10.29 0.76
CA GLN A 73 8.34 -11.71 0.92
C GLN A 73 6.98 -12.08 0.35
N ALA A 74 5.96 -11.31 0.73
CA ALA A 74 4.60 -11.57 0.26
C ALA A 74 4.51 -11.38 -1.26
N VAL A 75 5.16 -10.34 -1.76
CA VAL A 75 5.14 -10.06 -3.19
C VAL A 75 5.96 -11.09 -3.96
N ALA A 76 6.98 -11.65 -3.32
CA ALA A 76 7.83 -12.65 -3.93
C ALA A 76 7.24 -14.04 -3.79
N ASN A 77 6.07 -14.12 -3.18
CA ASN A 77 5.38 -15.40 -2.99
C ASN A 77 4.20 -15.54 -3.94
N VAL A 78 3.64 -14.41 -4.34
CA VAL A 78 2.51 -14.41 -5.26
C VAL A 78 2.91 -14.91 -6.64
N ARG A 79 4.19 -14.75 -6.97
CA ARG A 79 4.72 -15.19 -8.26
C ARG A 79 4.03 -14.43 -9.41
N PRO A 80 4.69 -14.44 -10.58
CA PRO A 80 4.16 -13.76 -11.77
C PRO A 80 2.93 -14.45 -12.34
N GLY A 81 2.17 -13.71 -13.14
CA GLY A 81 0.96 -14.27 -13.74
C GLY A 81 -0.24 -14.18 -12.82
N SER A 82 -0.14 -13.33 -11.80
CA SER A 82 -1.22 -13.15 -10.85
C SER A 82 -1.84 -11.76 -10.98
N SER A 83 -3.16 -11.70 -10.86
CA SER A 83 -3.88 -10.44 -10.97
C SER A 83 -3.28 -9.38 -10.03
N PRO A 84 -3.59 -8.11 -10.30
CA PRO A 84 -3.09 -6.99 -9.50
C PRO A 84 -3.74 -6.95 -8.12
N ALA A 85 -4.74 -7.80 -7.91
CA ALA A 85 -5.43 -7.85 -6.62
C ALA A 85 -4.56 -8.51 -5.56
N VAL A 86 -3.88 -9.59 -5.93
CA VAL A 86 -3.01 -10.31 -5.01
C VAL A 86 -1.75 -9.52 -4.73
N TYR A 87 -1.21 -8.87 -5.76
CA TYR A 87 0.01 -8.08 -5.62
C TYR A 87 -0.22 -6.90 -4.67
N ALA A 88 -1.32 -6.20 -4.86
CA ALA A 88 -1.65 -5.04 -4.02
C ALA A 88 -1.88 -5.47 -2.58
N LYS A 89 -2.45 -6.65 -2.40
CA LYS A 89 -2.73 -7.18 -1.06
C LYS A 89 -1.44 -7.66 -0.40
N ALA A 90 -0.54 -8.22 -1.19
CA ALA A 90 0.73 -8.71 -0.67
C ALA A 90 1.66 -7.57 -0.30
N ILE A 91 1.23 -6.34 -0.60
CA ILE A 91 2.02 -5.15 -0.30
C ILE A 91 1.37 -4.33 0.81
N ALA A 92 0.06 -4.49 0.97
CA ALA A 92 -0.68 -3.77 1.99
C ALA A 92 -0.76 -4.57 3.28
N ALA A 93 -0.94 -5.88 3.15
CA ALA A 93 -1.03 -6.76 4.31
C ALA A 93 0.19 -6.61 5.21
N PRO A 94 1.37 -6.87 4.65
CA PRO A 94 2.64 -6.77 5.38
C PRO A 94 3.01 -5.33 5.71
N SER A 95 2.33 -4.39 5.06
CA SER A 95 2.59 -2.97 5.28
C SER A 95 1.81 -2.46 6.49
N VAL A 96 0.54 -2.83 6.57
CA VAL A 96 -0.31 -2.40 7.67
C VAL A 96 0.10 -3.08 8.97
N GLN A 97 0.47 -4.35 8.88
CA GLN A 97 0.89 -5.11 10.05
C GLN A 97 2.14 -4.50 10.68
N ILE A 98 3.02 -3.97 9.84
CA ILE A 98 4.25 -3.36 10.32
C ILE A 98 4.00 -1.94 10.82
N LEU A 99 3.17 -1.21 10.09
CA LEU A 99 2.85 0.17 10.46
C LEU A 99 2.09 0.22 11.79
N VAL A 100 1.14 -0.69 11.95
CA VAL A 100 0.35 -0.77 13.17
C VAL A 100 1.19 -1.22 14.36
N SER A 101 2.17 -2.07 14.07
CA SER A 101 3.06 -2.58 15.11
C SER A 101 4.07 -1.53 15.54
N SER A 102 4.16 -0.45 14.76
CA SER A 102 5.10 0.63 15.07
C SER A 102 4.33 1.92 15.36
N GLY A 103 3.02 1.86 15.24
CA GLY A 103 2.20 3.04 15.50
C GLY A 103 2.18 4.01 14.33
N SER A 104 2.88 3.65 13.26
CA SER A 104 2.94 4.49 12.07
C SER A 104 1.55 4.82 11.56
N VAL A 105 0.59 3.97 11.90
CA VAL A 105 -0.80 4.17 11.47
C VAL A 105 -1.76 3.99 12.63
N ASN A 106 -2.57 5.01 12.88
CA ASN A 106 -3.54 4.98 13.97
C ASN A 106 -4.94 5.29 13.45
N ASN A 107 -5.90 5.37 14.37
CA ASN A 107 -7.29 5.67 14.02
C ASN A 107 -7.51 7.17 13.93
N ASN A 108 -6.77 7.83 13.03
CA ASN A 108 -6.88 9.27 12.85
C ASN A 108 -6.02 9.73 11.68
N ASN A 109 -4.87 9.07 11.49
CA ASN A 109 -3.96 9.42 10.41
C ASN A 109 -3.92 8.32 9.35
N ALA A 110 -4.59 7.21 9.64
CA ALA A 110 -4.64 6.09 8.71
C ALA A 110 -5.04 6.54 7.31
N LYS A 111 -5.97 7.50 7.25
CA LYS A 111 -6.44 8.01 5.98
C LYS A 111 -5.36 8.86 5.30
N GLN A 112 -4.61 9.60 6.11
CA GLN A 112 -3.55 10.46 5.59
C GLN A 112 -2.36 9.62 5.12
N VAL A 113 -1.92 8.70 5.98
CA VAL A 113 -0.79 7.84 5.65
C VAL A 113 -1.12 6.93 4.47
N ALA A 114 -2.36 6.46 4.41
CA ALA A 114 -2.79 5.59 3.33
C ALA A 114 -2.77 6.31 2.00
N SER A 115 -3.12 7.59 2.02
CA SER A 115 -3.14 8.40 0.80
C SER A 115 -1.72 8.69 0.32
N THR A 116 -0.85 9.06 1.24
CA THR A 116 0.53 9.36 0.91
C THR A 116 1.31 8.10 0.56
N LEU A 117 0.98 7.00 1.24
CA LEU A 117 1.65 5.73 1.01
C LEU A 117 1.48 5.29 -0.44
N SER A 118 0.23 5.09 -0.86
CA SER A 118 -0.06 4.67 -2.23
C SER A 118 0.41 5.72 -3.23
N GLU A 119 0.35 6.98 -2.82
CA GLU A 119 0.76 8.08 -3.69
C GLU A 119 2.24 7.96 -4.04
N ASN A 120 3.09 7.92 -3.02
CA ASN A 120 4.53 7.82 -3.21
C ASN A 120 4.90 6.42 -3.72
N LEU A 121 4.21 5.41 -3.21
CA LEU A 121 4.47 4.03 -3.62
C LEU A 121 4.18 3.83 -5.10
N VAL A 122 3.03 4.34 -5.54
CA VAL A 122 2.63 4.21 -6.94
C VAL A 122 3.58 5.00 -7.85
N ARG A 123 3.90 6.22 -7.44
CA ARG A 123 4.80 7.07 -8.22
C ARG A 123 6.14 6.38 -8.45
N GLU A 124 6.73 5.88 -7.36
CA GLU A 124 8.01 5.20 -7.43
C GLU A 124 7.88 3.86 -8.16
N MET A 125 6.84 3.12 -7.83
CA MET A 125 6.60 1.81 -8.44
C MET A 125 6.58 1.93 -9.97
N ALA A 126 5.89 2.95 -10.46
CA ALA A 126 5.77 3.17 -11.90
C ALA A 126 7.11 3.60 -12.49
N ASN A 127 7.88 4.36 -11.71
CA ASN A 127 9.19 4.83 -12.15
C ASN A 127 10.18 3.68 -12.28
N THR A 128 9.97 2.64 -11.48
CA THR A 128 10.84 1.47 -11.51
C THR A 128 10.31 0.41 -12.48
N ALA A 129 8.98 0.28 -12.53
CA ALA A 129 8.35 -0.70 -13.41
C ALA A 129 8.68 -0.41 -14.87
N ARG A 130 8.72 0.87 -15.23
CA ARG A 130 9.02 1.28 -16.59
C ARG A 130 10.36 0.72 -17.04
N ARG A 131 11.29 0.56 -16.10
CA ARG A 131 12.61 0.03 -16.40
C ARG A 131 12.56 -1.48 -16.55
N TYR A 132 11.43 -2.08 -16.19
CA TYR A 132 11.27 -3.52 -16.26
C TYR A 132 10.30 -3.90 -17.38
N ARG A 133 10.29 -3.09 -18.44
CA ARG A 133 9.41 -3.34 -19.58
C ARG A 133 7.97 -2.92 -19.25
N VAL A 134 7.78 -2.37 -18.06
CA VAL A 134 6.45 -1.94 -17.62
C VAL A 134 6.32 -0.43 -17.71
N ASN A 135 6.60 0.12 -18.89
CA ASN A 135 6.52 1.56 -19.11
C ASN A 135 5.17 2.10 -18.63
N VAL A 136 5.19 3.23 -17.94
CA VAL A 136 3.97 3.85 -17.43
C VAL A 136 4.00 5.36 -17.61
N PRO A 137 3.03 5.89 -18.37
CA PRO A 137 2.94 7.33 -18.62
C PRO A 137 2.52 8.12 -17.38
N GLU A 138 3.19 9.24 -17.15
CA GLU A 138 2.90 10.08 -15.99
C GLU A 138 1.41 10.45 -15.95
N ALA A 139 0.79 10.48 -17.12
CA ALA A 139 -0.64 10.81 -17.21
C ALA A 139 -1.49 9.75 -16.53
N SER A 140 -1.01 8.52 -16.52
CA SER A 140 -1.73 7.41 -15.90
C SER A 140 -1.41 7.32 -14.41
N VAL A 141 -0.14 7.48 -14.08
CA VAL A 141 0.31 7.42 -12.68
C VAL A 141 -0.40 8.48 -11.84
N GLN A 142 -0.46 9.70 -12.37
CA GLN A 142 -1.10 10.80 -11.65
C GLN A 142 -2.54 10.46 -11.30
N ALA A 143 -3.22 9.77 -12.21
CA ALA A 143 -4.61 9.38 -11.99
C ALA A 143 -4.71 8.36 -10.87
N ASP A 144 -3.71 7.49 -10.77
CA ASP A 144 -3.69 6.46 -9.73
C ASP A 144 -3.50 7.08 -8.35
N VAL A 145 -2.68 8.12 -8.29
CA VAL A 145 -2.42 8.80 -7.02
C VAL A 145 -3.65 9.56 -6.54
N SER A 146 -4.34 10.20 -7.46
CA SER A 146 -5.54 10.97 -7.14
C SER A 146 -6.68 10.04 -6.72
N LEU A 147 -6.69 8.84 -7.30
CA LEU A 147 -7.73 7.86 -6.99
C LEU A 147 -7.56 7.31 -5.58
N VAL A 148 -6.34 6.88 -5.27
CA VAL A 148 -6.04 6.32 -3.95
C VAL A 148 -6.19 7.38 -2.86
N THR A 149 -5.78 8.61 -3.18
CA THR A 149 -5.87 9.71 -2.22
C THR A 149 -7.33 10.12 -2.00
N SER A 150 -8.08 10.24 -3.08
CA SER A 150 -9.48 10.63 -3.00
C SER A 150 -10.28 9.61 -2.20
N MET A 151 -9.93 8.34 -2.35
CA MET A 151 -10.61 7.26 -1.64
C MET A 151 -10.32 7.34 -0.14
N THR A 152 -9.04 7.41 0.20
CA THR A 152 -8.62 7.49 1.59
C THR A 152 -9.10 8.78 2.24
N SER A 153 -9.23 9.83 1.44
CA SER A 153 -9.68 11.12 1.94
C SER A 153 -10.95 10.98 2.78
N THR A 154 -11.83 10.06 2.36
CA THR A 154 -13.07 9.83 3.07
C THR A 154 -13.06 8.47 3.77
N PHE A 155 -12.01 8.21 4.54
CA PHE A 155 -11.88 6.96 5.26
C PHE A 155 -11.87 7.19 6.77
N VAL A 156 -12.85 6.61 7.46
CA VAL A 156 -12.96 6.75 8.90
C VAL A 156 -13.15 5.40 9.57
N ILE A 157 -12.27 5.08 10.52
CA ILE A 157 -12.35 3.81 11.24
C ILE A 157 -13.70 3.65 11.92
N SER A 158 -14.22 2.42 11.91
CA SER A 158 -15.51 2.13 12.53
C SER A 158 -15.86 0.65 12.37
N SER A 159 -16.26 0.28 11.15
CA SER A 159 -16.64 -1.10 10.88
C SER A 159 -17.67 -1.62 11.89
N GLN A 160 -18.50 -0.71 12.36
CA GLN A 160 -19.53 -1.06 13.34
C GLN A 160 -20.38 0.15 13.70
N THR A 161 -19.78 1.10 14.41
CA THR A 161 -20.47 2.31 14.82
C THR A 161 -19.49 3.42 15.20
N SER A 162 -19.80 4.64 14.79
CA SER A 162 -18.95 5.79 15.08
C SER A 162 -19.56 7.08 14.56
N VAL A 163 -19.33 8.18 15.26
CA VAL A 163 -19.86 9.47 14.87
C VAL A 163 -18.78 10.54 14.90
N GLN A 164 -19.16 11.78 14.61
CA GLN A 164 -18.22 12.89 14.60
C GLN A 164 -18.12 13.53 15.98
N MET A 165 -19.20 14.16 16.42
CA MET A 165 -19.24 14.80 17.72
C MET A 165 -20.67 15.09 18.15
N GLY A 166 -21.02 14.62 19.35
CA GLY A 166 -22.37 14.83 19.86
C GLY A 166 -22.40 15.78 21.04
N GLY A 167 -21.39 16.65 21.13
CA GLY A 167 -21.33 17.60 22.22
C GLY A 167 -19.91 17.83 22.71
N MET A 1 1.74 -18.18 11.17
CA MET A 1 0.95 -18.31 12.39
C MET A 1 0.34 -16.96 12.78
N HIS A 2 -0.87 -16.71 12.30
CA HIS A 2 -1.57 -15.46 12.60
C HIS A 2 -2.98 -15.48 12.04
N HIS A 3 -3.97 -15.24 12.91
CA HIS A 3 -5.37 -15.23 12.50
C HIS A 3 -6.27 -14.90 13.68
N HIS A 4 -5.94 -15.46 14.84
CA HIS A 4 -6.73 -15.22 16.05
C HIS A 4 -6.70 -13.74 16.43
N HIS A 5 -7.20 -13.43 17.62
CA HIS A 5 -7.23 -12.05 18.12
C HIS A 5 -8.11 -11.18 17.22
N HIS A 6 -9.37 -11.05 17.58
CA HIS A 6 -10.32 -10.24 16.81
C HIS A 6 -10.26 -8.79 17.25
N HIS A 7 -11.10 -7.96 16.63
CA HIS A 7 -11.15 -6.54 16.96
C HIS A 7 -12.29 -5.84 16.23
N SER A 8 -12.36 -4.52 16.35
CA SER A 8 -13.41 -3.75 15.70
C SER A 8 -13.12 -3.57 14.21
N GLY A 9 -13.10 -4.68 13.48
CA GLY A 9 -12.84 -4.63 12.06
C GLY A 9 -11.36 -4.73 11.74
N SER A 10 -10.53 -4.60 12.76
CA SER A 10 -9.08 -4.68 12.58
C SER A 10 -8.59 -3.53 11.71
N LEU A 11 -7.92 -2.56 12.33
CA LEU A 11 -7.40 -1.41 11.61
C LEU A 11 -6.56 -1.85 10.40
N GLY A 12 -5.74 -2.87 10.62
CA GLY A 12 -4.90 -3.38 9.54
C GLY A 12 -5.71 -3.93 8.38
N ASP A 13 -6.87 -4.51 8.69
CA ASP A 13 -7.73 -5.07 7.67
C ASP A 13 -8.37 -3.98 6.82
N GLN A 14 -8.90 -2.96 7.50
CA GLN A 14 -9.54 -1.84 6.80
C GLN A 14 -8.57 -1.16 5.85
N LEU A 15 -7.36 -0.89 6.34
CA LEU A 15 -6.33 -0.24 5.53
C LEU A 15 -6.00 -1.08 4.31
N THR A 16 -5.86 -2.39 4.52
CA THR A 16 -5.53 -3.30 3.42
C THR A 16 -6.69 -3.42 2.44
N SER A 17 -7.91 -3.46 2.95
CA SER A 17 -9.09 -3.56 2.12
C SER A 17 -9.19 -2.39 1.15
N THR A 18 -8.95 -1.19 1.66
CA THR A 18 -9.00 0.02 0.84
C THR A 18 -7.74 0.17 0.00
N LEU A 19 -6.59 0.02 0.63
CA LEU A 19 -5.31 0.14 -0.06
C LEU A 19 -5.23 -0.84 -1.23
N ALA A 20 -5.61 -2.09 -0.97
CA ALA A 20 -5.59 -3.12 -1.99
C ALA A 20 -6.67 -2.87 -3.06
N SER A 21 -7.84 -2.44 -2.60
CA SER A 21 -8.96 -2.17 -3.50
C SER A 21 -8.58 -1.08 -4.51
N ALA A 22 -7.98 -0.01 -4.02
CA ALA A 22 -7.56 1.10 -4.86
C ALA A 22 -6.43 0.69 -5.80
N LEU A 23 -5.46 -0.04 -5.26
CA LEU A 23 -4.32 -0.50 -6.04
C LEU A 23 -4.75 -1.52 -7.09
N THR A 24 -5.92 -2.13 -6.87
CA THR A 24 -6.44 -3.13 -7.79
C THR A 24 -6.96 -2.48 -9.06
N LYS A 25 -7.25 -1.19 -8.98
CA LYS A 25 -7.76 -0.44 -10.13
C LYS A 25 -6.74 0.60 -10.59
N THR A 26 -5.50 0.44 -10.15
CA THR A 26 -4.43 1.37 -10.51
C THR A 26 -3.53 0.78 -11.59
N ASN A 27 -3.30 1.56 -12.65
CA ASN A 27 -2.45 1.11 -13.75
C ASN A 27 -1.10 0.62 -13.24
N THR A 28 -0.62 1.24 -12.16
CA THR A 28 0.67 0.88 -11.57
C THR A 28 0.67 -0.58 -11.13
N LEU A 29 -0.52 -1.14 -10.95
CA LEU A 29 -0.66 -2.53 -10.53
C LEU A 29 -1.19 -3.40 -11.66
N LYS A 30 -2.11 -2.85 -12.44
CA LYS A 30 -2.70 -3.57 -13.56
C LYS A 30 -1.69 -3.76 -14.68
N ALA A 31 -0.81 -2.77 -14.84
CA ALA A 31 0.22 -2.83 -15.88
C ALA A 31 1.29 -3.85 -15.53
N VAL A 32 1.77 -3.80 -14.29
CA VAL A 32 2.80 -4.73 -13.83
C VAL A 32 2.24 -6.14 -13.71
N SER A 33 1.01 -6.25 -13.21
CA SER A 33 0.38 -7.55 -13.04
C SER A 33 0.16 -8.24 -14.39
N ALA A 34 -0.40 -7.49 -15.34
CA ALA A 34 -0.67 -8.02 -16.67
C ALA A 34 0.63 -8.31 -17.41
N SER A 35 1.67 -7.54 -17.10
CA SER A 35 2.97 -7.72 -17.74
C SER A 35 3.58 -9.06 -17.35
N LYS A 36 3.20 -9.58 -16.19
CA LYS A 36 3.71 -10.85 -15.72
C LYS A 36 5.23 -10.87 -15.73
N PRO A 37 5.85 -9.94 -14.97
CA PRO A 37 7.30 -9.83 -14.88
C PRO A 37 7.93 -11.01 -14.14
N SER A 38 8.09 -10.85 -12.82
CA SER A 38 8.67 -11.89 -11.99
C SER A 38 8.87 -11.40 -10.56
N ALA A 39 9.00 -12.34 -9.63
CA ALA A 39 9.18 -12.01 -8.23
C ALA A 39 10.50 -11.26 -8.03
N ASN A 40 11.43 -11.43 -8.95
CA ASN A 40 12.72 -10.76 -8.87
C ASN A 40 12.59 -9.26 -9.11
N VAL A 41 11.89 -8.91 -10.19
CA VAL A 41 11.67 -7.51 -10.54
C VAL A 41 10.55 -6.90 -9.71
N ALA A 42 9.52 -7.70 -9.44
CA ALA A 42 8.38 -7.24 -8.66
C ALA A 42 8.84 -6.70 -7.30
N VAL A 43 9.77 -7.40 -6.68
CA VAL A 43 10.29 -6.99 -5.38
C VAL A 43 11.05 -5.66 -5.48
N ALA A 44 11.79 -5.50 -6.57
CA ALA A 44 12.56 -4.28 -6.79
C ALA A 44 11.64 -3.09 -7.05
N ILE A 45 10.54 -3.35 -7.74
CA ILE A 45 9.58 -2.29 -8.06
C ILE A 45 8.82 -1.85 -6.82
N VAL A 46 8.40 -2.81 -6.02
CA VAL A 46 7.66 -2.52 -4.79
C VAL A 46 8.56 -1.86 -3.75
N THR A 47 9.82 -2.30 -3.69
CA THR A 47 10.78 -1.75 -2.75
C THR A 47 10.99 -0.25 -2.98
N SER A 48 11.04 0.14 -4.25
CA SER A 48 11.23 1.54 -4.59
C SER A 48 10.13 2.42 -3.99
N GLY A 49 8.89 1.95 -4.10
CA GLY A 49 7.78 2.71 -3.55
C GLY A 49 7.73 2.65 -2.04
N LEU A 50 8.10 1.52 -1.48
CA LEU A 50 8.09 1.34 -0.03
C LEU A 50 9.06 2.32 0.64
N LYS A 51 10.24 2.47 0.06
CA LYS A 51 11.25 3.38 0.59
C LYS A 51 10.78 4.83 0.50
N LYS A 52 10.16 5.17 -0.63
CA LYS A 52 9.66 6.52 -0.85
C LYS A 52 8.49 6.83 0.09
N ALA A 53 7.57 5.88 0.19
CA ALA A 53 6.40 6.05 1.05
C ALA A 53 6.82 6.26 2.50
N LEU A 54 7.69 5.39 2.99
CA LEU A 54 8.17 5.48 4.37
C LEU A 54 9.03 6.73 4.56
N GLY A 55 9.80 7.08 3.54
CA GLY A 55 10.65 8.25 3.62
C GLY A 55 9.86 9.54 3.62
N ALA A 56 8.74 9.55 2.92
CA ALA A 56 7.89 10.74 2.83
C ALA A 56 7.01 10.86 4.07
N LEU A 57 6.83 9.76 4.78
CA LEU A 57 6.01 9.75 5.99
C LEU A 57 6.88 9.85 7.24
N ARG A 58 8.14 10.23 7.04
CA ARG A 58 9.07 10.36 8.16
C ARG A 58 9.08 9.10 9.03
N ILE A 59 8.83 7.95 8.39
CA ILE A 59 8.81 6.68 9.10
C ILE A 59 10.22 6.27 9.52
N ASN A 60 10.34 5.81 10.77
CA ASN A 60 11.63 5.38 11.29
C ASN A 60 12.29 4.38 10.34
N ALA A 61 13.60 4.54 10.15
CA ALA A 61 14.36 3.66 9.27
C ALA A 61 14.28 2.21 9.77
N GLY A 62 14.31 2.04 11.08
CA GLY A 62 14.25 0.70 11.65
C GLY A 62 13.01 -0.06 11.22
N VAL A 63 11.85 0.56 11.38
CA VAL A 63 10.59 -0.06 11.00
C VAL A 63 10.44 -0.12 9.48
N SER A 64 10.95 0.90 8.80
CA SER A 64 10.87 0.97 7.34
C SER A 64 11.73 -0.11 6.70
N SER A 65 12.69 -0.63 7.47
CA SER A 65 13.59 -1.67 6.97
C SER A 65 12.90 -3.04 6.99
N GLN A 66 12.22 -3.32 8.10
CA GLN A 66 11.52 -4.60 8.25
C GLN A 66 10.31 -4.67 7.31
N LEU A 67 9.66 -3.53 7.11
CA LEU A 67 8.50 -3.46 6.24
C LEU A 67 8.85 -3.89 4.82
N THR A 68 10.05 -3.54 4.38
CA THR A 68 10.51 -3.89 3.04
C THR A 68 10.78 -5.38 2.93
N SER A 69 11.41 -5.95 3.96
CA SER A 69 11.73 -7.37 3.97
C SER A 69 10.46 -8.21 3.92
N ALA A 70 9.43 -7.76 4.62
CA ALA A 70 8.15 -8.46 4.66
C ALA A 70 7.39 -8.30 3.35
N VAL A 71 7.14 -7.06 2.97
CA VAL A 71 6.43 -6.77 1.73
C VAL A 71 7.04 -7.51 0.55
N SER A 72 8.37 -7.58 0.53
CA SER A 72 9.08 -8.26 -0.55
C SER A 72 8.82 -9.77 -0.50
N GLN A 73 8.72 -10.31 0.71
CA GLN A 73 8.48 -11.74 0.89
C GLN A 73 7.12 -12.12 0.35
N ALA A 74 6.09 -11.37 0.74
CA ALA A 74 4.73 -11.63 0.29
C ALA A 74 4.60 -11.46 -1.22
N VAL A 75 5.22 -10.41 -1.74
CA VAL A 75 5.17 -10.14 -3.17
C VAL A 75 6.00 -11.16 -3.96
N ALA A 76 7.02 -11.71 -3.30
CA ALA A 76 7.89 -12.70 -3.93
C ALA A 76 7.30 -14.10 -3.78
N ASN A 77 6.14 -14.20 -3.15
CA ASN A 77 5.48 -15.48 -2.96
C ASN A 77 4.28 -15.64 -3.90
N VAL A 78 3.70 -14.51 -4.29
CA VAL A 78 2.55 -14.51 -5.19
C VAL A 78 2.94 -15.02 -6.57
N ARG A 79 4.22 -14.91 -6.90
CA ARG A 79 4.73 -15.36 -8.19
C ARG A 79 4.09 -14.56 -9.32
N PRO A 80 4.77 -14.54 -10.48
CA PRO A 80 4.30 -13.82 -11.67
C PRO A 80 3.06 -14.46 -12.28
N GLY A 81 2.30 -13.67 -13.03
CA GLY A 81 1.09 -14.18 -13.66
C GLY A 81 -0.12 -14.10 -12.75
N SER A 82 -0.04 -13.25 -11.74
CA SER A 82 -1.13 -13.09 -10.79
C SER A 82 -1.76 -11.70 -10.92
N SER A 83 -3.09 -11.65 -10.78
CA SER A 83 -3.81 -10.39 -10.88
C SER A 83 -3.21 -9.34 -9.94
N PRO A 84 -3.52 -8.06 -10.21
CA PRO A 84 -3.03 -6.94 -9.40
C PRO A 84 -3.67 -6.91 -8.01
N ALA A 85 -4.67 -7.75 -7.80
CA ALA A 85 -5.36 -7.82 -6.52
C ALA A 85 -4.50 -8.49 -5.46
N VAL A 86 -3.81 -9.56 -5.85
CA VAL A 86 -2.94 -10.29 -4.93
C VAL A 86 -1.67 -9.50 -4.64
N TYR A 87 -1.14 -8.85 -5.67
CA TYR A 87 0.08 -8.06 -5.52
C TYR A 87 -0.14 -6.88 -4.57
N ALA A 88 -1.24 -6.17 -4.78
CA ALA A 88 -1.57 -5.01 -3.95
C ALA A 88 -1.79 -5.44 -2.50
N LYS A 89 -2.37 -6.62 -2.32
CA LYS A 89 -2.63 -7.15 -0.98
C LYS A 89 -1.36 -7.63 -0.31
N ALA A 90 -0.47 -8.22 -1.11
CA ALA A 90 0.80 -8.71 -0.58
C ALA A 90 1.73 -7.57 -0.21
N ILE A 91 1.34 -6.34 -0.56
CA ILE A 91 2.13 -5.16 -0.24
C ILE A 91 1.48 -4.33 0.86
N ALA A 92 0.17 -4.49 1.01
CA ALA A 92 -0.58 -3.76 2.03
C ALA A 92 -0.66 -4.57 3.32
N ALA A 93 -0.82 -5.87 3.20
CA ALA A 93 -0.92 -6.75 4.36
C ALA A 93 0.28 -6.58 5.28
N PRO A 94 1.48 -6.83 4.74
CA PRO A 94 2.73 -6.70 5.50
C PRO A 94 3.06 -5.25 5.82
N SER A 95 2.37 -4.32 5.17
CA SER A 95 2.60 -2.90 5.40
C SER A 95 1.78 -2.39 6.58
N VAL A 96 0.51 -2.79 6.62
CA VAL A 96 -0.38 -2.38 7.71
C VAL A 96 0.01 -3.05 9.02
N GLN A 97 0.40 -4.32 8.94
CA GLN A 97 0.80 -5.07 10.13
C GLN A 97 2.00 -4.41 10.81
N ILE A 98 2.91 -3.89 10.00
CA ILE A 98 4.11 -3.23 10.52
C ILE A 98 3.82 -1.78 10.90
N LEU A 99 3.02 -1.11 10.07
CA LEU A 99 2.67 0.29 10.30
C LEU A 99 1.84 0.42 11.57
N VAL A 100 0.95 -0.53 11.80
CA VAL A 100 0.10 -0.51 12.99
C VAL A 100 0.88 -0.89 14.23
N SER A 101 1.84 -1.79 14.07
CA SER A 101 2.67 -2.25 15.18
C SER A 101 3.69 -1.19 15.56
N SER A 102 3.87 -0.21 14.69
CA SER A 102 4.82 0.87 14.94
C SER A 102 4.11 2.18 15.23
N GLY A 103 2.79 2.16 15.13
CA GLY A 103 2.00 3.36 15.38
C GLY A 103 1.92 4.27 14.18
N SER A 104 2.61 3.90 13.11
CA SER A 104 2.61 4.69 11.88
C SER A 104 1.19 4.90 11.36
N VAL A 105 0.29 4.00 11.76
CA VAL A 105 -1.10 4.09 11.34
C VAL A 105 -2.06 3.90 12.53
N ASN A 106 -2.91 4.89 12.75
CA ASN A 106 -3.86 4.84 13.86
C ASN A 106 -5.26 5.19 13.37
N ASN A 107 -6.20 5.30 14.32
CA ASN A 107 -7.58 5.64 14.00
C ASN A 107 -7.77 7.16 13.97
N ASN A 108 -7.10 7.82 13.02
CA ASN A 108 -7.21 9.26 12.88
C ASN A 108 -6.35 9.76 11.72
N ASN A 109 -5.22 9.08 11.49
CA ASN A 109 -4.32 9.46 10.41
C ASN A 109 -4.26 8.36 9.34
N ALA A 110 -4.99 7.28 9.59
CA ALA A 110 -5.02 6.16 8.65
C ALA A 110 -5.34 6.64 7.24
N LYS A 111 -6.24 7.61 7.13
CA LYS A 111 -6.62 8.16 5.84
C LYS A 111 -5.50 8.98 5.23
N GLN A 112 -4.77 9.70 6.09
CA GLN A 112 -3.66 10.53 5.63
C GLN A 112 -2.47 9.66 5.20
N VAL A 113 -2.11 8.71 6.05
CA VAL A 113 -0.99 7.82 5.76
C VAL A 113 -1.30 6.93 4.56
N ALA A 114 -2.55 6.48 4.46
CA ALA A 114 -2.97 5.64 3.35
C ALA A 114 -2.90 6.39 2.03
N SER A 115 -3.22 7.67 2.06
CA SER A 115 -3.19 8.50 0.85
C SER A 115 -1.76 8.75 0.39
N THR A 116 -0.89 9.07 1.35
CA THR A 116 0.51 9.34 1.05
C THR A 116 1.25 8.06 0.71
N LEU A 117 0.90 6.97 1.38
CA LEU A 117 1.52 5.68 1.14
C LEU A 117 1.39 5.27 -0.32
N SER A 118 0.15 5.12 -0.78
CA SER A 118 -0.10 4.72 -2.16
C SER A 118 0.39 5.78 -3.13
N GLU A 119 0.34 7.05 -2.70
CA GLU A 119 0.78 8.15 -3.53
C GLU A 119 2.26 8.04 -3.86
N ASN A 120 3.08 7.90 -2.82
CA ASN A 120 4.52 7.78 -2.98
C ASN A 120 4.89 6.39 -3.51
N LEU A 121 4.16 5.38 -3.05
CA LEU A 121 4.42 4.00 -3.47
C LEU A 121 4.15 3.83 -4.96
N VAL A 122 3.02 4.37 -5.42
CA VAL A 122 2.65 4.28 -6.82
C VAL A 122 3.59 5.10 -7.69
N ARG A 123 3.97 6.28 -7.20
CA ARG A 123 4.87 7.16 -7.94
C ARG A 123 6.20 6.46 -8.23
N GLU A 124 6.78 5.85 -7.20
CA GLU A 124 8.05 5.16 -7.34
C GLU A 124 7.85 3.83 -8.07
N MET A 125 6.79 3.11 -7.72
CA MET A 125 6.49 1.83 -8.33
C MET A 125 6.44 1.95 -9.86
N ALA A 126 5.76 2.99 -10.34
CA ALA A 126 5.64 3.21 -11.78
C ALA A 126 6.99 3.63 -12.37
N ASN A 127 7.72 4.45 -11.64
CA ASN A 127 9.03 4.93 -12.10
C ASN A 127 10.00 3.77 -12.30
N THR A 128 9.79 2.71 -11.52
CA THR A 128 10.65 1.53 -11.60
C THR A 128 10.08 0.51 -12.58
N ALA A 129 8.78 0.26 -12.48
CA ALA A 129 8.10 -0.69 -13.36
C ALA A 129 8.32 -0.33 -14.82
N ARG A 130 8.24 0.95 -15.14
CA ARG A 130 8.42 1.41 -16.51
C ARG A 130 9.77 0.95 -17.06
N ARG A 131 10.75 0.82 -16.18
CA ARG A 131 12.09 0.40 -16.58
C ARG A 131 12.12 -1.11 -16.82
N TYR A 132 11.11 -1.81 -16.32
CA TYR A 132 11.02 -3.26 -16.48
C TYR A 132 10.12 -3.63 -17.65
N ARG A 133 9.97 -2.70 -18.58
CA ARG A 133 9.14 -2.93 -19.76
C ARG A 133 7.66 -2.97 -19.38
N VAL A 134 7.29 -2.14 -18.41
CA VAL A 134 5.90 -2.09 -17.95
C VAL A 134 5.18 -0.87 -18.52
N ASN A 135 5.95 0.17 -18.84
CA ASN A 135 5.38 1.39 -19.41
C ASN A 135 4.38 2.02 -18.44
N VAL A 136 4.82 3.05 -17.73
CA VAL A 136 3.96 3.75 -16.78
C VAL A 136 4.29 5.23 -16.72
N PRO A 137 3.77 6.00 -17.69
CA PRO A 137 4.00 7.44 -17.77
C PRO A 137 3.28 8.21 -16.65
N GLU A 138 3.85 9.34 -16.25
CA GLU A 138 3.28 10.16 -15.20
C GLU A 138 1.80 10.45 -15.48
N ALA A 139 1.46 10.51 -16.76
CA ALA A 139 0.08 10.79 -17.17
C ALA A 139 -0.88 9.76 -16.59
N SER A 140 -0.40 8.53 -16.43
CA SER A 140 -1.21 7.45 -15.90
C SER A 140 -1.07 7.36 -14.38
N VAL A 141 0.16 7.49 -13.90
CA VAL A 141 0.45 7.43 -12.47
C VAL A 141 -0.32 8.51 -11.72
N GLN A 142 -0.39 9.69 -12.30
CA GLN A 142 -1.10 10.81 -11.69
C GLN A 142 -2.54 10.44 -11.36
N ALA A 143 -3.16 9.70 -12.26
CA ALA A 143 -4.55 9.26 -12.07
C ALA A 143 -4.66 8.27 -10.92
N ASP A 144 -3.63 7.44 -10.76
CA ASP A 144 -3.61 6.44 -9.70
C ASP A 144 -3.44 7.10 -8.33
N VAL A 145 -2.63 8.15 -8.29
CA VAL A 145 -2.38 8.88 -7.04
C VAL A 145 -3.62 9.63 -6.59
N SER A 146 -4.33 10.23 -7.55
CA SER A 146 -5.54 10.98 -7.24
C SER A 146 -6.67 10.05 -6.82
N LEU A 147 -6.67 8.84 -7.37
CA LEU A 147 -7.70 7.85 -7.06
C LEU A 147 -7.54 7.33 -5.64
N VAL A 148 -6.31 6.92 -5.31
CA VAL A 148 -6.02 6.39 -3.98
C VAL A 148 -6.20 7.47 -2.91
N THR A 149 -5.78 8.68 -3.24
CA THR A 149 -5.89 9.80 -2.32
C THR A 149 -7.34 10.22 -2.11
N SER A 150 -8.07 10.33 -3.21
CA SER A 150 -9.47 10.73 -3.16
C SER A 150 -10.29 9.72 -2.36
N MET A 151 -9.94 8.45 -2.48
CA MET A 151 -10.64 7.39 -1.77
C MET A 151 -10.31 7.43 -0.28
N THR A 152 -9.04 7.68 0.04
CA THR A 152 -8.59 7.75 1.42
C THR A 152 -9.15 8.99 2.12
N SER A 153 -9.30 10.07 1.36
CA SER A 153 -9.81 11.32 1.90
C SER A 153 -11.09 11.08 2.69
N THR A 154 -11.93 10.17 2.20
CA THR A 154 -13.19 9.85 2.87
C THR A 154 -13.14 8.45 3.48
N PHE A 155 -12.12 8.19 4.28
CA PHE A 155 -11.97 6.89 4.93
C PHE A 155 -12.11 7.02 6.45
N VAL A 156 -13.09 6.32 7.00
CA VAL A 156 -13.33 6.35 8.44
C VAL A 156 -13.26 4.95 9.04
N ILE A 157 -12.32 4.75 9.95
CA ILE A 157 -12.14 3.46 10.60
C ILE A 157 -13.23 3.22 11.64
N SER A 158 -14.10 2.25 11.37
CA SER A 158 -15.19 1.92 12.29
C SER A 158 -14.68 1.11 13.47
N SER A 159 -14.10 1.80 14.45
CA SER A 159 -13.56 1.14 15.64
C SER A 159 -14.10 1.80 16.91
N GLN A 160 -15.43 1.85 17.01
CA GLN A 160 -16.06 2.46 18.18
C GLN A 160 -15.63 3.91 18.35
N THR A 161 -16.05 4.52 19.46
CA THR A 161 -15.70 5.90 19.75
C THR A 161 -14.19 6.09 19.81
N SER A 162 -13.62 6.56 18.71
CA SER A 162 -12.18 6.78 18.63
C SER A 162 -11.87 8.21 18.18
N VAL A 163 -12.75 9.14 18.53
CA VAL A 163 -12.58 10.54 18.16
C VAL A 163 -11.76 11.28 19.21
N GLN A 164 -11.71 10.72 20.42
CA GLN A 164 -10.95 11.34 21.51
C GLN A 164 -9.48 11.52 21.13
N MET A 165 -8.99 12.75 21.26
CA MET A 165 -7.60 13.06 20.93
C MET A 165 -7.12 14.26 21.73
N GLY A 166 -7.60 14.39 22.96
CA GLY A 166 -7.19 15.50 23.80
C GLY A 166 -8.31 15.96 24.73
N GLY A 167 -8.00 16.94 25.57
CA GLY A 167 -8.99 17.46 26.50
C GLY A 167 -8.58 18.79 27.11
N MET A 1 0.89 -11.62 9.06
CA MET A 1 0.86 -12.65 10.10
C MET A 1 0.92 -12.03 11.48
N HIS A 2 0.08 -11.02 11.71
CA HIS A 2 0.04 -10.32 12.99
C HIS A 2 -1.20 -9.46 13.11
N HIS A 3 -1.26 -8.65 14.16
CA HIS A 3 -2.40 -7.77 14.38
C HIS A 3 -3.68 -8.57 14.57
N HIS A 4 -4.12 -8.70 15.82
CA HIS A 4 -5.34 -9.45 16.12
C HIS A 4 -6.18 -8.71 17.17
N HIS A 5 -7.31 -8.17 16.72
CA HIS A 5 -8.20 -7.43 17.62
C HIS A 5 -9.43 -8.27 17.97
N HIS A 6 -10.21 -8.63 16.94
CA HIS A 6 -11.41 -9.42 17.14
C HIS A 6 -12.41 -8.69 18.03
N HIS A 7 -12.88 -7.54 17.55
CA HIS A 7 -13.84 -6.74 18.30
C HIS A 7 -14.33 -5.56 17.47
N SER A 8 -13.42 -4.63 17.18
CA SER A 8 -13.75 -3.45 16.40
C SER A 8 -13.13 -3.52 15.01
N GLY A 9 -13.41 -2.51 14.19
CA GLY A 9 -12.87 -2.48 12.84
C GLY A 9 -11.35 -2.51 12.82
N SER A 10 -10.79 -3.70 12.61
CA SER A 10 -9.34 -3.86 12.58
C SER A 10 -8.70 -2.86 11.61
N LEU A 11 -7.97 -1.90 12.17
CA LEU A 11 -7.31 -0.88 11.36
C LEU A 11 -6.52 -1.51 10.23
N GLY A 12 -5.90 -2.65 10.50
CA GLY A 12 -5.12 -3.34 9.49
C GLY A 12 -5.99 -3.90 8.38
N ASP A 13 -7.20 -4.34 8.74
CA ASP A 13 -8.12 -4.91 7.76
C ASP A 13 -8.66 -3.83 6.83
N GLN A 14 -9.08 -2.71 7.40
CA GLN A 14 -9.61 -1.60 6.62
C GLN A 14 -8.56 -1.02 5.69
N LEU A 15 -7.36 -0.78 6.24
CA LEU A 15 -6.27 -0.23 5.46
C LEU A 15 -5.95 -1.11 4.26
N THR A 16 -5.89 -2.41 4.49
CA THR A 16 -5.60 -3.37 3.43
C THR A 16 -6.75 -3.44 2.43
N SER A 17 -7.97 -3.45 2.93
CA SER A 17 -9.15 -3.52 2.08
C SER A 17 -9.21 -2.32 1.13
N THR A 18 -8.90 -1.13 1.66
CA THR A 18 -8.92 0.09 0.87
C THR A 18 -7.67 0.19 0.00
N LEU A 19 -6.51 0.01 0.62
CA LEU A 19 -5.24 0.09 -0.11
C LEU A 19 -5.21 -0.91 -1.26
N ALA A 20 -5.64 -2.14 -0.99
CA ALA A 20 -5.67 -3.18 -2.02
C ALA A 20 -6.73 -2.89 -3.06
N SER A 21 -7.88 -2.40 -2.62
CA SER A 21 -8.98 -2.07 -3.52
C SER A 21 -8.56 -1.00 -4.53
N ALA A 22 -7.93 0.05 -4.02
CA ALA A 22 -7.48 1.15 -4.87
C ALA A 22 -6.34 0.70 -5.78
N LEU A 23 -5.40 -0.07 -5.22
CA LEU A 23 -4.26 -0.56 -5.99
C LEU A 23 -4.71 -1.55 -7.06
N THR A 24 -5.88 -2.15 -6.85
CA THR A 24 -6.42 -3.12 -7.79
C THR A 24 -6.94 -2.43 -9.05
N LYS A 25 -7.21 -1.14 -8.94
CA LYS A 25 -7.72 -0.37 -10.07
C LYS A 25 -6.69 0.66 -10.53
N THR A 26 -5.45 0.47 -10.11
CA THR A 26 -4.36 1.38 -10.48
C THR A 26 -3.49 0.78 -11.57
N ASN A 27 -3.23 1.55 -12.61
CA ASN A 27 -2.41 1.09 -13.72
C ASN A 27 -1.05 0.59 -13.22
N THR A 28 -0.56 1.20 -12.15
CA THR A 28 0.71 0.82 -11.56
C THR A 28 0.71 -0.65 -11.13
N LEU A 29 -0.49 -1.19 -10.94
CA LEU A 29 -0.65 -2.59 -10.52
C LEU A 29 -1.20 -3.44 -11.66
N LYS A 30 -2.13 -2.86 -12.42
CA LYS A 30 -2.73 -3.57 -13.54
C LYS A 30 -1.73 -3.77 -14.67
N ALA A 31 -0.84 -2.80 -14.84
CA ALA A 31 0.17 -2.86 -15.89
C ALA A 31 1.24 -3.90 -15.54
N VAL A 32 1.73 -3.86 -14.30
CA VAL A 32 2.75 -4.80 -13.86
C VAL A 32 2.19 -6.21 -13.74
N SER A 33 0.96 -6.31 -13.23
CA SER A 33 0.31 -7.61 -13.06
C SER A 33 0.08 -8.28 -14.41
N ALA A 34 -0.48 -7.53 -15.36
CA ALA A 34 -0.75 -8.05 -16.68
C ALA A 34 0.55 -8.36 -17.43
N SER A 35 1.55 -7.52 -17.22
CA SER A 35 2.84 -7.69 -17.88
C SER A 35 3.48 -9.02 -17.48
N LYS A 36 3.13 -9.50 -16.30
CA LYS A 36 3.66 -10.77 -15.80
C LYS A 36 5.18 -10.78 -15.88
N PRO A 37 5.82 -9.84 -15.17
CA PRO A 37 7.28 -9.72 -15.15
C PRO A 37 7.94 -10.86 -14.39
N SER A 38 8.11 -10.68 -13.09
CA SER A 38 8.73 -11.71 -12.24
C SER A 38 8.89 -11.21 -10.82
N ALA A 39 8.90 -12.14 -9.87
CA ALA A 39 9.04 -11.80 -8.46
C ALA A 39 10.38 -11.12 -8.19
N ASN A 40 11.31 -11.27 -9.13
CA ASN A 40 12.64 -10.67 -8.99
C ASN A 40 12.56 -9.16 -9.16
N VAL A 41 11.92 -8.71 -10.23
CA VAL A 41 11.78 -7.28 -10.50
C VAL A 41 10.65 -6.67 -9.68
N ALA A 42 9.62 -7.46 -9.43
CA ALA A 42 8.47 -7.00 -8.65
C ALA A 42 8.91 -6.53 -7.27
N VAL A 43 9.84 -7.26 -6.66
CA VAL A 43 10.35 -6.91 -5.34
C VAL A 43 11.12 -5.59 -5.37
N ALA A 44 11.88 -5.38 -6.44
CA ALA A 44 12.66 -4.16 -6.60
C ALA A 44 11.76 -2.96 -6.85
N ILE A 45 10.67 -3.19 -7.58
CA ILE A 45 9.72 -2.12 -7.90
C ILE A 45 8.94 -1.69 -6.67
N VAL A 46 8.47 -2.68 -5.91
CA VAL A 46 7.71 -2.40 -4.68
C VAL A 46 8.59 -1.76 -3.62
N THR A 47 9.83 -2.22 -3.54
CA THR A 47 10.78 -1.70 -2.56
C THR A 47 11.02 -0.21 -2.75
N SER A 48 11.11 0.20 -4.01
CA SER A 48 11.34 1.60 -4.35
C SER A 48 10.21 2.48 -3.79
N GLY A 49 8.98 2.01 -3.94
CA GLY A 49 7.84 2.77 -3.46
C GLY A 49 7.73 2.75 -1.94
N LEU A 50 8.06 1.60 -1.35
CA LEU A 50 8.00 1.45 0.10
C LEU A 50 8.97 2.40 0.79
N LYS A 51 10.20 2.48 0.27
CA LYS A 51 11.21 3.36 0.83
C LYS A 51 10.81 4.81 0.69
N LYS A 52 10.26 5.17 -0.46
CA LYS A 52 9.83 6.54 -0.72
C LYS A 52 8.63 6.91 0.15
N ALA A 53 7.66 6.00 0.22
CA ALA A 53 6.47 6.22 1.03
C ALA A 53 6.82 6.43 2.49
N LEU A 54 7.64 5.54 3.04
CA LEU A 54 8.05 5.62 4.43
C LEU A 54 8.96 6.83 4.66
N GLY A 55 9.83 7.10 3.69
CA GLY A 55 10.74 8.22 3.80
C GLY A 55 10.03 9.55 3.70
N ALA A 56 8.95 9.58 2.94
CA ALA A 56 8.17 10.81 2.76
C ALA A 56 7.23 11.04 3.94
N LEU A 57 6.96 9.98 4.70
CA LEU A 57 6.08 10.06 5.85
C LEU A 57 6.88 10.20 7.14
N ARG A 58 8.20 10.25 7.00
CA ARG A 58 9.09 10.37 8.15
C ARG A 58 8.77 9.31 9.20
N ILE A 59 8.38 8.13 8.73
CA ILE A 59 8.05 7.03 9.62
C ILE A 59 9.25 6.65 10.48
N ASN A 60 10.16 5.87 9.91
CA ASN A 60 11.36 5.44 10.64
C ASN A 60 12.13 4.40 9.83
N ALA A 61 13.45 4.60 9.72
CA ALA A 61 14.30 3.68 8.97
C ALA A 61 14.29 2.29 9.61
N GLY A 62 14.29 2.26 10.94
CA GLY A 62 14.28 0.98 11.64
C GLY A 62 13.11 0.11 11.26
N VAL A 63 11.90 0.67 11.34
CA VAL A 63 10.69 -0.08 10.99
C VAL A 63 10.55 -0.21 9.48
N SER A 64 10.99 0.81 8.75
CA SER A 64 10.91 0.80 7.30
C SER A 64 11.79 -0.31 6.72
N SER A 65 12.73 -0.80 7.52
CA SER A 65 13.63 -1.85 7.08
C SER A 65 12.94 -3.21 7.09
N GLN A 66 12.25 -3.50 8.19
CA GLN A 66 11.54 -4.76 8.32
C GLN A 66 10.32 -4.80 7.42
N LEU A 67 9.68 -3.65 7.24
CA LEU A 67 8.50 -3.54 6.39
C LEU A 67 8.82 -3.92 4.95
N THR A 68 10.00 -3.51 4.49
CA THR A 68 10.43 -3.80 3.13
C THR A 68 10.75 -5.28 2.96
N SER A 69 11.33 -5.87 3.99
CA SER A 69 11.69 -7.29 3.95
C SER A 69 10.45 -8.17 3.87
N ALA A 70 9.41 -7.78 4.61
CA ALA A 70 8.16 -8.52 4.61
C ALA A 70 7.39 -8.33 3.31
N VAL A 71 7.12 -7.07 2.98
CA VAL A 71 6.39 -6.74 1.75
C VAL A 71 7.01 -7.44 0.55
N SER A 72 8.33 -7.50 0.51
CA SER A 72 9.05 -8.14 -0.58
C SER A 72 8.82 -9.65 -0.58
N GLN A 73 8.74 -10.22 0.61
CA GLN A 73 8.54 -11.66 0.76
C GLN A 73 7.16 -12.06 0.22
N ALA A 74 6.13 -11.32 0.63
CA ALA A 74 4.77 -11.60 0.20
C ALA A 74 4.63 -11.41 -1.31
N VAL A 75 5.23 -10.35 -1.82
CA VAL A 75 5.18 -10.05 -3.25
C VAL A 75 6.00 -11.06 -4.05
N ALA A 76 7.04 -11.59 -3.43
CA ALA A 76 7.90 -12.57 -4.09
C ALA A 76 7.35 -13.98 -3.94
N ASN A 77 6.19 -14.09 -3.29
CA ASN A 77 5.55 -15.38 -3.08
C ASN A 77 4.34 -15.55 -4.01
N VAL A 78 3.73 -14.43 -4.38
CA VAL A 78 2.57 -14.46 -5.26
C VAL A 78 2.94 -14.99 -6.65
N ARG A 79 4.23 -14.87 -6.98
CA ARG A 79 4.71 -15.33 -8.28
C ARG A 79 4.08 -14.53 -9.41
N PRO A 80 4.75 -14.52 -10.57
CA PRO A 80 4.27 -13.79 -11.76
C PRO A 80 3.03 -14.45 -12.37
N GLY A 81 2.24 -13.65 -13.09
CA GLY A 81 1.04 -14.16 -13.71
C GLY A 81 -0.17 -14.09 -12.79
N SER A 82 -0.09 -13.24 -11.78
CA SER A 82 -1.18 -13.09 -10.82
C SER A 82 -1.81 -11.71 -10.94
N SER A 83 -3.13 -11.65 -10.80
CA SER A 83 -3.85 -10.39 -10.90
C SER A 83 -3.26 -9.35 -9.96
N PRO A 84 -3.56 -8.07 -10.22
CA PRO A 84 -3.07 -6.96 -9.41
C PRO A 84 -3.71 -6.92 -8.02
N ALA A 85 -4.71 -7.76 -7.82
CA ALA A 85 -5.40 -7.84 -6.53
C ALA A 85 -4.53 -8.51 -5.48
N VAL A 86 -3.85 -9.59 -5.87
CA VAL A 86 -2.99 -10.32 -4.96
C VAL A 86 -1.70 -9.54 -4.67
N TYR A 87 -1.18 -8.89 -5.70
CA TYR A 87 0.05 -8.11 -5.56
C TYR A 87 -0.16 -6.94 -4.59
N ALA A 88 -1.26 -6.22 -4.78
CA ALA A 88 -1.57 -5.08 -3.92
C ALA A 88 -1.80 -5.52 -2.48
N LYS A 89 -2.37 -6.71 -2.32
CA LYS A 89 -2.65 -7.25 -0.99
C LYS A 89 -1.37 -7.71 -0.32
N ALA A 90 -0.45 -8.26 -1.11
CA ALA A 90 0.83 -8.73 -0.57
C ALA A 90 1.74 -7.57 -0.21
N ILE A 91 1.30 -6.35 -0.53
CA ILE A 91 2.08 -5.16 -0.24
C ILE A 91 1.43 -4.34 0.86
N ALA A 92 0.13 -4.52 1.04
CA ALA A 92 -0.62 -3.80 2.08
C ALA A 92 -0.69 -4.62 3.36
N ALA A 93 -0.87 -5.92 3.21
CA ALA A 93 -0.96 -6.81 4.37
C ALA A 93 0.25 -6.64 5.29
N PRO A 94 1.46 -6.88 4.74
CA PRO A 94 2.71 -6.75 5.50
C PRO A 94 3.04 -5.31 5.84
N SER A 95 2.34 -4.38 5.20
CA SER A 95 2.57 -2.96 5.43
C SER A 95 1.75 -2.46 6.62
N VAL A 96 0.48 -2.88 6.68
CA VAL A 96 -0.40 -2.47 7.77
C VAL A 96 0.01 -3.14 9.08
N GLN A 97 0.41 -4.41 9.00
CA GLN A 97 0.83 -5.16 10.18
C GLN A 97 2.02 -4.50 10.85
N ILE A 98 2.94 -3.97 10.03
CA ILE A 98 4.13 -3.31 10.54
C ILE A 98 3.85 -1.85 10.88
N LEU A 99 3.04 -1.19 10.05
CA LEU A 99 2.69 0.20 10.25
C LEU A 99 1.88 0.36 11.53
N VAL A 100 1.01 -0.61 11.81
CA VAL A 100 0.17 -0.57 13.00
C VAL A 100 0.96 -0.95 14.25
N SER A 101 1.92 -1.86 14.08
CA SER A 101 2.74 -2.31 15.19
C SER A 101 3.76 -1.24 15.58
N SER A 102 3.95 -0.27 14.70
CA SER A 102 4.91 0.80 14.94
C SER A 102 4.18 2.11 15.25
N GLY A 103 2.86 2.09 15.12
CA GLY A 103 2.07 3.28 15.38
C GLY A 103 1.97 4.19 14.18
N SER A 104 2.68 3.83 13.11
CA SER A 104 2.67 4.63 11.89
C SER A 104 1.25 4.86 11.40
N VAL A 105 0.35 3.96 11.77
CA VAL A 105 -1.05 4.05 11.37
C VAL A 105 -1.99 3.89 12.57
N ASN A 106 -2.79 4.92 12.82
CA ASN A 106 -3.73 4.89 13.93
C ASN A 106 -5.15 5.24 13.46
N ASN A 107 -6.07 5.34 14.41
CA ASN A 107 -7.46 5.65 14.10
C ASN A 107 -7.67 7.17 14.05
N ASN A 108 -6.96 7.83 13.15
CA ASN A 108 -7.07 9.27 13.00
C ASN A 108 -6.25 9.76 11.81
N ASN A 109 -5.12 9.11 11.57
CA ASN A 109 -4.25 9.48 10.46
C ASN A 109 -4.19 8.37 9.41
N ALA A 110 -4.91 7.28 9.69
CA ALA A 110 -4.95 6.15 8.76
C ALA A 110 -5.28 6.61 7.34
N LYS A 111 -6.19 7.57 7.25
CA LYS A 111 -6.61 8.10 5.94
C LYS A 111 -5.49 8.92 5.32
N GLN A 112 -4.74 9.64 6.15
CA GLN A 112 -3.65 10.47 5.67
C GLN A 112 -2.46 9.61 5.24
N VAL A 113 -2.08 8.67 6.10
CA VAL A 113 -0.96 7.78 5.81
C VAL A 113 -1.26 6.87 4.63
N ALA A 114 -2.51 6.43 4.54
CA ALA A 114 -2.94 5.55 3.44
C ALA A 114 -2.87 6.28 2.11
N SER A 115 -3.21 7.56 2.12
CA SER A 115 -3.21 8.37 0.92
C SER A 115 -1.77 8.65 0.46
N THR A 116 -0.91 9.01 1.40
CA THR A 116 0.48 9.30 1.10
C THR A 116 1.25 8.03 0.75
N LEU A 117 0.90 6.94 1.42
CA LEU A 117 1.56 5.65 1.18
C LEU A 117 1.41 5.23 -0.27
N SER A 118 0.17 5.07 -0.71
CA SER A 118 -0.11 4.67 -2.09
C SER A 118 0.39 5.72 -3.07
N GLU A 119 0.32 6.98 -2.66
CA GLU A 119 0.76 8.08 -3.51
C GLU A 119 2.24 7.96 -3.84
N ASN A 120 3.07 7.86 -2.80
CA ASN A 120 4.51 7.74 -2.99
C ASN A 120 4.88 6.35 -3.51
N LEU A 121 4.19 5.34 -3.02
CA LEU A 121 4.43 3.96 -3.43
C LEU A 121 4.16 3.79 -4.92
N VAL A 122 3.01 4.28 -5.37
CA VAL A 122 2.63 4.19 -6.78
C VAL A 122 3.57 5.00 -7.66
N ARG A 123 3.91 6.21 -7.20
CA ARG A 123 4.80 7.09 -7.94
C ARG A 123 6.13 6.40 -8.24
N GLU A 124 6.71 5.80 -7.21
CA GLU A 124 7.99 5.10 -7.36
C GLU A 124 7.80 3.77 -8.09
N MET A 125 6.78 3.02 -7.70
CA MET A 125 6.49 1.74 -8.33
C MET A 125 6.38 1.88 -9.84
N ALA A 126 5.66 2.90 -10.29
CA ALA A 126 5.48 3.14 -11.71
C ALA A 126 6.79 3.60 -12.35
N ASN A 127 7.59 4.35 -11.60
CA ASN A 127 8.86 4.85 -12.10
C ASN A 127 9.86 3.70 -12.30
N THR A 128 9.70 2.66 -11.52
CA THR A 128 10.58 1.49 -11.60
C THR A 128 10.03 0.46 -12.58
N ALA A 129 8.73 0.19 -12.48
CA ALA A 129 8.08 -0.78 -13.35
C ALA A 129 8.28 -0.41 -14.82
N ARG A 130 8.14 0.88 -15.12
CA ARG A 130 8.30 1.35 -16.49
C ARG A 130 9.67 0.95 -17.05
N ARG A 131 10.65 0.83 -16.17
CA ARG A 131 12.00 0.46 -16.56
C ARG A 131 12.11 -1.05 -16.79
N TYR A 132 11.12 -1.79 -16.29
CA TYR A 132 11.10 -3.24 -16.45
C TYR A 132 10.20 -3.65 -17.61
N ARG A 133 10.00 -2.74 -18.56
CA ARG A 133 9.17 -3.01 -19.71
C ARG A 133 7.70 -3.11 -19.31
N VAL A 134 7.31 -2.30 -18.32
CA VAL A 134 5.93 -2.30 -17.85
C VAL A 134 5.15 -1.12 -18.42
N ASN A 135 5.87 -0.09 -18.85
CA ASN A 135 5.25 1.10 -19.42
C ASN A 135 4.31 1.75 -18.41
N VAL A 136 4.78 2.83 -17.78
CA VAL A 136 3.97 3.55 -16.80
C VAL A 136 4.31 5.03 -16.79
N PRO A 137 3.75 5.77 -17.75
CA PRO A 137 3.98 7.21 -17.88
C PRO A 137 3.32 8.00 -16.75
N GLU A 138 3.95 9.11 -16.38
CA GLU A 138 3.43 9.96 -15.31
C GLU A 138 1.96 10.31 -15.57
N ALA A 139 1.59 10.38 -16.84
CA ALA A 139 0.22 10.71 -17.21
C ALA A 139 -0.76 9.72 -16.61
N SER A 140 -0.32 8.48 -16.45
CA SER A 140 -1.16 7.43 -15.90
C SER A 140 -0.99 7.34 -14.38
N VAL A 141 0.25 7.49 -13.92
CA VAL A 141 0.55 7.43 -12.50
C VAL A 141 -0.22 8.49 -11.73
N GLN A 142 -0.32 9.69 -12.31
CA GLN A 142 -1.03 10.79 -11.68
C GLN A 142 -2.47 10.40 -11.35
N ALA A 143 -3.09 9.67 -12.27
CA ALA A 143 -4.46 9.22 -12.07
C ALA A 143 -4.57 8.23 -10.93
N ASP A 144 -3.55 7.40 -10.77
CA ASP A 144 -3.52 6.40 -9.71
C ASP A 144 -3.36 7.06 -8.35
N VAL A 145 -2.56 8.13 -8.30
CA VAL A 145 -2.32 8.85 -7.05
C VAL A 145 -3.58 9.58 -6.59
N SER A 146 -4.29 10.17 -7.55
CA SER A 146 -5.50 10.91 -7.25
C SER A 146 -6.63 9.97 -6.85
N LEU A 147 -6.61 8.76 -7.41
CA LEU A 147 -7.63 7.76 -7.10
C LEU A 147 -7.47 7.23 -5.68
N VAL A 148 -6.25 6.83 -5.34
CA VAL A 148 -5.97 6.30 -4.01
C VAL A 148 -6.16 7.38 -2.94
N THR A 149 -5.76 8.60 -3.26
CA THR A 149 -5.89 9.71 -2.33
C THR A 149 -7.34 10.11 -2.14
N SER A 150 -8.07 10.20 -3.25
CA SER A 150 -9.48 10.57 -3.21
C SER A 150 -10.28 9.57 -2.38
N MET A 151 -9.92 8.29 -2.48
CA MET A 151 -10.60 7.24 -1.74
C MET A 151 -10.31 7.35 -0.24
N THR A 152 -9.05 7.66 0.09
CA THR A 152 -8.64 7.80 1.48
C THR A 152 -9.25 9.05 2.11
N SER A 153 -9.42 10.09 1.32
CA SER A 153 -9.99 11.34 1.80
C SER A 153 -11.28 11.09 2.57
N THR A 154 -12.08 10.15 2.08
CA THR A 154 -13.35 9.80 2.72
C THR A 154 -13.26 8.46 3.43
N PHE A 155 -12.27 8.33 4.31
CA PHE A 155 -12.08 7.10 5.06
C PHE A 155 -12.10 7.35 6.56
N VAL A 156 -13.04 6.71 7.24
CA VAL A 156 -13.17 6.87 8.69
C VAL A 156 -13.31 5.52 9.39
N ILE A 157 -12.40 5.25 10.32
CA ILE A 157 -12.42 4.00 11.07
C ILE A 157 -13.79 3.73 11.65
N SER A 158 -14.13 2.45 11.79
CA SER A 158 -15.42 2.06 12.35
C SER A 158 -16.57 2.47 11.42
N SER A 159 -16.21 2.84 10.19
CA SER A 159 -17.20 3.26 9.20
C SER A 159 -18.13 4.33 9.79
N GLN A 160 -17.57 5.15 10.68
CA GLN A 160 -18.35 6.21 11.32
C GLN A 160 -19.49 5.63 12.15
N THR A 161 -20.25 6.51 12.79
CA THR A 161 -21.38 6.10 13.61
C THR A 161 -20.91 5.27 14.81
N SER A 162 -19.71 5.56 15.29
CA SER A 162 -19.14 4.83 16.42
C SER A 162 -18.27 5.76 17.28
N VAL A 163 -18.59 7.05 17.25
CA VAL A 163 -17.85 8.04 18.03
C VAL A 163 -18.74 9.18 18.46
N GLN A 164 -18.50 9.69 19.67
CA GLN A 164 -19.29 10.79 20.21
C GLN A 164 -18.43 12.04 20.40
N MET A 165 -18.81 13.13 19.76
CA MET A 165 -18.07 14.38 19.87
C MET A 165 -19.02 15.58 19.83
N GLY A 166 -18.46 16.78 19.91
CA GLY A 166 -19.26 17.98 19.88
C GLY A 166 -18.44 19.23 19.60
N GLY A 167 -18.88 20.36 20.14
CA GLY A 167 -18.17 21.60 19.94
C GLY A 167 -18.50 22.64 21.00
N MET A 1 5.63 -7.72 11.66
CA MET A 1 4.92 -8.67 12.52
C MET A 1 5.45 -8.59 13.95
N HIS A 2 4.55 -8.27 14.89
CA HIS A 2 4.92 -8.16 16.28
C HIS A 2 3.67 -8.14 17.17
N HIS A 3 2.79 -7.18 16.92
CA HIS A 3 1.56 -7.06 17.69
C HIS A 3 0.43 -6.47 16.84
N HIS A 4 -0.78 -6.47 17.38
CA HIS A 4 -1.94 -5.94 16.67
C HIS A 4 -3.06 -5.59 17.64
N HIS A 5 -4.17 -5.08 17.10
CA HIS A 5 -5.31 -4.70 17.92
C HIS A 5 -6.51 -5.60 17.61
N HIS A 6 -7.07 -5.43 16.42
CA HIS A 6 -8.23 -6.23 16.01
C HIS A 6 -9.35 -6.12 17.04
N HIS A 7 -10.04 -4.99 17.03
CA HIS A 7 -11.15 -4.77 17.96
C HIS A 7 -12.49 -4.76 17.22
N SER A 8 -12.76 -3.67 16.50
CA SER A 8 -14.00 -3.55 15.75
C SER A 8 -13.88 -4.22 14.39
N GLY A 9 -13.08 -3.63 13.51
CA GLY A 9 -12.90 -4.18 12.18
C GLY A 9 -11.44 -4.38 11.82
N SER A 10 -10.58 -4.33 12.84
CA SER A 10 -9.14 -4.49 12.62
C SER A 10 -8.60 -3.36 11.77
N LEU A 11 -7.88 -2.44 12.40
CA LEU A 11 -7.29 -1.31 11.69
C LEU A 11 -6.49 -1.77 10.49
N GLY A 12 -5.80 -2.91 10.63
CA GLY A 12 -5.01 -3.44 9.55
C GLY A 12 -5.86 -3.93 8.39
N ASP A 13 -7.04 -4.46 8.71
CA ASP A 13 -7.94 -4.97 7.68
C ASP A 13 -8.53 -3.82 6.86
N GLN A 14 -8.99 -2.78 7.56
CA GLN A 14 -9.58 -1.63 6.89
C GLN A 14 -8.57 -0.97 5.95
N LEU A 15 -7.34 -0.84 6.41
CA LEU A 15 -6.28 -0.24 5.61
C LEU A 15 -5.98 -1.07 4.37
N THR A 16 -5.91 -2.39 4.57
CA THR A 16 -5.63 -3.31 3.46
C THR A 16 -6.78 -3.34 2.47
N SER A 17 -8.00 -3.32 2.98
CA SER A 17 -9.19 -3.35 2.14
C SER A 17 -9.20 -2.15 1.18
N THR A 18 -8.90 -0.98 1.71
CA THR A 18 -8.89 0.24 0.90
C THR A 18 -7.61 0.33 0.07
N LEU A 19 -6.47 0.13 0.72
CA LEU A 19 -5.18 0.17 0.04
C LEU A 19 -5.15 -0.79 -1.14
N ALA A 20 -5.60 -2.02 -0.91
CA ALA A 20 -5.63 -3.03 -1.95
C ALA A 20 -6.67 -2.72 -3.01
N SER A 21 -7.82 -2.22 -2.56
CA SER A 21 -8.92 -1.87 -3.47
C SER A 21 -8.47 -0.81 -4.47
N ALA A 22 -7.79 0.21 -3.96
CA ALA A 22 -7.31 1.30 -4.81
C ALA A 22 -6.21 0.82 -5.74
N LEU A 23 -5.27 0.05 -5.20
CA LEU A 23 -4.16 -0.47 -6.00
C LEU A 23 -4.66 -1.50 -7.02
N THR A 24 -5.87 -2.00 -6.79
CA THR A 24 -6.46 -2.99 -7.69
C THR A 24 -6.97 -2.33 -8.97
N LYS A 25 -7.25 -1.03 -8.89
CA LYS A 25 -7.74 -0.28 -10.04
C LYS A 25 -6.70 0.72 -10.53
N THR A 26 -5.46 0.53 -10.09
CA THR A 26 -4.37 1.41 -10.48
C THR A 26 -3.57 0.83 -11.64
N ASN A 27 -3.38 1.61 -12.69
CA ASN A 27 -2.63 1.17 -13.85
C ASN A 27 -1.25 0.64 -13.46
N THR A 28 -0.71 1.21 -12.38
CA THR A 28 0.61 0.80 -11.90
C THR A 28 0.60 -0.66 -11.45
N LEU A 29 -0.59 -1.16 -11.13
CA LEU A 29 -0.72 -2.55 -10.69
C LEU A 29 -1.25 -3.43 -11.82
N LYS A 30 -2.19 -2.89 -12.60
CA LYS A 30 -2.77 -3.63 -13.72
C LYS A 30 -1.76 -3.81 -14.83
N ALA A 31 -0.89 -2.82 -15.00
CA ALA A 31 0.15 -2.87 -16.03
C ALA A 31 1.23 -3.89 -15.68
N VAL A 32 1.70 -3.82 -14.44
CA VAL A 32 2.75 -4.73 -13.98
C VAL A 32 2.21 -6.15 -13.83
N SER A 33 0.99 -6.27 -13.33
CA SER A 33 0.36 -7.57 -13.15
C SER A 33 0.15 -8.27 -14.48
N ALA A 34 -0.43 -7.54 -15.45
CA ALA A 34 -0.68 -8.09 -16.77
C ALA A 34 0.62 -8.38 -17.51
N SER A 35 1.67 -7.65 -17.14
CA SER A 35 2.98 -7.83 -17.77
C SER A 35 3.61 -9.16 -17.35
N LYS A 36 3.21 -9.65 -16.18
CA LYS A 36 3.74 -10.91 -15.68
C LYS A 36 5.27 -10.91 -15.69
N PRO A 37 5.87 -9.98 -14.95
CA PRO A 37 7.33 -9.85 -14.87
C PRO A 37 7.97 -11.01 -14.10
N SER A 38 8.11 -10.84 -12.79
CA SER A 38 8.71 -11.87 -11.95
C SER A 38 8.90 -11.36 -10.52
N ALA A 39 9.01 -12.30 -9.57
CA ALA A 39 9.19 -11.95 -8.17
C ALA A 39 10.49 -11.18 -7.95
N ASN A 40 11.43 -11.34 -8.88
CA ASN A 40 12.72 -10.67 -8.80
C ASN A 40 12.57 -9.18 -9.06
N VAL A 41 11.88 -8.83 -10.14
CA VAL A 41 11.67 -7.45 -10.51
C VAL A 41 10.53 -6.83 -9.69
N ALA A 42 9.50 -7.63 -9.43
CA ALA A 42 8.35 -7.16 -8.65
C ALA A 42 8.79 -6.62 -7.30
N VAL A 43 9.73 -7.31 -6.66
CA VAL A 43 10.23 -6.90 -5.36
C VAL A 43 10.98 -5.57 -5.46
N ALA A 44 11.73 -5.41 -6.55
CA ALA A 44 12.50 -4.19 -6.77
C ALA A 44 11.60 -3.01 -7.03
N ILE A 45 10.49 -3.25 -7.73
CA ILE A 45 9.54 -2.20 -8.06
C ILE A 45 8.78 -1.74 -6.80
N VAL A 46 8.36 -2.70 -5.99
CA VAL A 46 7.63 -2.40 -4.77
C VAL A 46 8.53 -1.74 -3.74
N THR A 47 9.78 -2.19 -3.68
CA THR A 47 10.75 -1.65 -2.73
C THR A 47 10.97 -0.15 -2.97
N SER A 48 11.02 0.24 -4.23
CA SER A 48 11.23 1.64 -4.59
C SER A 48 10.12 2.51 -4.01
N GLY A 49 8.89 2.04 -4.10
CA GLY A 49 7.76 2.79 -3.58
C GLY A 49 7.71 2.78 -2.06
N LEU A 50 8.10 1.65 -1.47
CA LEU A 50 8.09 1.51 -0.01
C LEU A 50 9.06 2.49 0.63
N LYS A 51 10.25 2.61 0.06
CA LYS A 51 11.27 3.52 0.57
C LYS A 51 10.80 4.97 0.46
N LYS A 52 10.19 5.32 -0.67
CA LYS A 52 9.71 6.67 -0.89
C LYS A 52 8.51 6.97 0.02
N ALA A 53 7.59 6.03 0.11
CA ALA A 53 6.41 6.18 0.95
C ALA A 53 6.79 6.39 2.41
N LEU A 54 7.67 5.53 2.92
CA LEU A 54 8.12 5.62 4.30
C LEU A 54 8.98 6.87 4.51
N GLY A 55 9.76 7.22 3.50
CA GLY A 55 10.61 8.39 3.60
C GLY A 55 9.82 9.68 3.61
N ALA A 56 8.70 9.69 2.90
CA ALA A 56 7.86 10.88 2.83
C ALA A 56 6.97 11.00 4.07
N LEU A 57 6.81 9.88 4.78
CA LEU A 57 5.99 9.86 5.99
C LEU A 57 6.86 9.94 7.24
N ARG A 58 8.14 10.25 7.05
CA ARG A 58 9.08 10.36 8.15
C ARG A 58 9.03 9.10 9.03
N ILE A 59 8.71 7.97 8.41
CA ILE A 59 8.63 6.70 9.13
C ILE A 59 10.00 6.29 9.65
N ASN A 60 10.03 5.82 10.89
CA ASN A 60 11.28 5.38 11.52
C ASN A 60 12.02 4.40 10.61
N ALA A 61 13.33 4.58 10.51
CA ALA A 61 14.16 3.71 9.69
C ALA A 61 14.06 2.26 10.14
N GLY A 62 14.01 2.06 11.46
CA GLY A 62 13.91 0.72 12.00
C GLY A 62 12.71 -0.05 11.47
N VAL A 63 11.53 0.56 11.56
CA VAL A 63 10.30 -0.06 11.09
C VAL A 63 10.24 -0.06 9.57
N SER A 64 10.77 0.99 8.96
CA SER A 64 10.78 1.12 7.51
C SER A 64 11.69 0.07 6.87
N SER A 65 12.58 -0.49 7.69
CA SER A 65 13.52 -1.50 7.20
C SER A 65 12.85 -2.87 7.14
N GLN A 66 12.13 -3.22 8.20
CA GLN A 66 11.44 -4.51 8.26
C GLN A 66 10.26 -4.54 7.30
N LEU A 67 9.61 -3.40 7.13
CA LEU A 67 8.46 -3.30 6.23
C LEU A 67 8.85 -3.69 4.81
N THR A 68 10.05 -3.30 4.39
CA THR A 68 10.54 -3.60 3.05
C THR A 68 10.85 -5.09 2.92
N SER A 69 11.38 -5.69 3.98
CA SER A 69 11.72 -7.10 3.96
C SER A 69 10.46 -7.96 3.92
N ALA A 70 9.43 -7.54 4.65
CA ALA A 70 8.18 -8.27 4.69
C ALA A 70 7.41 -8.12 3.39
N VAL A 71 7.15 -6.87 3.00
CA VAL A 71 6.42 -6.59 1.77
C VAL A 71 7.02 -7.35 0.59
N SER A 72 8.34 -7.42 0.55
CA SER A 72 9.04 -8.11 -0.52
C SER A 72 8.78 -9.61 -0.46
N GLN A 73 8.70 -10.15 0.76
CA GLN A 73 8.45 -11.57 0.95
C GLN A 73 7.08 -11.96 0.41
N ALA A 74 6.06 -11.21 0.78
CA ALA A 74 4.70 -11.48 0.32
C ALA A 74 4.59 -11.32 -1.19
N VAL A 75 5.22 -10.29 -1.73
CA VAL A 75 5.19 -10.04 -3.16
C VAL A 75 6.01 -11.08 -3.92
N ALA A 76 7.02 -11.61 -3.26
CA ALA A 76 7.88 -12.62 -3.87
C ALA A 76 7.29 -14.02 -3.72
N ASN A 77 6.11 -14.09 -3.10
CA ASN A 77 5.43 -15.37 -2.88
C ASN A 77 4.25 -15.52 -3.83
N VAL A 78 3.68 -14.39 -4.24
CA VAL A 78 2.54 -14.41 -5.16
C VAL A 78 2.95 -14.94 -6.53
N ARG A 79 4.23 -14.83 -6.85
CA ARG A 79 4.74 -15.30 -8.12
C ARG A 79 4.12 -14.52 -9.27
N PRO A 80 4.82 -14.51 -10.43
CA PRO A 80 4.35 -13.81 -11.62
C PRO A 80 3.13 -14.46 -12.25
N GLY A 81 2.35 -13.67 -12.99
CA GLY A 81 1.15 -14.20 -13.63
C GLY A 81 -0.06 -14.12 -12.74
N SER A 82 0.00 -13.26 -11.72
CA SER A 82 -1.11 -13.09 -10.79
C SER A 82 -1.74 -11.71 -10.93
N SER A 83 -3.07 -11.66 -10.79
CA SER A 83 -3.80 -10.41 -10.91
C SER A 83 -3.22 -9.35 -9.98
N PRO A 84 -3.53 -8.08 -10.27
CA PRO A 84 -3.04 -6.95 -9.46
C PRO A 84 -3.69 -6.90 -8.08
N ALA A 85 -4.68 -7.75 -7.86
CA ALA A 85 -5.39 -7.81 -6.59
C ALA A 85 -4.52 -8.46 -5.52
N VAL A 86 -3.84 -9.54 -5.89
CA VAL A 86 -2.97 -10.25 -4.97
C VAL A 86 -1.71 -9.47 -4.67
N TYR A 87 -1.16 -8.82 -5.70
CA TYR A 87 0.04 -8.03 -5.55
C TYR A 87 -0.18 -6.85 -4.60
N ALA A 88 -1.28 -6.14 -4.80
CA ALA A 88 -1.63 -5.00 -3.95
C ALA A 88 -1.84 -5.43 -2.51
N LYS A 89 -2.40 -6.62 -2.33
CA LYS A 89 -2.67 -7.15 -1.00
C LYS A 89 -1.38 -7.64 -0.34
N ALA A 90 -0.50 -8.22 -1.15
CA ALA A 90 0.77 -8.74 -0.65
C ALA A 90 1.69 -7.59 -0.22
N ILE A 91 1.31 -6.37 -0.56
CA ILE A 91 2.09 -5.20 -0.21
C ILE A 91 1.44 -4.40 0.91
N ALA A 92 0.14 -4.57 1.07
CA ALA A 92 -0.60 -3.87 2.11
C ALA A 92 -0.69 -4.71 3.38
N ALA A 93 -0.85 -6.02 3.21
CA ALA A 93 -0.95 -6.93 4.35
C ALA A 93 0.24 -6.78 5.28
N PRO A 94 1.45 -7.00 4.73
CA PRO A 94 2.70 -6.89 5.50
C PRO A 94 3.03 -5.46 5.87
N SER A 95 2.31 -4.51 5.26
CA SER A 95 2.53 -3.09 5.52
C SER A 95 1.70 -2.63 6.72
N VAL A 96 0.44 -3.05 6.74
CA VAL A 96 -0.46 -2.67 7.83
C VAL A 96 -0.07 -3.37 9.13
N GLN A 97 0.32 -4.63 9.03
CA GLN A 97 0.73 -5.41 10.20
C GLN A 97 1.93 -4.77 10.89
N ILE A 98 2.85 -4.25 10.09
CA ILE A 98 4.05 -3.61 10.62
C ILE A 98 3.79 -2.15 10.98
N LEU A 99 2.97 -1.49 10.16
CA LEU A 99 2.63 -0.09 10.40
C LEU A 99 1.83 0.07 11.68
N VAL A 100 0.97 -0.90 11.97
CA VAL A 100 0.14 -0.88 13.16
C VAL A 100 0.94 -1.29 14.39
N SER A 101 1.87 -2.22 14.20
CA SER A 101 2.71 -2.70 15.30
C SER A 101 3.71 -1.63 15.73
N SER A 102 3.97 -0.68 14.85
CA SER A 102 4.90 0.40 15.13
C SER A 102 4.16 1.70 15.45
N GLY A 103 2.84 1.66 15.30
CA GLY A 103 2.04 2.84 15.57
C GLY A 103 2.07 3.85 14.43
N SER A 104 2.78 3.49 13.36
CA SER A 104 2.89 4.37 12.21
C SER A 104 1.51 4.71 11.65
N VAL A 105 0.54 3.86 11.95
CA VAL A 105 -0.83 4.07 11.48
C VAL A 105 -1.84 3.80 12.59
N ASN A 106 -2.74 4.76 12.82
CA ASN A 106 -3.76 4.63 13.85
C ASN A 106 -5.12 5.06 13.33
N ASN A 107 -6.11 5.07 14.22
CA ASN A 107 -7.46 5.47 13.85
C ASN A 107 -7.62 6.98 13.88
N ASN A 108 -6.81 7.67 13.07
CA ASN A 108 -6.85 9.12 13.01
C ASN A 108 -6.01 9.65 11.85
N ASN A 109 -4.89 8.97 11.59
CA ASN A 109 -4.00 9.36 10.50
C ASN A 109 -3.94 8.28 9.43
N ALA A 110 -4.62 7.16 9.68
CA ALA A 110 -4.64 6.05 8.74
C ALA A 110 -5.03 6.53 7.35
N LYS A 111 -5.97 7.46 7.29
CA LYS A 111 -6.44 8.00 6.02
C LYS A 111 -5.37 8.88 5.37
N GLN A 112 -4.63 9.60 6.19
CA GLN A 112 -3.57 10.48 5.70
C GLN A 112 -2.37 9.66 5.23
N VAL A 113 -1.92 8.74 6.07
CA VAL A 113 -0.78 7.89 5.74
C VAL A 113 -1.09 7.00 4.55
N ALA A 114 -2.32 6.52 4.48
CA ALA A 114 -2.76 5.65 3.39
C ALA A 114 -2.70 6.38 2.05
N SER A 115 -3.06 7.67 2.08
CA SER A 115 -3.06 8.47 0.86
C SER A 115 -1.64 8.81 0.42
N THR A 116 -0.81 9.21 1.38
CA THR A 116 0.58 9.55 1.10
C THR A 116 1.38 8.31 0.71
N LEU A 117 1.27 7.25 1.50
CA LEU A 117 1.98 6.01 1.24
C LEU A 117 1.68 5.50 -0.16
N SER A 118 0.40 5.47 -0.51
CA SER A 118 -0.03 4.99 -1.82
C SER A 118 0.42 5.95 -2.92
N GLU A 119 0.33 7.25 -2.64
CA GLU A 119 0.73 8.26 -3.61
C GLU A 119 2.21 8.17 -3.92
N ASN A 120 3.03 7.93 -2.89
CA ASN A 120 4.46 7.82 -3.05
C ASN A 120 4.85 6.44 -3.57
N LEU A 121 4.11 5.42 -3.12
CA LEU A 121 4.37 4.05 -3.54
C LEU A 121 4.02 3.86 -5.02
N VAL A 122 2.86 4.33 -5.41
CA VAL A 122 2.41 4.22 -6.80
C VAL A 122 3.30 5.04 -7.72
N ARG A 123 3.74 6.20 -7.25
CA ARG A 123 4.60 7.07 -8.05
C ARG A 123 5.93 6.39 -8.35
N GLU A 124 6.56 5.85 -7.31
CA GLU A 124 7.84 5.17 -7.47
C GLU A 124 7.67 3.84 -8.20
N MET A 125 6.64 3.09 -7.81
CA MET A 125 6.37 1.80 -8.43
C MET A 125 6.26 1.93 -9.95
N ALA A 126 5.52 2.95 -10.39
CA ALA A 126 5.34 3.18 -11.82
C ALA A 126 6.64 3.65 -12.47
N ASN A 127 7.43 4.41 -11.72
CA ASN A 127 8.70 4.93 -12.23
C ASN A 127 9.71 3.79 -12.41
N THR A 128 9.55 2.73 -11.61
CA THR A 128 10.45 1.59 -11.69
C THR A 128 9.92 0.53 -12.65
N ALA A 129 8.62 0.26 -12.57
CA ALA A 129 7.99 -0.73 -13.44
C ALA A 129 8.21 -0.38 -14.91
N ARG A 130 8.08 0.90 -15.24
CA ARG A 130 8.27 1.36 -16.61
C ARG A 130 9.64 0.95 -17.14
N ARG A 131 10.61 0.85 -16.24
CA ARG A 131 11.97 0.47 -16.61
C ARG A 131 12.07 -1.04 -16.84
N TYR A 132 11.09 -1.78 -16.32
CA TYR A 132 11.06 -3.22 -16.46
C TYR A 132 10.19 -3.64 -17.64
N ARG A 133 10.01 -2.73 -18.59
CA ARG A 133 9.20 -3.01 -19.77
C ARG A 133 7.72 -3.10 -19.41
N VAL A 134 7.29 -2.25 -18.48
CA VAL A 134 5.90 -2.23 -18.05
C VAL A 134 5.15 -1.05 -18.63
N ASN A 135 5.91 -0.02 -19.04
CA ASN A 135 5.31 1.17 -19.63
C ASN A 135 4.34 1.83 -18.65
N VAL A 136 4.80 2.86 -17.95
CA VAL A 136 3.97 3.56 -16.98
C VAL A 136 4.33 5.05 -16.94
N PRO A 137 3.81 5.81 -17.92
CA PRO A 137 4.05 7.25 -18.00
C PRO A 137 3.37 8.03 -16.89
N GLU A 138 3.96 9.16 -16.52
CA GLU A 138 3.41 10.00 -15.46
C GLU A 138 1.94 10.31 -15.72
N ALA A 139 1.57 10.36 -16.99
CA ALA A 139 0.19 10.64 -17.38
C ALA A 139 -0.77 9.62 -16.78
N SER A 140 -0.30 8.39 -16.62
CA SER A 140 -1.11 7.32 -16.07
C SER A 140 -0.94 7.24 -14.55
N VAL A 141 0.27 7.53 -14.08
CA VAL A 141 0.57 7.50 -12.66
C VAL A 141 -0.22 8.55 -11.90
N GLN A 142 -0.35 9.73 -12.50
CA GLN A 142 -1.09 10.83 -11.88
C GLN A 142 -2.51 10.40 -11.53
N ALA A 143 -3.11 9.60 -12.41
CA ALA A 143 -4.47 9.12 -12.20
C ALA A 143 -4.52 8.15 -11.02
N ASP A 144 -3.47 7.37 -10.85
CA ASP A 144 -3.40 6.40 -9.76
C ASP A 144 -3.25 7.10 -8.42
N VAL A 145 -2.48 8.19 -8.40
CA VAL A 145 -2.25 8.95 -7.18
C VAL A 145 -3.52 9.67 -6.73
N SER A 146 -4.26 10.22 -7.70
CA SER A 146 -5.49 10.94 -7.39
C SER A 146 -6.59 9.96 -7.00
N LEU A 147 -6.54 8.76 -7.54
CA LEU A 147 -7.54 7.73 -7.25
C LEU A 147 -7.37 7.21 -5.83
N VAL A 148 -6.14 6.83 -5.48
CA VAL A 148 -5.85 6.31 -4.15
C VAL A 148 -6.08 7.38 -3.09
N THR A 149 -5.70 8.61 -3.41
CA THR A 149 -5.86 9.72 -2.48
C THR A 149 -7.34 10.06 -2.27
N SER A 150 -8.09 10.09 -3.37
CA SER A 150 -9.51 10.41 -3.31
C SER A 150 -10.25 9.40 -2.42
N MET A 151 -9.84 8.15 -2.48
CA MET A 151 -10.45 7.09 -1.69
C MET A 151 -10.13 7.27 -0.21
N THR A 152 -8.94 7.76 0.08
CA THR A 152 -8.50 7.97 1.46
C THR A 152 -9.18 9.20 2.06
N SER A 153 -9.39 10.22 1.22
CA SER A 153 -10.03 11.44 1.68
C SER A 153 -11.29 11.14 2.48
N THR A 154 -12.08 10.19 1.99
CA THR A 154 -13.32 9.80 2.65
C THR A 154 -13.19 8.43 3.30
N PHE A 155 -12.15 8.25 4.11
CA PHE A 155 -11.91 6.99 4.79
C PHE A 155 -12.06 7.15 6.31
N VAL A 156 -13.01 6.41 6.89
CA VAL A 156 -13.25 6.47 8.31
C VAL A 156 -13.28 5.07 8.93
N ILE A 157 -12.43 4.84 9.92
CA ILE A 157 -12.35 3.55 10.59
C ILE A 157 -13.71 3.15 11.15
N SER A 158 -14.20 1.99 10.72
CA SER A 158 -15.49 1.50 11.19
C SER A 158 -15.38 0.92 12.60
N SER A 159 -15.13 1.80 13.57
CA SER A 159 -14.99 1.38 14.95
C SER A 159 -15.99 2.12 15.84
N GLN A 160 -16.18 1.62 17.06
CA GLN A 160 -17.10 2.23 18.01
C GLN A 160 -16.60 3.61 18.42
N THR A 161 -17.53 4.53 18.66
CA THR A 161 -17.20 5.88 19.07
C THR A 161 -16.37 6.60 18.00
N SER A 162 -17.06 7.24 17.06
CA SER A 162 -16.39 7.95 15.98
C SER A 162 -17.31 9.01 15.39
N VAL A 163 -17.63 10.03 16.18
CA VAL A 163 -18.51 11.12 15.73
C VAL A 163 -18.38 12.33 16.63
N GLN A 164 -18.45 13.51 16.03
CA GLN A 164 -18.34 14.76 16.78
C GLN A 164 -19.56 15.65 16.55
N MET A 165 -19.64 16.25 15.36
CA MET A 165 -20.76 17.11 15.02
C MET A 165 -21.03 17.08 13.52
N GLY A 166 -22.30 16.92 13.16
CA GLY A 166 -22.67 16.87 11.75
C GLY A 166 -22.56 18.21 11.08
N GLY A 167 -22.06 18.22 9.84
CA GLY A 167 -21.92 19.46 9.11
C GLY A 167 -20.98 20.43 9.79
N MET A 1 -0.14 -13.12 9.52
CA MET A 1 0.70 -12.39 10.45
C MET A 1 -0.03 -11.19 11.04
N HIS A 2 -0.10 -11.13 12.36
CA HIS A 2 -0.78 -10.04 13.05
C HIS A 2 -2.28 -10.03 12.71
N HIS A 3 -3.10 -10.47 13.65
CA HIS A 3 -4.54 -10.52 13.45
C HIS A 3 -5.18 -9.20 13.86
N HIS A 4 -5.13 -8.89 15.15
CA HIS A 4 -5.71 -7.65 15.67
C HIS A 4 -7.22 -7.63 15.45
N HIS A 5 -7.97 -7.85 16.52
CA HIS A 5 -9.42 -7.85 16.44
C HIS A 5 -10.04 -7.74 17.84
N HIS A 6 -11.08 -6.91 17.95
CA HIS A 6 -11.75 -6.72 19.23
C HIS A 6 -13.09 -5.99 19.03
N HIS A 7 -13.00 -4.71 18.72
CA HIS A 7 -14.20 -3.91 18.50
C HIS A 7 -14.11 -3.13 17.19
N SER A 8 -15.19 -3.17 16.41
CA SER A 8 -15.23 -2.49 15.12
C SER A 8 -14.18 -3.05 14.18
N GLY A 9 -14.34 -2.75 12.88
CA GLY A 9 -13.39 -3.23 11.89
C GLY A 9 -11.96 -2.88 12.23
N SER A 10 -11.11 -3.91 12.33
CA SER A 10 -9.71 -3.71 12.66
C SER A 10 -9.07 -2.68 11.73
N LEU A 11 -8.13 -1.91 12.26
CA LEU A 11 -7.45 -0.89 11.48
C LEU A 11 -6.64 -1.50 10.34
N GLY A 12 -6.03 -2.66 10.61
CA GLY A 12 -5.25 -3.33 9.60
C GLY A 12 -6.10 -3.89 8.48
N ASP A 13 -7.31 -4.31 8.82
CA ASP A 13 -8.23 -4.87 7.83
C ASP A 13 -8.74 -3.78 6.89
N GLN A 14 -9.18 -2.67 7.46
CA GLN A 14 -9.69 -1.55 6.67
C GLN A 14 -8.60 -1.00 5.75
N LEU A 15 -7.42 -0.78 6.31
CA LEU A 15 -6.30 -0.24 5.53
C LEU A 15 -6.00 -1.13 4.33
N THR A 16 -5.98 -2.44 4.55
CA THR A 16 -5.71 -3.39 3.49
C THR A 16 -6.85 -3.42 2.48
N SER A 17 -8.07 -3.36 2.98
CA SER A 17 -9.26 -3.39 2.12
C SER A 17 -9.25 -2.22 1.15
N THR A 18 -8.93 -1.03 1.67
CA THR A 18 -8.88 0.17 0.85
C THR A 18 -7.61 0.22 0.00
N LEU A 19 -6.47 0.00 0.65
CA LEU A 19 -5.18 0.02 -0.04
C LEU A 19 -5.18 -0.98 -1.20
N ALA A 20 -5.66 -2.18 -0.94
CA ALA A 20 -5.71 -3.23 -1.96
C ALA A 20 -6.75 -2.90 -3.02
N SER A 21 -7.89 -2.37 -2.58
CA SER A 21 -8.97 -2.02 -3.50
C SER A 21 -8.52 -0.94 -4.48
N ALA A 22 -7.86 0.09 -3.95
CA ALA A 22 -7.37 1.19 -4.78
C ALA A 22 -6.26 0.73 -5.71
N LEU A 23 -5.31 -0.03 -5.16
CA LEU A 23 -4.18 -0.54 -5.94
C LEU A 23 -4.66 -1.55 -6.97
N THR A 24 -5.87 -2.06 -6.78
CA THR A 24 -6.44 -3.05 -7.69
C THR A 24 -6.96 -2.39 -8.96
N LYS A 25 -7.31 -1.11 -8.86
CA LYS A 25 -7.81 -0.37 -10.01
C LYS A 25 -6.79 0.65 -10.49
N THR A 26 -5.54 0.49 -10.05
CA THR A 26 -4.47 1.40 -10.44
C THR A 26 -3.67 0.83 -11.60
N ASN A 27 -3.55 1.62 -12.66
CA ASN A 27 -2.81 1.20 -13.85
C ASN A 27 -1.41 0.73 -13.48
N THR A 28 -0.86 1.31 -12.41
CA THR A 28 0.48 0.95 -11.96
C THR A 28 0.53 -0.52 -11.53
N LEU A 29 -0.60 -1.05 -11.10
CA LEU A 29 -0.69 -2.44 -10.67
C LEU A 29 -1.17 -3.33 -11.80
N LYS A 30 -2.09 -2.81 -12.62
CA LYS A 30 -2.63 -3.57 -13.74
C LYS A 30 -1.59 -3.73 -14.84
N ALA A 31 -0.73 -2.73 -14.99
CA ALA A 31 0.31 -2.78 -16.01
C ALA A 31 1.35 -3.85 -15.68
N VAL A 32 1.81 -3.85 -14.43
CA VAL A 32 2.81 -4.82 -13.99
C VAL A 32 2.20 -6.21 -13.89
N SER A 33 0.97 -6.29 -13.38
CA SER A 33 0.28 -7.56 -13.23
C SER A 33 0.04 -8.22 -14.58
N ALA A 34 -0.49 -7.44 -15.52
CA ALA A 34 -0.77 -7.95 -16.86
C ALA A 34 0.52 -8.26 -17.61
N SER A 35 1.60 -7.59 -17.22
CA SER A 35 2.90 -7.80 -17.85
C SER A 35 3.52 -9.12 -17.40
N LYS A 36 3.16 -9.55 -16.21
CA LYS A 36 3.68 -10.80 -15.66
C LYS A 36 5.20 -10.83 -15.75
N PRO A 37 5.86 -9.88 -15.08
CA PRO A 37 7.32 -9.78 -15.06
C PRO A 37 7.97 -10.92 -14.28
N SER A 38 8.15 -10.72 -12.98
CA SER A 38 8.77 -11.72 -12.13
C SER A 38 8.90 -11.21 -10.70
N ALA A 39 8.90 -12.14 -9.75
CA ALA A 39 9.01 -11.78 -8.33
C ALA A 39 10.36 -11.10 -8.05
N ASN A 40 11.29 -11.26 -8.98
CA ASN A 40 12.62 -10.66 -8.82
C ASN A 40 12.55 -9.15 -9.00
N VAL A 41 11.92 -8.71 -10.08
CA VAL A 41 11.79 -7.29 -10.37
C VAL A 41 10.65 -6.67 -9.56
N ALA A 42 9.61 -7.47 -9.31
CA ALA A 42 8.47 -7.00 -8.54
C ALA A 42 8.88 -6.53 -7.15
N VAL A 43 9.80 -7.27 -6.53
CA VAL A 43 10.28 -6.94 -5.21
C VAL A 43 11.07 -5.63 -5.22
N ALA A 44 11.88 -5.44 -6.26
CA ALA A 44 12.67 -4.23 -6.40
C ALA A 44 11.80 -3.02 -6.70
N ILE A 45 10.73 -3.25 -7.46
CA ILE A 45 9.82 -2.18 -7.83
C ILE A 45 9.00 -1.71 -6.62
N VAL A 46 8.46 -2.67 -5.88
CA VAL A 46 7.66 -2.35 -4.70
C VAL A 46 8.52 -1.71 -3.61
N THR A 47 9.75 -2.18 -3.48
CA THR A 47 10.68 -1.65 -2.47
C THR A 47 10.94 -0.17 -2.71
N SER A 48 11.08 0.21 -3.97
CA SER A 48 11.35 1.60 -4.33
C SER A 48 10.22 2.51 -3.84
N GLY A 49 8.98 2.07 -4.05
CA GLY A 49 7.84 2.86 -3.62
C GLY A 49 7.66 2.85 -2.11
N LEU A 50 8.02 1.74 -1.49
CA LEU A 50 7.90 1.61 -0.04
C LEU A 50 8.85 2.56 0.69
N LYS A 51 10.07 2.66 0.17
CA LYS A 51 11.07 3.54 0.77
C LYS A 51 10.66 5.00 0.63
N LYS A 52 10.14 5.37 -0.53
CA LYS A 52 9.70 6.72 -0.78
C LYS A 52 8.47 7.07 0.04
N ALA A 53 7.51 6.14 0.08
CA ALA A 53 6.28 6.35 0.85
C ALA A 53 6.58 6.54 2.32
N LEU A 54 7.39 5.65 2.88
CA LEU A 54 7.76 5.72 4.29
C LEU A 54 8.65 6.93 4.56
N GLY A 55 9.51 7.25 3.60
CA GLY A 55 10.41 8.38 3.74
C GLY A 55 9.67 9.71 3.75
N ALA A 56 8.55 9.76 3.04
CA ALA A 56 7.74 10.97 2.96
C ALA A 56 6.88 11.14 4.21
N LEU A 57 6.69 10.05 4.94
CA LEU A 57 5.89 10.08 6.15
C LEU A 57 6.77 10.12 7.39
N ARG A 58 8.04 10.41 7.20
CA ARG A 58 8.99 10.49 8.30
C ARG A 58 8.94 9.22 9.15
N ILE A 59 8.61 8.11 8.51
CA ILE A 59 8.53 6.83 9.20
C ILE A 59 9.89 6.38 9.71
N ASN A 60 9.93 5.89 10.94
CA ASN A 60 11.17 5.43 11.55
C ASN A 60 11.89 4.46 10.63
N ALA A 61 13.22 4.60 10.55
CA ALA A 61 14.03 3.73 9.71
C ALA A 61 13.92 2.27 10.16
N GLY A 62 13.84 2.06 11.46
CA GLY A 62 13.73 0.71 11.99
C GLY A 62 12.54 -0.03 11.43
N VAL A 63 11.36 0.59 11.51
CA VAL A 63 10.13 -0.01 11.02
C VAL A 63 10.11 -0.03 9.49
N SER A 64 10.65 1.02 8.88
CA SER A 64 10.68 1.14 7.44
C SER A 64 11.64 0.11 6.83
N SER A 65 12.49 -0.46 7.68
CA SER A 65 13.46 -1.46 7.23
C SER A 65 12.82 -2.84 7.14
N GLN A 66 12.09 -3.21 8.19
CA GLN A 66 11.42 -4.51 8.23
C GLN A 66 10.26 -4.56 7.26
N LEU A 67 9.59 -3.42 7.09
CA LEU A 67 8.45 -3.32 6.18
C LEU A 67 8.85 -3.70 4.76
N THR A 68 10.05 -3.30 4.36
CA THR A 68 10.57 -3.59 3.02
C THR A 68 10.89 -5.08 2.88
N SER A 69 11.45 -5.67 3.93
CA SER A 69 11.81 -7.07 3.92
C SER A 69 10.56 -7.96 3.91
N ALA A 70 9.54 -7.52 4.63
CA ALA A 70 8.29 -8.27 4.71
C ALA A 70 7.50 -8.14 3.42
N VAL A 71 7.23 -6.92 3.01
CA VAL A 71 6.48 -6.66 1.78
C VAL A 71 7.09 -7.41 0.61
N SER A 72 8.42 -7.45 0.56
CA SER A 72 9.13 -8.12 -0.52
C SER A 72 8.85 -9.63 -0.50
N GLN A 73 8.74 -10.18 0.71
CA GLN A 73 8.47 -11.60 0.86
C GLN A 73 7.12 -11.98 0.29
N ALA A 74 6.09 -11.23 0.67
CA ALA A 74 4.73 -11.48 0.18
C ALA A 74 4.64 -11.26 -1.32
N VAL A 75 5.32 -10.21 -1.80
CA VAL A 75 5.31 -9.89 -3.23
C VAL A 75 6.09 -10.92 -4.02
N ALA A 76 7.00 -11.63 -3.35
CA ALA A 76 7.82 -12.64 -3.99
C ALA A 76 7.15 -14.01 -3.91
N ASN A 77 6.06 -14.09 -3.16
CA ASN A 77 5.33 -15.35 -3.00
C ASN A 77 4.04 -15.33 -3.80
N VAL A 78 3.57 -14.14 -4.14
CA VAL A 78 2.34 -13.98 -4.90
C VAL A 78 2.43 -14.70 -6.24
N ARG A 79 3.65 -14.99 -6.68
CA ARG A 79 3.88 -15.68 -7.94
C ARG A 79 3.39 -14.83 -9.12
N PRO A 80 4.20 -14.79 -10.19
CA PRO A 80 3.88 -14.03 -11.38
C PRO A 80 2.72 -14.64 -12.18
N GLY A 81 1.97 -13.78 -12.88
CA GLY A 81 0.85 -14.26 -13.65
C GLY A 81 -0.47 -14.13 -12.92
N SER A 82 -0.43 -13.47 -11.76
CA SER A 82 -1.63 -13.29 -10.95
C SER A 82 -2.16 -11.86 -11.08
N SER A 83 -3.46 -11.70 -10.89
CA SER A 83 -4.10 -10.40 -10.99
C SER A 83 -3.39 -9.38 -10.10
N PRO A 84 -3.63 -8.08 -10.38
CA PRO A 84 -3.03 -6.99 -9.62
C PRO A 84 -3.59 -6.88 -8.22
N ALA A 85 -4.62 -7.67 -7.93
CA ALA A 85 -5.25 -7.67 -6.62
C ALA A 85 -4.36 -8.35 -5.59
N VAL A 86 -3.76 -9.48 -5.97
CA VAL A 86 -2.89 -10.22 -5.08
C VAL A 86 -1.62 -9.45 -4.77
N TYR A 87 -1.12 -8.73 -5.78
CA TYR A 87 0.10 -7.94 -5.62
C TYR A 87 -0.12 -6.80 -4.62
N ALA A 88 -1.25 -6.12 -4.76
CA ALA A 88 -1.58 -5.01 -3.87
C ALA A 88 -1.80 -5.49 -2.44
N LYS A 89 -2.33 -6.70 -2.31
CA LYS A 89 -2.59 -7.28 -0.99
C LYS A 89 -1.29 -7.75 -0.34
N ALA A 90 -0.38 -8.27 -1.16
CA ALA A 90 0.90 -8.76 -0.66
C ALA A 90 1.80 -7.60 -0.24
N ILE A 91 1.36 -6.38 -0.54
CA ILE A 91 2.12 -5.19 -0.20
C ILE A 91 1.45 -4.41 0.93
N ALA A 92 0.14 -4.60 1.08
CA ALA A 92 -0.62 -3.92 2.13
C ALA A 92 -0.70 -4.77 3.39
N ALA A 93 -0.83 -6.07 3.22
CA ALA A 93 -0.91 -6.99 4.35
C ALA A 93 0.28 -6.82 5.28
N PRO A 94 1.49 -7.03 4.74
CA PRO A 94 2.74 -6.91 5.49
C PRO A 94 3.05 -5.46 5.87
N SER A 95 2.32 -4.53 5.27
CA SER A 95 2.52 -3.11 5.53
C SER A 95 1.67 -2.66 6.73
N VAL A 96 0.42 -3.09 6.76
CA VAL A 96 -0.49 -2.73 7.85
C VAL A 96 -0.08 -3.42 9.15
N GLN A 97 0.34 -4.67 9.04
CA GLN A 97 0.75 -5.44 10.22
C GLN A 97 1.95 -4.79 10.89
N ILE A 98 2.86 -4.26 10.08
CA ILE A 98 4.06 -3.61 10.61
C ILE A 98 3.78 -2.15 10.97
N LEU A 99 2.95 -1.51 10.16
CA LEU A 99 2.60 -0.11 10.40
C LEU A 99 1.81 0.04 11.70
N VAL A 100 0.99 -0.95 12.00
CA VAL A 100 0.19 -0.93 13.22
C VAL A 100 1.01 -1.35 14.43
N SER A 101 1.94 -2.28 14.21
CA SER A 101 2.79 -2.78 15.29
C SER A 101 3.82 -1.72 15.70
N SER A 102 4.11 -0.80 14.78
CA SER A 102 5.09 0.25 15.04
C SER A 102 4.38 1.56 15.39
N GLY A 103 3.05 1.54 15.32
CA GLY A 103 2.28 2.74 15.62
C GLY A 103 2.35 3.76 14.51
N SER A 104 2.99 3.39 13.40
CA SER A 104 3.12 4.30 12.26
C SER A 104 1.75 4.72 11.74
N VAL A 105 0.74 3.94 12.05
CA VAL A 105 -0.63 4.23 11.63
C VAL A 105 -1.62 4.04 12.76
N ASN A 106 -2.42 5.07 13.03
CA ASN A 106 -3.42 5.02 14.09
C ASN A 106 -4.81 5.32 13.54
N ASN A 107 -5.79 5.38 14.44
CA ASN A 107 -7.17 5.65 14.06
C ASN A 107 -7.40 7.15 13.89
N ASN A 108 -6.63 7.78 13.02
CA ASN A 108 -6.75 9.21 12.78
C ASN A 108 -5.83 9.64 11.63
N ASN A 109 -4.69 8.99 11.52
CA ASN A 109 -3.73 9.31 10.47
C ASN A 109 -3.70 8.21 9.40
N ALA A 110 -4.36 7.10 9.69
CA ALA A 110 -4.42 5.98 8.75
C ALA A 110 -4.87 6.44 7.37
N LYS A 111 -5.79 7.39 7.34
CA LYS A 111 -6.30 7.92 6.07
C LYS A 111 -5.25 8.77 5.39
N GLN A 112 -4.47 9.50 6.18
CA GLN A 112 -3.42 10.36 5.64
C GLN A 112 -2.24 9.54 5.14
N VAL A 113 -1.77 8.62 5.98
CA VAL A 113 -0.64 7.77 5.62
C VAL A 113 -0.98 6.86 4.45
N ALA A 114 -2.22 6.38 4.42
CA ALA A 114 -2.69 5.51 3.35
C ALA A 114 -2.69 6.24 2.02
N SER A 115 -3.06 7.53 2.05
CA SER A 115 -3.12 8.33 0.84
C SER A 115 -1.72 8.63 0.32
N THR A 116 -0.82 9.01 1.22
CA THR A 116 0.55 9.33 0.85
C THR A 116 1.33 8.06 0.49
N LEU A 117 1.03 6.97 1.19
CA LEU A 117 1.70 5.70 0.95
C LEU A 117 1.54 5.27 -0.51
N SER A 118 0.30 5.11 -0.94
CA SER A 118 0.01 4.70 -2.31
C SER A 118 0.47 5.77 -3.30
N GLU A 119 0.32 7.03 -2.91
CA GLU A 119 0.71 8.15 -3.76
C GLU A 119 2.19 8.06 -4.13
N ASN A 120 3.03 7.90 -3.12
CA ASN A 120 4.47 7.80 -3.33
C ASN A 120 4.86 6.42 -3.84
N LEU A 121 4.17 5.40 -3.33
CA LEU A 121 4.45 4.02 -3.74
C LEU A 121 4.19 3.83 -5.23
N VAL A 122 3.06 4.34 -5.71
CA VAL A 122 2.70 4.23 -7.12
C VAL A 122 3.67 5.03 -7.98
N ARG A 123 3.93 6.27 -7.59
CA ARG A 123 4.84 7.13 -8.34
C ARG A 123 6.19 6.46 -8.55
N GLU A 124 6.76 5.93 -7.46
CA GLU A 124 8.06 5.25 -7.54
C GLU A 124 7.92 3.92 -8.26
N MET A 125 6.88 3.17 -7.93
CA MET A 125 6.64 1.87 -8.55
C MET A 125 6.62 1.98 -10.07
N ALA A 126 5.95 3.02 -10.57
CA ALA A 126 5.84 3.23 -12.00
C ALA A 126 7.20 3.65 -12.59
N ASN A 127 7.97 4.39 -11.80
CA ASN A 127 9.29 4.85 -12.25
C ASN A 127 10.26 3.69 -12.37
N THR A 128 10.04 2.65 -11.57
CA THR A 128 10.89 1.47 -11.59
C THR A 128 10.35 0.41 -12.56
N ALA A 129 9.03 0.28 -12.60
CA ALA A 129 8.39 -0.69 -13.48
C ALA A 129 8.74 -0.42 -14.93
N ARG A 130 8.78 0.87 -15.29
CA ARG A 130 9.09 1.26 -16.66
C ARG A 130 10.44 0.68 -17.10
N ARG A 131 11.36 0.55 -16.15
CA ARG A 131 12.68 0.03 -16.45
C ARG A 131 12.64 -1.50 -16.58
N TYR A 132 11.50 -2.08 -16.22
CA TYR A 132 11.33 -3.53 -16.30
C TYR A 132 10.37 -3.90 -17.43
N ARG A 133 10.37 -3.11 -18.49
CA ARG A 133 9.50 -3.35 -19.64
C ARG A 133 8.06 -2.97 -19.31
N VAL A 134 7.86 -2.37 -18.14
CA VAL A 134 6.53 -1.95 -17.71
C VAL A 134 6.38 -0.45 -17.78
N ASN A 135 6.67 0.12 -18.95
CA ASN A 135 6.57 1.56 -19.15
C ASN A 135 5.21 2.08 -18.69
N VAL A 136 5.24 3.18 -17.95
CA VAL A 136 4.01 3.78 -17.44
C VAL A 136 4.00 5.29 -17.67
N PRO A 137 2.98 5.77 -18.40
CA PRO A 137 2.83 7.20 -18.71
C PRO A 137 2.46 8.02 -17.48
N GLU A 138 3.13 9.15 -17.30
CA GLU A 138 2.87 10.02 -16.16
C GLU A 138 1.40 10.39 -16.09
N ALA A 139 0.73 10.38 -17.23
CA ALA A 139 -0.69 10.71 -17.29
C ALA A 139 -1.53 9.65 -16.59
N SER A 140 -1.05 8.41 -16.59
CA SER A 140 -1.76 7.31 -15.95
C SER A 140 -1.41 7.23 -14.46
N VAL A 141 -0.15 7.50 -14.14
CA VAL A 141 0.31 7.47 -12.75
C VAL A 141 -0.40 8.51 -11.92
N GLN A 142 -0.48 9.73 -12.43
CA GLN A 142 -1.13 10.83 -11.72
C GLN A 142 -2.57 10.46 -11.38
N ALA A 143 -3.23 9.74 -12.27
CA ALA A 143 -4.61 9.32 -12.05
C ALA A 143 -4.71 8.31 -10.92
N ASP A 144 -3.68 7.46 -10.80
CA ASP A 144 -3.65 6.44 -9.75
C ASP A 144 -3.46 7.09 -8.38
N VAL A 145 -2.65 8.14 -8.33
CA VAL A 145 -2.38 8.83 -7.08
C VAL A 145 -3.63 9.58 -6.59
N SER A 146 -4.33 10.20 -7.53
CA SER A 146 -5.54 10.96 -7.20
C SER A 146 -6.68 10.03 -6.78
N LEU A 147 -6.68 8.82 -7.36
CA LEU A 147 -7.71 7.83 -7.05
C LEU A 147 -7.52 7.28 -5.64
N VAL A 148 -6.30 6.85 -5.34
CA VAL A 148 -5.99 6.29 -4.03
C VAL A 148 -6.16 7.34 -2.93
N THR A 149 -5.78 8.58 -3.24
CA THR A 149 -5.89 9.68 -2.28
C THR A 149 -7.35 10.05 -2.05
N SER A 150 -8.13 10.13 -3.12
CA SER A 150 -9.54 10.47 -3.02
C SER A 150 -10.29 9.47 -2.16
N MET A 151 -9.91 8.20 -2.27
CA MET A 151 -10.55 7.14 -1.50
C MET A 151 -10.21 7.27 -0.01
N THR A 152 -8.97 7.62 0.28
CA THR A 152 -8.52 7.78 1.66
C THR A 152 -9.22 8.96 2.32
N SER A 153 -9.39 10.05 1.58
CA SER A 153 -10.04 11.24 2.10
C SER A 153 -11.35 10.89 2.79
N THR A 154 -12.13 10.01 2.17
CA THR A 154 -13.40 9.58 2.72
C THR A 154 -13.29 8.21 3.39
N PHE A 155 -12.21 8.02 4.16
CA PHE A 155 -11.99 6.77 4.86
C PHE A 155 -12.33 6.90 6.34
N VAL A 156 -13.28 6.09 6.80
CA VAL A 156 -13.70 6.11 8.19
C VAL A 156 -13.35 4.81 8.90
N ILE A 157 -12.50 4.90 9.91
CA ILE A 157 -12.08 3.72 10.66
C ILE A 157 -13.06 3.43 11.79
N SER A 158 -13.04 2.18 12.26
CA SER A 158 -13.93 1.76 13.33
C SER A 158 -15.39 1.79 12.89
N SER A 159 -15.82 0.74 12.20
CA SER A 159 -17.19 0.65 11.72
C SER A 159 -18.18 0.91 12.84
N GLN A 160 -19.40 1.31 12.46
CA GLN A 160 -20.44 1.59 13.44
C GLN A 160 -20.03 2.73 14.36
N THR A 161 -20.55 3.93 14.09
CA THR A 161 -20.23 5.11 14.89
C THR A 161 -18.75 5.45 14.80
N SER A 162 -18.44 6.53 14.08
CA SER A 162 -17.06 6.96 13.90
C SER A 162 -17.00 8.33 13.25
N VAL A 163 -17.92 9.21 13.64
CA VAL A 163 -17.97 10.56 13.09
C VAL A 163 -18.21 11.60 14.19
N GLN A 164 -17.52 12.73 14.08
CA GLN A 164 -17.66 13.80 15.06
C GLN A 164 -16.98 15.08 14.58
N MET A 165 -17.44 16.21 15.08
CA MET A 165 -16.89 17.50 14.69
C MET A 165 -17.35 18.61 15.65
N GLY A 166 -16.95 19.84 15.35
CA GLY A 166 -17.34 20.97 16.18
C GLY A 166 -16.58 22.23 15.84
N GLY A 167 -17.32 23.32 15.62
CA GLY A 167 -16.70 24.58 15.28
C GLY A 167 -16.28 24.65 13.82
N MET A 1 -0.96 -14.82 15.24
CA MET A 1 -0.20 -13.58 15.12
C MET A 1 -0.87 -12.45 15.88
N HIS A 2 -2.19 -12.35 15.74
CA HIS A 2 -2.96 -11.31 16.41
C HIS A 2 -4.43 -11.70 16.53
N HIS A 3 -5.23 -10.83 17.13
CA HIS A 3 -6.65 -11.08 17.30
C HIS A 3 -7.45 -10.53 16.12
N HIS A 4 -8.77 -10.54 16.25
CA HIS A 4 -9.64 -10.04 15.20
C HIS A 4 -11.05 -9.79 15.73
N HIS A 5 -11.69 -10.83 16.25
CA HIS A 5 -13.04 -10.72 16.79
C HIS A 5 -13.12 -9.59 17.81
N HIS A 6 -13.93 -8.58 17.51
CA HIS A 6 -14.10 -7.43 18.40
C HIS A 6 -15.15 -6.47 17.86
N HIS A 7 -15.75 -5.69 18.75
CA HIS A 7 -16.77 -4.73 18.36
C HIS A 7 -16.14 -3.45 17.82
N SER A 8 -15.37 -3.58 16.74
CA SER A 8 -14.70 -2.44 16.13
C SER A 8 -13.97 -2.85 14.87
N GLY A 9 -14.29 -2.18 13.76
CA GLY A 9 -13.64 -2.49 12.50
C GLY A 9 -12.13 -2.46 12.59
N SER A 10 -11.50 -3.63 12.40
CA SER A 10 -10.06 -3.74 12.47
C SER A 10 -9.39 -2.69 11.57
N LEU A 11 -8.66 -1.78 12.19
CA LEU A 11 -7.97 -0.72 11.44
C LEU A 11 -7.14 -1.31 10.31
N GLY A 12 -6.44 -2.40 10.60
CA GLY A 12 -5.62 -3.05 9.59
C GLY A 12 -6.44 -3.68 8.49
N ASP A 13 -7.62 -4.18 8.84
CA ASP A 13 -8.51 -4.81 7.87
C ASP A 13 -8.99 -3.80 6.83
N GLN A 14 -9.49 -2.67 7.31
CA GLN A 14 -9.99 -1.62 6.42
C GLN A 14 -8.87 -1.07 5.55
N LEU A 15 -7.73 -0.80 6.17
CA LEU A 15 -6.58 -0.26 5.45
C LEU A 15 -6.18 -1.18 4.29
N THR A 16 -6.17 -2.48 4.56
CA THR A 16 -5.80 -3.46 3.54
C THR A 16 -6.88 -3.54 2.45
N SER A 17 -8.13 -3.47 2.87
CA SER A 17 -9.25 -3.54 1.94
C SER A 17 -9.28 -2.31 1.03
N THR A 18 -8.99 -1.14 1.61
CA THR A 18 -8.99 0.10 0.86
C THR A 18 -7.72 0.23 0.02
N LEU A 19 -6.57 0.05 0.67
CA LEU A 19 -5.29 0.14 -0.02
C LEU A 19 -5.24 -0.82 -1.20
N ALA A 20 -5.67 -2.05 -0.98
CA ALA A 20 -5.68 -3.07 -2.02
C ALA A 20 -6.72 -2.76 -3.09
N SER A 21 -7.88 -2.26 -2.66
CA SER A 21 -8.95 -1.93 -3.58
C SER A 21 -8.50 -0.86 -4.57
N ALA A 22 -7.83 0.17 -4.07
CA ALA A 22 -7.34 1.25 -4.91
C ALA A 22 -6.22 0.77 -5.83
N LEU A 23 -5.29 0.02 -5.26
CA LEU A 23 -4.16 -0.50 -6.02
C LEU A 23 -4.63 -1.53 -7.04
N THR A 24 -5.84 -2.03 -6.86
CA THR A 24 -6.40 -3.03 -7.76
C THR A 24 -6.90 -2.39 -9.05
N LYS A 25 -7.21 -1.09 -8.99
CA LYS A 25 -7.69 -0.36 -10.14
C LYS A 25 -6.64 0.66 -10.62
N THR A 26 -5.42 0.49 -10.15
CA THR A 26 -4.33 1.39 -10.52
C THR A 26 -3.52 0.83 -11.68
N ASN A 27 -3.35 1.63 -12.73
CA ASN A 27 -2.59 1.20 -13.90
C ASN A 27 -1.21 0.68 -13.50
N THR A 28 -0.66 1.24 -12.42
CA THR A 28 0.65 0.84 -11.94
C THR A 28 0.65 -0.62 -11.51
N LEU A 29 -0.52 -1.14 -11.16
CA LEU A 29 -0.66 -2.52 -10.72
C LEU A 29 -1.19 -3.39 -11.86
N LYS A 30 -2.14 -2.86 -12.62
CA LYS A 30 -2.72 -3.58 -13.74
C LYS A 30 -1.71 -3.77 -14.85
N ALA A 31 -0.83 -2.79 -15.03
CA ALA A 31 0.19 -2.85 -16.06
C ALA A 31 1.27 -3.89 -15.70
N VAL A 32 1.75 -3.83 -14.47
CA VAL A 32 2.78 -4.76 -14.00
C VAL A 32 2.21 -6.17 -13.86
N SER A 33 0.98 -6.27 -13.36
CA SER A 33 0.33 -7.56 -13.16
C SER A 33 0.11 -8.25 -14.50
N ALA A 34 -0.44 -7.53 -15.46
CA ALA A 34 -0.70 -8.08 -16.79
C ALA A 34 0.60 -8.39 -17.52
N SER A 35 1.66 -7.68 -17.16
CA SER A 35 2.97 -7.87 -17.78
C SER A 35 3.59 -9.19 -17.33
N LYS A 36 3.21 -9.64 -16.15
CA LYS A 36 3.73 -10.90 -15.61
C LYS A 36 5.26 -10.91 -15.65
N PRO A 37 5.88 -9.97 -14.93
CA PRO A 37 7.34 -9.86 -14.87
C PRO A 37 7.97 -11.01 -14.09
N SER A 38 8.14 -10.83 -12.79
CA SER A 38 8.74 -11.85 -11.94
C SER A 38 8.94 -11.33 -10.52
N ALA A 39 9.08 -12.25 -9.57
CA ALA A 39 9.28 -11.89 -8.18
C ALA A 39 10.58 -11.12 -7.98
N ASN A 40 11.51 -11.33 -8.91
CA ASN A 40 12.81 -10.65 -8.85
C ASN A 40 12.66 -9.16 -9.12
N VAL A 41 11.95 -8.82 -10.19
CA VAL A 41 11.73 -7.43 -10.56
C VAL A 41 10.61 -6.81 -9.74
N ALA A 42 9.58 -7.61 -9.45
CA ALA A 42 8.44 -7.15 -8.66
C ALA A 42 8.89 -6.58 -7.32
N VAL A 43 9.86 -7.26 -6.70
CA VAL A 43 10.37 -6.83 -5.41
C VAL A 43 11.12 -5.50 -5.53
N ALA A 44 11.85 -5.34 -6.62
CA ALA A 44 12.60 -4.11 -6.87
C ALA A 44 11.67 -2.93 -7.13
N ILE A 45 10.56 -3.20 -7.79
CA ILE A 45 9.58 -2.16 -8.10
C ILE A 45 8.85 -1.71 -6.85
N VAL A 46 8.46 -2.67 -6.01
CA VAL A 46 7.75 -2.36 -4.78
C VAL A 46 8.67 -1.68 -3.77
N THR A 47 9.93 -2.14 -3.73
CA THR A 47 10.92 -1.58 -2.81
C THR A 47 11.10 -0.09 -3.04
N SER A 48 11.13 0.31 -4.31
CA SER A 48 11.31 1.71 -4.67
C SER A 48 10.21 2.58 -4.06
N GLY A 49 8.97 2.12 -4.19
CA GLY A 49 7.84 2.86 -3.64
C GLY A 49 7.78 2.79 -2.13
N LEU A 50 8.17 1.64 -1.58
CA LEU A 50 8.15 1.44 -0.14
C LEU A 50 9.09 2.42 0.56
N LYS A 51 10.27 2.60 -0.03
CA LYS A 51 11.28 3.50 0.54
C LYS A 51 10.80 4.95 0.45
N LYS A 52 10.21 5.31 -0.68
CA LYS A 52 9.71 6.66 -0.89
C LYS A 52 8.52 6.95 0.02
N ALA A 53 7.60 5.99 0.12
CA ALA A 53 6.42 6.14 0.95
C ALA A 53 6.80 6.36 2.42
N LEU A 54 7.70 5.52 2.92
CA LEU A 54 8.15 5.63 4.31
C LEU A 54 8.99 6.90 4.51
N GLY A 55 9.74 7.27 3.49
CA GLY A 55 10.57 8.45 3.56
C GLY A 55 9.75 9.73 3.59
N ALA A 56 8.62 9.72 2.90
CA ALA A 56 7.74 10.89 2.85
C ALA A 56 6.88 10.98 4.11
N LEU A 57 6.75 9.87 4.81
CA LEU A 57 5.96 9.82 6.03
C LEU A 57 6.83 9.91 7.27
N ARG A 58 8.12 10.24 7.05
CA ARG A 58 9.06 10.36 8.16
C ARG A 58 9.04 9.11 9.03
N ILE A 59 8.73 7.97 8.43
CA ILE A 59 8.68 6.71 9.15
C ILE A 59 10.05 6.31 9.66
N ASN A 60 10.11 5.86 10.91
CA ASN A 60 11.38 5.43 11.51
C ASN A 60 12.10 4.44 10.60
N ALA A 61 13.42 4.62 10.47
CA ALA A 61 14.24 3.74 9.65
C ALA A 61 14.14 2.30 10.13
N GLY A 62 14.10 2.12 11.44
CA GLY A 62 14.02 0.78 12.01
C GLY A 62 12.81 0.01 11.49
N VAL A 63 11.64 0.62 11.61
CA VAL A 63 10.40 0.00 11.15
C VAL A 63 10.33 -0.04 9.63
N SER A 64 10.86 0.99 9.00
CA SER A 64 10.86 1.08 7.54
C SER A 64 11.76 0.01 6.93
N SER A 65 12.66 -0.54 7.74
CA SER A 65 13.58 -1.56 7.27
C SER A 65 12.90 -2.93 7.23
N GLN A 66 12.18 -3.24 8.30
CA GLN A 66 11.49 -4.52 8.40
C GLN A 66 10.31 -4.57 7.44
N LEU A 67 9.66 -3.43 7.24
CA LEU A 67 8.51 -3.34 6.34
C LEU A 67 8.90 -3.76 4.92
N THR A 68 10.10 -3.37 4.51
CA THR A 68 10.59 -3.71 3.18
C THR A 68 10.89 -5.19 3.05
N SER A 69 11.42 -5.78 4.13
CA SER A 69 11.75 -7.19 4.15
C SER A 69 10.48 -8.05 4.06
N ALA A 70 9.43 -7.59 4.73
CA ALA A 70 8.17 -8.32 4.73
C ALA A 70 7.45 -8.18 3.39
N VAL A 71 7.17 -6.94 3.00
CA VAL A 71 6.49 -6.68 1.74
C VAL A 71 7.16 -7.41 0.59
N SER A 72 8.49 -7.45 0.62
CA SER A 72 9.26 -8.12 -0.43
C SER A 72 8.98 -9.61 -0.43
N GLN A 73 8.80 -10.18 0.75
CA GLN A 73 8.53 -11.61 0.88
C GLN A 73 7.16 -11.95 0.29
N ALA A 74 6.14 -11.20 0.69
CA ALA A 74 4.79 -11.42 0.21
C ALA A 74 4.70 -11.21 -1.30
N VAL A 75 5.34 -10.16 -1.80
CA VAL A 75 5.34 -9.86 -3.22
C VAL A 75 6.16 -10.87 -4.00
N ALA A 76 7.06 -11.55 -3.30
CA ALA A 76 7.91 -12.56 -3.93
C ALA A 76 7.28 -13.95 -3.86
N ASN A 77 6.18 -14.04 -3.10
CA ASN A 77 5.48 -15.31 -2.96
C ASN A 77 4.17 -15.31 -3.76
N VAL A 78 3.70 -14.12 -4.09
CA VAL A 78 2.46 -13.98 -4.86
C VAL A 78 2.56 -14.70 -6.20
N ARG A 79 3.80 -14.96 -6.63
CA ARG A 79 4.03 -15.64 -7.91
C ARG A 79 3.55 -14.80 -9.08
N PRO A 80 4.36 -14.74 -10.14
CA PRO A 80 4.04 -13.96 -11.34
C PRO A 80 2.89 -14.57 -12.13
N GLY A 81 2.13 -13.73 -12.82
CA GLY A 81 1.01 -14.21 -13.61
C GLY A 81 -0.31 -14.10 -12.87
N SER A 82 -0.28 -13.46 -11.71
CA SER A 82 -1.49 -13.28 -10.91
C SER A 82 -2.04 -11.86 -11.05
N SER A 83 -3.34 -11.73 -10.84
CA SER A 83 -4.01 -10.44 -10.96
C SER A 83 -3.32 -9.40 -10.07
N PRO A 84 -3.57 -8.11 -10.36
CA PRO A 84 -2.99 -7.00 -9.60
C PRO A 84 -3.56 -6.89 -8.19
N ALA A 85 -4.58 -7.71 -7.91
CA ALA A 85 -5.22 -7.71 -6.60
C ALA A 85 -4.32 -8.38 -5.55
N VAL A 86 -3.70 -9.48 -5.93
CA VAL A 86 -2.82 -10.22 -5.04
C VAL A 86 -1.56 -9.41 -4.74
N TYR A 87 -1.06 -8.71 -5.74
CA TYR A 87 0.15 -7.90 -5.58
C TYR A 87 -0.09 -6.76 -4.60
N ALA A 88 -1.23 -6.08 -4.74
CA ALA A 88 -1.58 -4.97 -3.86
C ALA A 88 -1.78 -5.44 -2.44
N LYS A 89 -2.31 -6.66 -2.29
CA LYS A 89 -2.54 -7.23 -0.96
C LYS A 89 -1.25 -7.70 -0.33
N ALA A 90 -0.34 -8.23 -1.15
CA ALA A 90 0.94 -8.71 -0.67
C ALA A 90 1.83 -7.55 -0.23
N ILE A 91 1.40 -6.33 -0.53
CA ILE A 91 2.16 -5.15 -0.15
C ILE A 91 1.47 -4.38 0.96
N ALA A 92 0.17 -4.58 1.10
CA ALA A 92 -0.61 -3.90 2.13
C ALA A 92 -0.67 -4.74 3.40
N ALA A 93 -0.77 -6.06 3.23
CA ALA A 93 -0.84 -6.97 4.37
C ALA A 93 0.37 -6.78 5.29
N PRO A 94 1.57 -6.96 4.75
CA PRO A 94 2.82 -6.80 5.51
C PRO A 94 3.09 -5.35 5.88
N SER A 95 2.37 -4.44 5.25
CA SER A 95 2.54 -3.01 5.52
C SER A 95 1.70 -2.58 6.71
N VAL A 96 0.45 -3.03 6.75
CA VAL A 96 -0.46 -2.69 7.83
C VAL A 96 -0.04 -3.36 9.13
N GLN A 97 0.42 -4.61 9.03
CA GLN A 97 0.86 -5.37 10.20
C GLN A 97 2.05 -4.67 10.88
N ILE A 98 2.94 -4.11 10.07
CA ILE A 98 4.12 -3.43 10.59
C ILE A 98 3.79 -1.99 10.97
N LEU A 99 2.95 -1.36 10.16
CA LEU A 99 2.56 0.02 10.42
C LEU A 99 1.77 0.15 11.72
N VAL A 100 0.98 -0.88 12.02
CA VAL A 100 0.18 -0.90 13.24
C VAL A 100 1.01 -1.33 14.43
N SER A 101 1.97 -2.21 14.20
CA SER A 101 2.84 -2.71 15.26
C SER A 101 3.81 -1.63 15.71
N SER A 102 4.12 -0.70 14.81
CA SER A 102 5.05 0.39 15.12
C SER A 102 4.29 1.66 15.48
N GLY A 103 2.96 1.59 15.41
CA GLY A 103 2.14 2.74 15.73
C GLY A 103 2.19 3.81 14.65
N SER A 104 2.85 3.49 13.54
CA SER A 104 2.98 4.45 12.44
C SER A 104 1.61 4.83 11.90
N VAL A 105 0.61 4.01 12.18
CA VAL A 105 -0.76 4.27 11.73
C VAL A 105 -1.76 4.00 12.85
N ASN A 106 -2.62 4.98 13.11
CA ASN A 106 -3.64 4.86 14.15
C ASN A 106 -5.03 5.15 13.59
N ASN A 107 -6.00 5.27 14.48
CA ASN A 107 -7.38 5.53 14.08
C ASN A 107 -7.61 7.04 13.94
N ASN A 108 -6.88 7.66 13.02
CA ASN A 108 -7.00 9.09 12.78
C ASN A 108 -6.07 9.55 11.67
N ASN A 109 -4.92 8.88 11.57
CA ASN A 109 -3.93 9.22 10.54
C ASN A 109 -3.88 8.13 9.48
N ALA A 110 -4.53 7.01 9.74
CA ALA A 110 -4.55 5.90 8.80
C ALA A 110 -4.96 6.36 7.41
N LYS A 111 -5.90 7.30 7.35
CA LYS A 111 -6.39 7.83 6.09
C LYS A 111 -5.33 8.70 5.42
N GLN A 112 -4.58 9.44 6.24
CA GLN A 112 -3.53 10.31 5.73
C GLN A 112 -2.34 9.51 5.25
N VAL A 113 -1.88 8.59 6.08
CA VAL A 113 -0.74 7.75 5.74
C VAL A 113 -1.05 6.84 4.57
N ALA A 114 -2.28 6.35 4.51
CA ALA A 114 -2.71 5.47 3.43
C ALA A 114 -2.68 6.20 2.09
N SER A 115 -3.04 7.48 2.10
CA SER A 115 -3.06 8.28 0.89
C SER A 115 -1.63 8.63 0.44
N THR A 116 -0.80 9.04 1.40
CA THR A 116 0.57 9.41 1.10
C THR A 116 1.39 8.18 0.71
N LEU A 117 1.26 7.11 1.49
CA LEU A 117 1.99 5.88 1.21
C LEU A 117 1.70 5.38 -0.20
N SER A 118 0.42 5.34 -0.55
CA SER A 118 0.00 4.88 -1.87
C SER A 118 0.45 5.87 -2.96
N GLU A 119 0.34 7.15 -2.65
CA GLU A 119 0.72 8.19 -3.60
C GLU A 119 2.22 8.11 -3.92
N ASN A 120 3.03 7.88 -2.88
CA ASN A 120 4.47 7.78 -3.04
C ASN A 120 4.86 6.41 -3.58
N LEU A 121 4.15 5.38 -3.14
CA LEU A 121 4.42 4.01 -3.59
C LEU A 121 4.09 3.84 -5.07
N VAL A 122 2.91 4.31 -5.46
CA VAL A 122 2.47 4.21 -6.84
C VAL A 122 3.36 5.04 -7.77
N ARG A 123 3.79 6.21 -7.28
CA ARG A 123 4.64 7.09 -8.05
C ARG A 123 5.98 6.41 -8.37
N GLU A 124 6.61 5.86 -7.35
CA GLU A 124 7.90 5.18 -7.52
C GLU A 124 7.72 3.86 -8.26
N MET A 125 6.70 3.10 -7.87
CA MET A 125 6.42 1.82 -8.49
C MET A 125 6.29 1.96 -10.01
N ALA A 126 5.56 2.99 -10.45
CA ALA A 126 5.36 3.23 -11.87
C ALA A 126 6.66 3.70 -12.52
N ASN A 127 7.46 4.45 -11.79
CA ASN A 127 8.73 4.96 -12.30
C ASN A 127 9.73 3.82 -12.50
N THR A 128 9.58 2.76 -11.71
CA THR A 128 10.47 1.61 -11.79
C THR A 128 9.92 0.56 -12.76
N ALA A 129 8.61 0.32 -12.67
CA ALA A 129 7.97 -0.67 -13.54
C ALA A 129 8.20 -0.33 -15.01
N ARG A 130 8.08 0.95 -15.35
CA ARG A 130 8.28 1.40 -16.72
C ARG A 130 9.65 0.98 -17.25
N ARG A 131 10.61 0.87 -16.34
CA ARG A 131 11.96 0.46 -16.70
C ARG A 131 12.05 -1.04 -16.91
N TYR A 132 11.05 -1.76 -16.41
CA TYR A 132 11.02 -3.21 -16.54
C TYR A 132 10.14 -3.62 -17.72
N ARG A 133 9.98 -2.72 -18.68
CA ARG A 133 9.17 -3.00 -19.85
C ARG A 133 7.69 -3.09 -19.49
N VAL A 134 7.27 -2.24 -18.54
CA VAL A 134 5.88 -2.23 -18.09
C VAL A 134 5.13 -1.03 -18.67
N ASN A 135 5.88 -0.01 -19.06
CA ASN A 135 5.28 1.20 -19.64
C ASN A 135 4.32 1.85 -18.65
N VAL A 136 4.80 2.88 -17.97
CA VAL A 136 3.97 3.59 -16.99
C VAL A 136 4.32 5.08 -16.96
N PRO A 137 3.77 5.83 -17.92
CA PRO A 137 4.01 7.28 -18.02
C PRO A 137 3.36 8.06 -16.89
N GLU A 138 3.96 9.18 -16.51
CA GLU A 138 3.43 10.01 -15.44
C GLU A 138 1.96 10.33 -15.68
N ALA A 139 1.58 10.40 -16.96
CA ALA A 139 0.21 10.71 -17.32
C ALA A 139 -0.76 9.69 -16.73
N SER A 140 -0.30 8.45 -16.59
CA SER A 140 -1.12 7.38 -16.03
C SER A 140 -0.94 7.29 -14.52
N VAL A 141 0.27 7.57 -14.06
CA VAL A 141 0.58 7.52 -12.63
C VAL A 141 -0.23 8.56 -11.86
N GLN A 142 -0.36 9.75 -12.44
CA GLN A 142 -1.09 10.83 -11.81
C GLN A 142 -2.51 10.39 -11.46
N ALA A 143 -3.12 9.61 -12.35
CA ALA A 143 -4.47 9.12 -12.13
C ALA A 143 -4.53 8.14 -10.96
N ASP A 144 -3.46 7.36 -10.81
CA ASP A 144 -3.38 6.38 -9.72
C ASP A 144 -3.24 7.07 -8.37
N VAL A 145 -2.48 8.16 -8.35
CA VAL A 145 -2.28 8.92 -7.12
C VAL A 145 -3.55 9.61 -6.66
N SER A 146 -4.28 10.18 -7.62
CA SER A 146 -5.52 10.87 -7.32
C SER A 146 -6.62 9.88 -6.92
N LEU A 147 -6.54 8.67 -7.44
CA LEU A 147 -7.51 7.63 -7.14
C LEU A 147 -7.35 7.13 -5.71
N VAL A 148 -6.11 6.77 -5.36
CA VAL A 148 -5.81 6.27 -4.03
C VAL A 148 -6.06 7.34 -2.97
N THR A 149 -5.69 8.58 -3.31
CA THR A 149 -5.86 9.70 -2.39
C THR A 149 -7.34 10.03 -2.20
N SER A 150 -8.07 10.07 -3.30
CA SER A 150 -9.50 10.38 -3.26
C SER A 150 -10.25 9.37 -2.38
N MET A 151 -9.83 8.11 -2.45
CA MET A 151 -10.46 7.05 -1.67
C MET A 151 -10.23 7.27 -0.18
N THR A 152 -9.00 7.65 0.18
CA THR A 152 -8.65 7.89 1.57
C THR A 152 -9.39 9.11 2.12
N SER A 153 -9.49 10.15 1.30
CA SER A 153 -10.16 11.38 1.72
C SER A 153 -11.53 11.07 2.31
N THR A 154 -12.14 9.99 1.84
CA THR A 154 -13.46 9.59 2.33
C THR A 154 -13.38 8.27 3.09
N PHE A 155 -12.39 8.16 3.98
CA PHE A 155 -12.20 6.96 4.77
C PHE A 155 -12.42 7.26 6.26
N VAL A 156 -13.38 6.57 6.86
CA VAL A 156 -13.69 6.77 8.27
C VAL A 156 -13.51 5.46 9.05
N ILE A 157 -12.59 5.47 10.01
CA ILE A 157 -12.31 4.29 10.82
C ILE A 157 -13.31 4.19 11.97
N SER A 158 -14.00 3.06 12.06
CA SER A 158 -14.98 2.84 13.11
C SER A 158 -14.50 1.76 14.08
N SER A 159 -13.20 1.74 14.35
CA SER A 159 -12.62 0.76 15.25
C SER A 159 -12.77 1.19 16.70
N GLN A 160 -14.01 1.43 17.11
CA GLN A 160 -14.30 1.85 18.48
C GLN A 160 -13.67 3.21 18.77
N THR A 161 -14.18 3.88 19.80
CA THR A 161 -13.67 5.19 20.18
C THR A 161 -13.81 6.19 19.04
N SER A 162 -14.97 6.19 18.39
CA SER A 162 -15.22 7.10 17.27
C SER A 162 -16.65 7.61 17.31
N VAL A 163 -16.95 8.45 18.30
CA VAL A 163 -18.28 9.02 18.45
C VAL A 163 -18.23 10.37 19.15
N GLN A 164 -17.29 11.21 18.74
CA GLN A 164 -17.13 12.54 19.32
C GLN A 164 -16.95 13.59 18.24
N MET A 165 -17.22 14.85 18.58
CA MET A 165 -17.08 15.95 17.64
C MET A 165 -16.18 17.04 18.21
N GLY A 166 -16.14 18.18 17.53
CA GLY A 166 -15.33 19.29 17.98
C GLY A 166 -15.34 20.46 17.02
N GLY A 167 -15.17 21.67 17.54
CA GLY A 167 -15.17 22.85 16.70
C GLY A 167 -13.78 23.46 16.58
N MET A 1 -1.18 3.60 17.76
CA MET A 1 -2.04 3.96 18.88
C MET A 1 -3.24 3.02 18.98
N HIS A 2 -3.62 2.43 17.85
CA HIS A 2 -4.74 1.50 17.82
C HIS A 2 -4.42 0.23 18.58
N HIS A 3 -5.05 0.07 19.74
CA HIS A 3 -4.82 -1.10 20.57
C HIS A 3 -5.68 -1.04 21.83
N HIS A 4 -6.98 -0.83 21.66
CA HIS A 4 -7.90 -0.74 22.78
C HIS A 4 -9.30 -1.22 22.37
N HIS A 5 -9.73 -0.80 21.19
CA HIS A 5 -11.05 -1.17 20.68
C HIS A 5 -11.24 -2.69 20.74
N HIS A 6 -12.47 -3.12 20.98
CA HIS A 6 -12.78 -4.54 21.06
C HIS A 6 -14.19 -4.82 20.53
N HIS A 7 -14.67 -3.95 19.66
CA HIS A 7 -16.00 -4.10 19.08
C HIS A 7 -16.17 -3.20 17.86
N SER A 8 -15.14 -3.12 17.04
CA SER A 8 -15.17 -2.28 15.85
C SER A 8 -14.21 -2.80 14.78
N GLY A 9 -14.49 -2.47 13.53
CA GLY A 9 -13.64 -2.92 12.43
C GLY A 9 -12.18 -2.59 12.67
N SER A 10 -11.34 -3.62 12.76
CA SER A 10 -9.92 -3.43 12.99
C SER A 10 -9.33 -2.44 11.99
N LEU A 11 -8.49 -1.55 12.48
CA LEU A 11 -7.85 -0.54 11.63
C LEU A 11 -7.03 -1.20 10.53
N GLY A 12 -6.42 -2.33 10.85
CA GLY A 12 -5.61 -3.04 9.87
C GLY A 12 -6.46 -3.63 8.75
N ASP A 13 -7.67 -4.05 9.08
CA ASP A 13 -8.57 -4.64 8.10
C ASP A 13 -8.99 -3.60 7.06
N GLN A 14 -9.42 -2.44 7.53
CA GLN A 14 -9.85 -1.36 6.65
C GLN A 14 -8.69 -0.85 5.80
N LEU A 15 -7.51 -0.73 6.43
CA LEU A 15 -6.32 -0.25 5.73
C LEU A 15 -5.91 -1.24 4.63
N THR A 16 -5.89 -2.52 4.97
CA THR A 16 -5.51 -3.56 4.02
C THR A 16 -6.51 -3.64 2.86
N SER A 17 -7.79 -3.58 3.19
CA SER A 17 -8.84 -3.65 2.19
C SER A 17 -8.84 -2.39 1.32
N THR A 18 -8.75 -1.24 1.95
CA THR A 18 -8.74 0.04 1.25
C THR A 18 -7.48 0.18 0.39
N LEU A 19 -6.33 -0.02 1.02
CA LEU A 19 -5.05 0.09 0.31
C LEU A 19 -5.01 -0.86 -0.87
N ALA A 20 -5.42 -2.10 -0.65
CA ALA A 20 -5.43 -3.11 -1.71
C ALA A 20 -6.50 -2.80 -2.76
N SER A 21 -7.63 -2.27 -2.30
CA SER A 21 -8.73 -1.93 -3.20
C SER A 21 -8.31 -0.84 -4.19
N ALA A 22 -7.59 0.16 -3.69
CA ALA A 22 -7.12 1.25 -4.53
C ALA A 22 -6.07 0.77 -5.52
N LEU A 23 -5.11 0.00 -5.02
CA LEU A 23 -4.04 -0.52 -5.87
C LEU A 23 -4.58 -1.54 -6.87
N THR A 24 -5.77 -2.04 -6.61
CA THR A 24 -6.41 -3.02 -7.49
C THR A 24 -6.97 -2.33 -8.74
N LYS A 25 -7.23 -1.04 -8.63
CA LYS A 25 -7.77 -0.28 -9.75
C LYS A 25 -6.74 0.72 -10.26
N THR A 26 -5.49 0.53 -9.89
CA THR A 26 -4.40 1.41 -10.31
C THR A 26 -3.65 0.83 -11.49
N ASN A 27 -3.53 1.61 -12.56
CA ASN A 27 -2.84 1.17 -13.76
C ASN A 27 -1.43 0.68 -13.42
N THR A 28 -0.85 1.25 -12.36
CA THR A 28 0.50 0.87 -11.93
C THR A 28 0.54 -0.59 -11.50
N LEU A 29 -0.62 -1.12 -11.10
CA LEU A 29 -0.72 -2.50 -10.66
C LEU A 29 -1.22 -3.41 -11.78
N LYS A 30 -2.14 -2.88 -12.59
CA LYS A 30 -2.70 -3.64 -13.70
C LYS A 30 -1.69 -3.79 -14.83
N ALA A 31 -0.86 -2.76 -15.00
CA ALA A 31 0.17 -2.77 -16.04
C ALA A 31 1.25 -3.80 -15.73
N VAL A 32 1.74 -3.80 -14.50
CA VAL A 32 2.77 -4.73 -14.08
C VAL A 32 2.23 -6.16 -13.98
N SER A 33 1.01 -6.28 -13.46
CA SER A 33 0.38 -7.58 -13.31
C SER A 33 0.13 -8.22 -14.67
N ALA A 34 -0.44 -7.46 -15.59
CA ALA A 34 -0.73 -7.95 -16.93
C ALA A 34 0.56 -8.23 -17.70
N SER A 35 1.64 -7.59 -17.27
CA SER A 35 2.94 -7.77 -17.92
C SER A 35 3.58 -9.08 -17.50
N LYS A 36 3.20 -9.59 -16.34
CA LYS A 36 3.74 -10.84 -15.83
C LYS A 36 5.26 -10.84 -15.88
N PRO A 37 5.88 -9.88 -15.16
CA PRO A 37 7.34 -9.75 -15.12
C PRO A 37 8.00 -10.89 -14.34
N SER A 38 8.14 -10.69 -13.03
CA SER A 38 8.75 -11.70 -12.17
C SER A 38 8.87 -11.19 -10.74
N ALA A 39 8.86 -12.12 -9.79
CA ALA A 39 8.97 -11.77 -8.38
C ALA A 39 10.29 -11.09 -8.08
N ASN A 40 11.25 -11.24 -9.00
CA ASN A 40 12.57 -10.64 -8.83
C ASN A 40 12.50 -9.12 -9.00
N VAL A 41 11.88 -8.69 -10.09
CA VAL A 41 11.74 -7.26 -10.37
C VAL A 41 10.60 -6.64 -9.57
N ALA A 42 9.56 -7.43 -9.35
CA ALA A 42 8.40 -6.97 -8.59
C ALA A 42 8.80 -6.50 -7.20
N VAL A 43 9.71 -7.24 -6.58
CA VAL A 43 10.18 -6.91 -5.23
C VAL A 43 10.98 -5.62 -5.24
N ALA A 44 11.78 -5.42 -6.28
CA ALA A 44 12.59 -4.21 -6.41
C ALA A 44 11.72 -2.99 -6.67
N ILE A 45 10.62 -3.19 -7.40
CA ILE A 45 9.71 -2.11 -7.73
C ILE A 45 8.95 -1.65 -6.49
N VAL A 46 8.41 -2.60 -5.74
CA VAL A 46 7.65 -2.29 -4.54
C VAL A 46 8.55 -1.65 -3.48
N THR A 47 9.78 -2.15 -3.38
CA THR A 47 10.73 -1.63 -2.41
C THR A 47 11.01 -0.15 -2.65
N SER A 48 11.10 0.24 -3.91
CA SER A 48 11.36 1.63 -4.26
C SER A 48 10.23 2.53 -3.78
N GLY A 49 9.00 2.09 -3.99
CA GLY A 49 7.85 2.86 -3.57
C GLY A 49 7.67 2.87 -2.06
N LEU A 50 8.04 1.77 -1.42
CA LEU A 50 7.90 1.66 0.03
C LEU A 50 8.89 2.59 0.73
N LYS A 51 10.11 2.65 0.21
CA LYS A 51 11.14 3.51 0.78
C LYS A 51 10.76 4.98 0.66
N LYS A 52 10.29 5.36 -0.52
CA LYS A 52 9.88 6.74 -0.78
C LYS A 52 8.64 7.10 0.02
N ALA A 53 7.67 6.20 0.03
CA ALA A 53 6.42 6.42 0.75
C ALA A 53 6.69 6.61 2.24
N LEU A 54 7.46 5.69 2.83
CA LEU A 54 7.78 5.76 4.24
C LEU A 54 8.70 6.96 4.54
N GLY A 55 9.59 7.25 3.60
CA GLY A 55 10.51 8.36 3.77
C GLY A 55 9.79 9.71 3.80
N ALA A 56 8.67 9.79 3.10
CA ALA A 56 7.90 11.02 3.05
C ALA A 56 7.04 11.18 4.29
N LEU A 57 6.81 10.07 4.98
CA LEU A 57 5.98 10.08 6.19
C LEU A 57 6.87 10.11 7.44
N ARG A 58 8.15 10.40 7.26
CA ARG A 58 9.09 10.45 8.37
C ARG A 58 9.02 9.17 9.20
N ILE A 59 8.68 8.07 8.55
CA ILE A 59 8.58 6.78 9.23
C ILE A 59 9.94 6.31 9.71
N ASN A 60 9.99 5.82 10.94
CA ASN A 60 11.24 5.32 11.52
C ASN A 60 11.92 4.34 10.59
N ALA A 61 13.25 4.49 10.46
CA ALA A 61 14.02 3.61 9.59
C ALA A 61 13.90 2.15 10.03
N GLY A 62 13.84 1.93 11.34
CA GLY A 62 13.72 0.59 11.86
C GLY A 62 12.51 -0.14 11.32
N VAL A 63 11.35 0.50 11.42
CA VAL A 63 10.10 -0.10 10.95
C VAL A 63 10.05 -0.11 9.42
N SER A 64 10.63 0.92 8.80
CA SER A 64 10.66 1.03 7.35
C SER A 64 11.55 -0.04 6.74
N SER A 65 12.46 -0.57 7.54
CA SER A 65 13.39 -1.60 7.09
C SER A 65 12.72 -2.97 7.08
N GLN A 66 12.02 -3.28 8.17
CA GLN A 66 11.33 -4.56 8.28
C GLN A 66 10.13 -4.62 7.35
N LEU A 67 9.47 -3.49 7.16
CA LEU A 67 8.30 -3.42 6.28
C LEU A 67 8.66 -3.84 4.86
N THR A 68 9.84 -3.44 4.41
CA THR A 68 10.30 -3.79 3.07
C THR A 68 10.64 -5.26 2.97
N SER A 69 11.30 -5.80 4.00
CA SER A 69 11.68 -7.20 4.02
C SER A 69 10.45 -8.10 3.95
N ALA A 70 9.39 -7.71 4.64
CA ALA A 70 8.15 -8.47 4.66
C ALA A 70 7.40 -8.33 3.35
N VAL A 71 7.12 -7.09 2.97
CA VAL A 71 6.40 -6.80 1.72
C VAL A 71 7.05 -7.54 0.54
N SER A 72 8.38 -7.57 0.54
CA SER A 72 9.11 -8.23 -0.53
C SER A 72 8.87 -9.74 -0.52
N GLN A 73 8.75 -10.31 0.68
CA GLN A 73 8.51 -11.73 0.82
C GLN A 73 7.13 -12.11 0.28
N ALA A 74 6.12 -11.37 0.70
CA ALA A 74 4.75 -11.63 0.25
C ALA A 74 4.62 -11.44 -1.25
N VAL A 75 5.24 -10.39 -1.78
CA VAL A 75 5.19 -10.11 -3.21
C VAL A 75 6.01 -11.13 -3.99
N ALA A 76 7.05 -11.67 -3.36
CA ALA A 76 7.90 -12.66 -4.01
C ALA A 76 7.31 -14.06 -3.86
N ASN A 77 6.14 -14.15 -3.24
CA ASN A 77 5.48 -15.44 -3.04
C ASN A 77 4.30 -15.59 -3.99
N VAL A 78 3.70 -14.46 -4.37
CA VAL A 78 2.56 -14.47 -5.28
C VAL A 78 2.96 -15.00 -6.66
N ARG A 79 4.23 -14.86 -6.99
CA ARG A 79 4.74 -15.33 -8.28
C ARG A 79 4.08 -14.57 -9.43
N PRO A 80 4.73 -14.59 -10.60
CA PRO A 80 4.23 -13.92 -11.79
C PRO A 80 2.99 -14.59 -12.37
N GLY A 81 2.20 -13.84 -13.14
CA GLY A 81 1.01 -14.38 -13.73
C GLY A 81 -0.19 -14.28 -12.81
N SER A 82 -0.10 -13.42 -11.80
CA SER A 82 -1.17 -13.23 -10.84
C SER A 82 -1.80 -11.85 -10.98
N SER A 83 -3.11 -11.77 -10.85
CA SER A 83 -3.83 -10.51 -10.97
C SER A 83 -3.23 -9.46 -10.04
N PRO A 84 -3.52 -8.18 -10.33
CA PRO A 84 -3.02 -7.06 -9.53
C PRO A 84 -3.66 -7.00 -8.15
N ALA A 85 -4.66 -7.84 -7.92
CA ALA A 85 -5.36 -7.89 -6.64
C ALA A 85 -4.48 -8.54 -5.58
N VAL A 86 -3.81 -9.63 -5.95
CA VAL A 86 -2.95 -10.35 -5.03
C VAL A 86 -1.67 -9.57 -4.75
N TYR A 87 -1.14 -8.93 -5.78
CA TYR A 87 0.09 -8.15 -5.65
C TYR A 87 -0.11 -6.99 -4.70
N ALA A 88 -1.20 -6.27 -4.88
CA ALA A 88 -1.52 -5.11 -4.03
C ALA A 88 -1.74 -5.55 -2.59
N LYS A 89 -2.31 -6.73 -2.41
CA LYS A 89 -2.59 -7.27 -1.07
C LYS A 89 -1.30 -7.74 -0.41
N ALA A 90 -0.40 -8.30 -1.21
CA ALA A 90 0.87 -8.79 -0.69
C ALA A 90 1.77 -7.64 -0.25
N ILE A 91 1.37 -6.42 -0.60
CA ILE A 91 2.14 -5.23 -0.24
C ILE A 91 1.45 -4.45 0.88
N ALA A 92 0.15 -4.66 1.03
CA ALA A 92 -0.62 -3.98 2.06
C ALA A 92 -0.75 -4.84 3.31
N ALA A 93 -0.85 -6.16 3.12
CA ALA A 93 -0.98 -7.09 4.24
C ALA A 93 0.19 -6.93 5.21
N PRO A 94 1.42 -7.13 4.70
CA PRO A 94 2.64 -7.02 5.51
C PRO A 94 2.93 -5.58 5.90
N SER A 95 2.44 -4.64 5.11
CA SER A 95 2.66 -3.22 5.39
C SER A 95 1.76 -2.74 6.52
N VAL A 96 0.52 -3.23 6.54
CA VAL A 96 -0.44 -2.86 7.57
C VAL A 96 -0.06 -3.46 8.92
N GLN A 97 0.22 -4.76 8.92
CA GLN A 97 0.59 -5.45 10.15
C GLN A 97 1.77 -4.77 10.83
N ILE A 98 2.72 -4.28 10.02
CA ILE A 98 3.89 -3.61 10.54
C ILE A 98 3.59 -2.15 10.86
N LEU A 99 2.77 -1.52 10.01
CA LEU A 99 2.40 -0.13 10.20
C LEU A 99 1.60 0.06 11.49
N VAL A 100 0.79 -0.94 11.82
CA VAL A 100 -0.03 -0.89 13.02
C VAL A 100 0.77 -1.31 14.25
N SER A 101 1.72 -2.21 14.06
CA SER A 101 2.56 -2.70 15.15
C SER A 101 3.54 -1.62 15.59
N SER A 102 3.99 -0.81 14.64
CA SER A 102 4.93 0.27 14.94
C SER A 102 4.21 1.57 15.25
N GLY A 103 2.87 1.52 15.20
CA GLY A 103 2.07 2.70 15.49
C GLY A 103 2.16 3.73 14.38
N SER A 104 2.80 3.37 13.28
CA SER A 104 2.96 4.28 12.16
C SER A 104 1.59 4.73 11.63
N VAL A 105 0.56 3.96 11.94
CA VAL A 105 -0.79 4.28 11.50
C VAL A 105 -1.79 4.09 12.63
N ASN A 106 -2.62 5.10 12.86
CA ASN A 106 -3.63 5.05 13.92
C ASN A 106 -4.99 5.50 13.40
N ASN A 107 -5.99 5.47 14.27
CA ASN A 107 -7.34 5.88 13.89
C ASN A 107 -7.45 7.40 13.84
N ASN A 108 -6.70 8.00 12.92
CA ASN A 108 -6.71 9.45 12.76
C ASN A 108 -5.77 9.89 11.65
N ASN A 109 -4.68 9.14 11.47
CA ASN A 109 -3.69 9.45 10.44
C ASN A 109 -3.66 8.35 9.39
N ALA A 110 -4.32 7.24 9.68
CA ALA A 110 -4.36 6.11 8.75
C ALA A 110 -4.79 6.56 7.35
N LYS A 111 -5.73 7.49 7.30
CA LYS A 111 -6.22 8.01 6.03
C LYS A 111 -5.17 8.87 5.35
N GLN A 112 -4.41 9.61 6.15
CA GLN A 112 -3.37 10.48 5.62
C GLN A 112 -2.16 9.66 5.15
N VAL A 113 -1.70 8.75 5.99
CA VAL A 113 -0.56 7.90 5.66
C VAL A 113 -0.89 6.98 4.49
N ALA A 114 -2.12 6.49 4.46
CA ALA A 114 -2.56 5.60 3.38
C ALA A 114 -2.57 6.32 2.03
N SER A 115 -2.93 7.61 2.06
CA SER A 115 -2.98 8.40 0.85
C SER A 115 -1.58 8.75 0.36
N THR A 116 -0.73 9.17 1.29
CA THR A 116 0.64 9.54 0.96
C THR A 116 1.46 8.32 0.58
N LEU A 117 1.35 7.26 1.38
CA LEU A 117 2.09 6.04 1.14
C LEU A 117 1.80 5.50 -0.27
N SER A 118 0.51 5.39 -0.60
CA SER A 118 0.09 4.90 -1.91
C SER A 118 0.46 5.89 -3.00
N GLU A 119 0.35 7.17 -2.69
CA GLU A 119 0.65 8.23 -3.65
C GLU A 119 2.12 8.18 -4.06
N ASN A 120 3.00 7.96 -3.08
CA ASN A 120 4.43 7.88 -3.35
C ASN A 120 4.82 6.49 -3.83
N LEU A 121 4.17 5.47 -3.28
CA LEU A 121 4.44 4.08 -3.66
C LEU A 121 4.05 3.83 -5.11
N VAL A 122 2.86 4.28 -5.49
CA VAL A 122 2.37 4.11 -6.85
C VAL A 122 3.23 4.86 -7.85
N ARG A 123 3.66 6.06 -7.46
CA ARG A 123 4.50 6.89 -8.33
C ARG A 123 5.86 6.23 -8.55
N GLU A 124 6.50 5.83 -7.46
CA GLU A 124 7.82 5.19 -7.54
C GLU A 124 7.72 3.83 -8.21
N MET A 125 6.70 3.06 -7.82
CA MET A 125 6.49 1.73 -8.39
C MET A 125 6.44 1.79 -9.91
N ALA A 126 5.76 2.80 -10.44
CA ALA A 126 5.63 2.97 -11.88
C ALA A 126 6.96 3.35 -12.50
N ASN A 127 7.70 4.22 -11.83
CA ASN A 127 9.00 4.67 -12.32
C ASN A 127 9.95 3.49 -12.50
N THR A 128 9.98 2.60 -11.51
CA THR A 128 10.84 1.43 -11.56
C THR A 128 10.34 0.42 -12.58
N ALA A 129 9.02 0.29 -12.67
CA ALA A 129 8.41 -0.65 -13.61
C ALA A 129 8.87 -0.36 -15.05
N ARG A 130 9.04 0.91 -15.36
CA ARG A 130 9.48 1.32 -16.69
C ARG A 130 10.79 0.63 -17.07
N ARG A 131 11.69 0.53 -16.10
CA ARG A 131 12.99 -0.10 -16.34
C ARG A 131 12.83 -1.61 -16.50
N TYR A 132 11.65 -2.11 -16.19
CA TYR A 132 11.37 -3.54 -16.30
C TYR A 132 10.40 -3.83 -17.43
N ARG A 133 10.51 -3.06 -18.51
CA ARG A 133 9.65 -3.22 -19.68
C ARG A 133 8.20 -2.87 -19.33
N VAL A 134 8.02 -2.22 -18.18
CA VAL A 134 6.68 -1.82 -17.74
C VAL A 134 6.58 -0.30 -17.62
N ASN A 135 6.70 0.38 -18.75
CA ASN A 135 6.62 1.84 -18.77
C ASN A 135 5.18 2.30 -18.56
N VAL A 136 5.02 3.43 -17.87
CA VAL A 136 3.70 3.98 -17.60
C VAL A 136 3.67 5.48 -17.83
N PRO A 137 2.67 5.95 -18.59
CA PRO A 137 2.51 7.37 -18.90
C PRO A 137 2.09 8.18 -17.68
N GLU A 138 2.68 9.37 -17.55
CA GLU A 138 2.37 10.25 -16.42
C GLU A 138 0.86 10.50 -16.32
N ALA A 139 0.17 10.39 -17.45
CA ALA A 139 -1.27 10.60 -17.50
C ALA A 139 -2.00 9.49 -16.74
N SER A 140 -1.41 8.31 -16.72
CA SER A 140 -2.01 7.17 -16.03
C SER A 140 -1.62 7.15 -14.56
N VAL A 141 -0.33 7.39 -14.29
CA VAL A 141 0.17 7.41 -12.93
C VAL A 141 -0.53 8.47 -12.09
N GLN A 142 -0.69 9.65 -12.67
CA GLN A 142 -1.34 10.76 -11.97
C GLN A 142 -2.73 10.35 -11.49
N ALA A 143 -3.43 9.57 -12.31
CA ALA A 143 -4.77 9.11 -11.97
C ALA A 143 -4.74 8.15 -10.79
N ASP A 144 -3.67 7.36 -10.70
CA ASP A 144 -3.52 6.39 -9.62
C ASP A 144 -3.31 7.10 -8.29
N VAL A 145 -2.52 8.18 -8.32
CA VAL A 145 -2.23 8.94 -7.11
C VAL A 145 -3.47 9.69 -6.63
N SER A 146 -4.22 10.26 -7.57
CA SER A 146 -5.43 11.00 -7.23
C SER A 146 -6.55 10.06 -6.82
N LEU A 147 -6.55 8.85 -7.40
CA LEU A 147 -7.56 7.86 -7.10
C LEU A 147 -7.39 7.30 -5.69
N VAL A 148 -6.17 6.88 -5.38
CA VAL A 148 -5.87 6.33 -4.06
C VAL A 148 -6.05 7.39 -2.97
N THR A 149 -5.68 8.63 -3.29
CA THR A 149 -5.80 9.73 -2.34
C THR A 149 -7.27 10.08 -2.09
N SER A 150 -8.05 10.13 -3.16
CA SER A 150 -9.47 10.46 -3.06
C SER A 150 -10.20 9.46 -2.17
N MET A 151 -9.80 8.20 -2.26
CA MET A 151 -10.41 7.15 -1.46
C MET A 151 -10.07 7.33 0.02
N THR A 152 -8.84 7.73 0.30
CA THR A 152 -8.40 7.93 1.68
C THR A 152 -8.96 9.24 2.24
N SER A 153 -9.13 10.24 1.38
CA SER A 153 -9.65 11.53 1.79
C SER A 153 -10.94 11.35 2.60
N THR A 154 -11.79 10.43 2.16
CA THR A 154 -13.05 10.16 2.84
C THR A 154 -13.04 8.80 3.51
N PHE A 155 -12.04 8.55 4.35
CA PHE A 155 -11.92 7.28 5.05
C PHE A 155 -12.03 7.47 6.56
N VAL A 156 -13.04 6.83 7.16
CA VAL A 156 -13.25 6.94 8.59
C VAL A 156 -13.50 5.56 9.21
N ILE A 157 -12.70 5.23 10.23
CA ILE A 157 -12.83 3.95 10.90
C ILE A 157 -14.26 3.72 11.38
N SER A 158 -14.88 2.65 10.90
CA SER A 158 -16.25 2.32 11.27
C SER A 158 -16.72 1.05 10.57
N SER A 159 -17.22 0.10 11.35
CA SER A 159 -17.70 -1.17 10.81
C SER A 159 -19.21 -1.29 10.96
N GLN A 160 -19.69 -1.08 12.18
CA GLN A 160 -21.12 -1.17 12.46
C GLN A 160 -21.53 -0.14 13.50
N THR A 161 -20.90 -0.21 14.68
CA THR A 161 -21.20 0.72 15.76
C THR A 161 -19.95 1.02 16.58
N SER A 162 -19.96 2.17 17.26
CA SER A 162 -18.82 2.58 18.08
C SER A 162 -19.31 3.15 19.41
N VAL A 163 -18.56 2.86 20.47
CA VAL A 163 -18.90 3.33 21.81
C VAL A 163 -20.41 3.28 22.04
N GLN A 164 -21.04 2.21 21.54
CA GLN A 164 -22.48 2.04 21.70
C GLN A 164 -22.81 0.63 22.16
N MET A 165 -22.67 -0.34 21.27
CA MET A 165 -22.94 -1.73 21.58
C MET A 165 -21.66 -2.54 21.72
N GLY A 166 -21.78 -3.78 22.14
CA GLY A 166 -20.61 -4.64 22.31
C GLY A 166 -20.85 -5.76 23.30
N GLY A 167 -20.53 -6.98 22.89
CA GLY A 167 -20.72 -8.12 23.76
C GLY A 167 -19.58 -9.13 23.65
N MET A 1 -5.21 -6.94 9.29
CA MET A 1 -5.33 -8.38 9.50
C MET A 1 -5.59 -8.69 10.97
N HIS A 2 -6.81 -8.41 11.41
CA HIS A 2 -7.19 -8.67 12.80
C HIS A 2 -8.66 -9.11 12.89
N HIS A 3 -9.03 -10.03 12.01
CA HIS A 3 -10.41 -10.53 11.99
C HIS A 3 -11.40 -9.42 11.67
N HIS A 4 -12.62 -9.80 11.32
CA HIS A 4 -13.66 -8.83 10.98
C HIS A 4 -14.81 -8.90 11.99
N HIS A 5 -15.00 -10.07 12.58
CA HIS A 5 -16.06 -10.27 13.55
C HIS A 5 -15.98 -9.24 14.68
N HIS A 6 -14.77 -8.79 14.95
CA HIS A 6 -14.56 -7.79 16.01
C HIS A 6 -15.47 -6.59 15.82
N HIS A 7 -16.12 -6.18 16.90
CA HIS A 7 -17.05 -5.05 16.86
C HIS A 7 -16.27 -3.73 16.90
N SER A 8 -15.80 -3.29 15.74
CA SER A 8 -15.05 -2.04 15.64
C SER A 8 -14.73 -1.71 14.19
N GLY A 9 -14.20 -2.68 13.46
CA GLY A 9 -13.86 -2.47 12.08
C GLY A 9 -12.45 -2.92 11.74
N SER A 10 -11.62 -3.06 12.78
CA SER A 10 -10.24 -3.47 12.59
C SER A 10 -9.49 -2.50 11.68
N LEU A 11 -8.77 -1.57 12.28
CA LEU A 11 -8.01 -0.58 11.52
C LEU A 11 -7.15 -1.25 10.46
N GLY A 12 -6.66 -2.45 10.76
CA GLY A 12 -5.83 -3.18 9.82
C GLY A 12 -6.62 -3.64 8.61
N ASP A 13 -7.78 -4.23 8.84
CA ASP A 13 -8.63 -4.73 7.76
C ASP A 13 -9.02 -3.59 6.82
N GLN A 14 -9.42 -2.46 7.40
CA GLN A 14 -9.83 -1.31 6.61
C GLN A 14 -8.68 -0.79 5.75
N LEU A 15 -7.49 -0.74 6.34
CA LEU A 15 -6.30 -0.28 5.63
C LEU A 15 -5.91 -1.26 4.53
N THR A 16 -5.89 -2.54 4.87
CA THR A 16 -5.54 -3.58 3.91
C THR A 16 -6.56 -3.65 2.78
N SER A 17 -7.83 -3.55 3.12
CA SER A 17 -8.90 -3.61 2.14
C SER A 17 -8.89 -2.37 1.25
N THR A 18 -8.78 -1.21 1.87
CA THR A 18 -8.76 0.06 1.13
C THR A 18 -7.50 0.17 0.28
N LEU A 19 -6.34 -0.03 0.91
CA LEU A 19 -5.07 0.05 0.21
C LEU A 19 -5.03 -0.93 -0.97
N ALA A 20 -5.46 -2.16 -0.72
CA ALA A 20 -5.48 -3.18 -1.76
C ALA A 20 -6.54 -2.87 -2.82
N SER A 21 -7.67 -2.32 -2.38
CA SER A 21 -8.76 -1.98 -3.28
C SER A 21 -8.33 -0.90 -4.27
N ALA A 22 -7.64 0.12 -3.76
CA ALA A 22 -7.16 1.21 -4.59
C ALA A 22 -6.09 0.74 -5.56
N LEU A 23 -5.13 -0.01 -5.05
CA LEU A 23 -4.04 -0.52 -5.87
C LEU A 23 -4.55 -1.52 -6.91
N THR A 24 -5.75 -2.05 -6.66
CA THR A 24 -6.35 -3.01 -7.57
C THR A 24 -6.91 -2.31 -8.81
N LYS A 25 -7.20 -1.02 -8.68
CA LYS A 25 -7.73 -0.24 -9.80
C LYS A 25 -6.70 0.76 -10.30
N THR A 26 -5.44 0.54 -9.93
CA THR A 26 -4.35 1.42 -10.34
C THR A 26 -3.55 0.80 -11.49
N ASN A 27 -3.38 1.57 -12.56
CA ASN A 27 -2.62 1.10 -13.71
C ASN A 27 -1.23 0.60 -13.29
N THR A 28 -0.70 1.19 -12.24
CA THR A 28 0.62 0.81 -11.74
C THR A 28 0.65 -0.65 -11.31
N LEU A 29 -0.53 -1.19 -11.04
CA LEU A 29 -0.64 -2.59 -10.63
C LEU A 29 -1.14 -3.47 -11.78
N LYS A 30 -2.04 -2.91 -12.58
CA LYS A 30 -2.59 -3.63 -13.72
C LYS A 30 -1.55 -3.79 -14.83
N ALA A 31 -0.70 -2.79 -14.97
CA ALA A 31 0.35 -2.82 -15.98
C ALA A 31 1.41 -3.86 -15.64
N VAL A 32 1.86 -3.86 -14.39
CA VAL A 32 2.88 -4.80 -13.95
C VAL A 32 2.31 -6.22 -13.87
N SER A 33 1.08 -6.34 -13.39
CA SER A 33 0.43 -7.63 -13.25
C SER A 33 0.22 -8.26 -14.62
N ALA A 34 -0.34 -7.49 -15.55
CA ALA A 34 -0.60 -7.97 -16.90
C ALA A 34 0.70 -8.25 -17.65
N SER A 35 1.81 -7.71 -17.13
CA SER A 35 3.11 -7.90 -17.74
C SER A 35 3.72 -9.24 -17.33
N LYS A 36 3.28 -9.75 -16.18
CA LYS A 36 3.79 -11.02 -15.67
C LYS A 36 5.32 -11.04 -15.66
N PRO A 37 5.91 -10.09 -14.91
CA PRO A 37 7.37 -9.98 -14.80
C PRO A 37 7.99 -11.14 -14.02
N SER A 38 8.12 -10.95 -12.71
CA SER A 38 8.69 -11.97 -11.85
C SER A 38 8.86 -11.45 -10.42
N ALA A 39 8.97 -12.37 -9.47
CA ALA A 39 9.13 -12.00 -8.07
C ALA A 39 10.44 -11.25 -7.85
N ASN A 40 11.39 -11.45 -8.77
CA ASN A 40 12.69 -10.78 -8.68
C ASN A 40 12.55 -9.29 -8.95
N VAL A 41 11.87 -8.96 -10.05
CA VAL A 41 11.68 -7.56 -10.42
C VAL A 41 10.54 -6.93 -9.64
N ALA A 42 9.51 -7.73 -9.37
CA ALA A 42 8.36 -7.25 -8.60
C ALA A 42 8.78 -6.68 -7.26
N VAL A 43 9.71 -7.36 -6.60
CA VAL A 43 10.21 -6.93 -5.30
C VAL A 43 10.97 -5.61 -5.41
N ALA A 44 11.72 -5.47 -6.49
CA ALA A 44 12.50 -4.26 -6.72
C ALA A 44 11.59 -3.07 -7.01
N ILE A 45 10.50 -3.32 -7.74
CA ILE A 45 9.55 -2.28 -8.08
C ILE A 45 8.77 -1.81 -6.85
N VAL A 46 8.33 -2.77 -6.04
CA VAL A 46 7.58 -2.45 -4.83
C VAL A 46 8.46 -1.79 -3.79
N THR A 47 9.71 -2.24 -3.70
CA THR A 47 10.67 -1.69 -2.75
C THR A 47 10.89 -0.20 -2.98
N SER A 48 10.97 0.18 -4.25
CA SER A 48 11.18 1.57 -4.61
C SER A 48 10.08 2.47 -4.04
N GLY A 49 8.84 2.01 -4.17
CA GLY A 49 7.72 2.77 -3.66
C GLY A 49 7.63 2.74 -2.14
N LEU A 50 7.96 1.60 -1.56
CA LEU A 50 7.93 1.45 -0.11
C LEU A 50 8.89 2.41 0.57
N LYS A 51 10.09 2.51 0.02
CA LYS A 51 11.11 3.40 0.57
C LYS A 51 10.68 4.86 0.44
N LYS A 52 10.09 5.20 -0.70
CA LYS A 52 9.63 6.56 -0.94
C LYS A 52 8.45 6.90 -0.05
N ALA A 53 7.50 5.99 0.05
CA ALA A 53 6.31 6.19 0.88
C ALA A 53 6.70 6.40 2.33
N LEU A 54 7.55 5.52 2.85
CA LEU A 54 8.00 5.61 4.24
C LEU A 54 8.88 6.83 4.46
N GLY A 55 9.70 7.12 3.46
CA GLY A 55 10.59 8.27 3.55
C GLY A 55 9.85 9.59 3.48
N ALA A 56 8.74 9.60 2.75
CA ALA A 56 7.92 10.80 2.60
C ALA A 56 7.04 11.03 3.81
N LEU A 57 6.85 9.97 4.60
CA LEU A 57 6.01 10.05 5.79
C LEU A 57 6.86 10.11 7.05
N ARG A 58 8.15 10.39 6.87
CA ARG A 58 9.08 10.48 7.99
C ARG A 58 9.00 9.23 8.87
N ILE A 59 8.64 8.10 8.25
CA ILE A 59 8.53 6.84 8.97
C ILE A 59 9.89 6.40 9.51
N ASN A 60 9.90 5.92 10.75
CA ASN A 60 11.13 5.45 11.37
C ASN A 60 11.86 4.46 10.47
N ALA A 61 13.18 4.63 10.37
CA ALA A 61 13.99 3.75 9.53
C ALA A 61 13.87 2.30 9.99
N GLY A 62 13.78 2.09 11.30
CA GLY A 62 13.67 0.76 11.84
C GLY A 62 12.47 0.01 11.28
N VAL A 63 11.30 0.63 11.36
CA VAL A 63 10.07 0.02 10.86
C VAL A 63 10.05 0.00 9.33
N SER A 64 10.62 1.03 8.72
CA SER A 64 10.67 1.14 7.27
C SER A 64 11.59 0.08 6.67
N SER A 65 12.46 -0.48 7.52
CA SER A 65 13.40 -1.49 7.07
C SER A 65 12.73 -2.87 7.05
N GLN A 66 12.04 -3.20 8.14
CA GLN A 66 11.36 -4.48 8.26
C GLN A 66 10.18 -4.56 7.29
N LEU A 67 9.52 -3.43 7.08
CA LEU A 67 8.37 -3.37 6.19
C LEU A 67 8.75 -3.79 4.78
N THR A 68 9.95 -3.42 4.36
CA THR A 68 10.44 -3.75 3.03
C THR A 68 10.75 -5.25 2.92
N SER A 69 11.28 -5.81 4.00
CA SER A 69 11.62 -7.23 4.04
C SER A 69 10.38 -8.10 3.98
N ALA A 70 9.34 -7.66 4.68
CA ALA A 70 8.07 -8.40 4.70
C ALA A 70 7.32 -8.25 3.38
N VAL A 71 7.07 -7.00 2.98
CA VAL A 71 6.37 -6.73 1.74
C VAL A 71 6.99 -7.49 0.57
N SER A 72 8.32 -7.56 0.57
CA SER A 72 9.04 -8.26 -0.50
C SER A 72 8.78 -9.76 -0.43
N GLN A 73 8.68 -10.29 0.78
CA GLN A 73 8.44 -11.71 0.97
C GLN A 73 7.08 -12.11 0.42
N ALA A 74 6.05 -11.36 0.78
CA ALA A 74 4.69 -11.63 0.33
C ALA A 74 4.59 -11.48 -1.19
N VAL A 75 5.20 -10.42 -1.72
CA VAL A 75 5.17 -10.17 -3.15
C VAL A 75 6.02 -11.18 -3.91
N ALA A 76 7.01 -11.75 -3.23
CA ALA A 76 7.89 -12.73 -3.82
C ALA A 76 7.31 -14.14 -3.70
N ASN A 77 6.13 -14.23 -3.09
CA ASN A 77 5.48 -15.52 -2.91
C ASN A 77 4.30 -15.67 -3.88
N VAL A 78 3.71 -14.53 -4.26
CA VAL A 78 2.59 -14.54 -5.19
C VAL A 78 2.99 -15.08 -6.56
N ARG A 79 4.28 -14.97 -6.87
CA ARG A 79 4.79 -15.44 -8.15
C ARG A 79 4.17 -14.67 -9.31
N PRO A 80 4.85 -14.68 -10.46
CA PRO A 80 4.39 -13.98 -11.66
C PRO A 80 3.16 -14.63 -12.28
N GLY A 81 2.39 -13.86 -13.04
CA GLY A 81 1.19 -14.38 -13.66
C GLY A 81 -0.03 -14.30 -12.76
N SER A 82 0.05 -13.43 -11.76
CA SER A 82 -1.06 -13.25 -10.82
C SER A 82 -1.69 -11.88 -10.96
N SER A 83 -3.01 -11.82 -10.84
CA SER A 83 -3.74 -10.56 -10.97
C SER A 83 -3.15 -9.50 -10.04
N PRO A 84 -3.46 -8.23 -10.33
CA PRO A 84 -2.98 -7.10 -9.54
C PRO A 84 -3.62 -7.04 -8.15
N ALA A 85 -4.62 -7.89 -7.94
CA ALA A 85 -5.31 -7.94 -6.66
C ALA A 85 -4.44 -8.57 -5.59
N VAL A 86 -3.76 -9.66 -5.94
CA VAL A 86 -2.89 -10.36 -5.01
C VAL A 86 -1.63 -9.56 -4.73
N TYR A 87 -1.09 -8.92 -5.76
CA TYR A 87 0.12 -8.12 -5.62
C TYR A 87 -0.11 -6.94 -4.67
N ALA A 88 -1.22 -6.25 -4.86
CA ALA A 88 -1.56 -5.10 -4.03
C ALA A 88 -1.80 -5.52 -2.59
N LYS A 89 -2.36 -6.72 -2.41
CA LYS A 89 -2.63 -7.24 -1.08
C LYS A 89 -1.36 -7.71 -0.40
N ALA A 90 -0.45 -8.29 -1.19
CA ALA A 90 0.82 -8.78 -0.66
C ALA A 90 1.72 -7.63 -0.24
N ILE A 91 1.32 -6.41 -0.60
CA ILE A 91 2.10 -5.23 -0.25
C ILE A 91 1.43 -4.43 0.85
N ALA A 92 0.12 -4.63 1.01
CA ALA A 92 -0.64 -3.94 2.03
C ALA A 92 -0.77 -4.78 3.30
N ALA A 93 -0.90 -6.09 3.11
CA ALA A 93 -1.02 -7.02 4.23
C ALA A 93 0.14 -6.85 5.21
N PRO A 94 1.38 -7.07 4.70
CA PRO A 94 2.60 -6.95 5.51
C PRO A 94 2.89 -5.51 5.90
N SER A 95 2.41 -4.57 5.09
CA SER A 95 2.64 -3.15 5.35
C SER A 95 1.75 -2.66 6.49
N VAL A 96 0.51 -3.14 6.52
CA VAL A 96 -0.44 -2.76 7.56
C VAL A 96 -0.05 -3.35 8.91
N GLN A 97 0.21 -4.66 8.92
CA GLN A 97 0.59 -5.35 10.14
C GLN A 97 1.80 -4.68 10.80
N ILE A 98 2.73 -4.22 9.98
CA ILE A 98 3.93 -3.56 10.47
C ILE A 98 3.64 -2.09 10.80
N LEU A 99 2.80 -1.46 9.99
CA LEU A 99 2.46 -0.06 10.19
C LEU A 99 1.70 0.13 11.50
N VAL A 100 0.88 -0.86 11.86
CA VAL A 100 0.10 -0.80 13.09
C VAL A 100 0.95 -1.23 14.28
N SER A 101 1.87 -2.17 14.05
CA SER A 101 2.74 -2.66 15.12
C SER A 101 3.73 -1.59 15.56
N SER A 102 4.14 -0.75 14.63
CA SER A 102 5.08 0.33 14.92
C SER A 102 4.35 1.62 15.27
N GLY A 103 3.03 1.57 15.21
CA GLY A 103 2.23 2.74 15.53
C GLY A 103 2.26 3.78 14.42
N SER A 104 2.92 3.44 13.32
CA SER A 104 3.04 4.36 12.18
C SER A 104 1.66 4.80 11.71
N VAL A 105 0.64 3.99 11.99
CA VAL A 105 -0.73 4.30 11.60
C VAL A 105 -1.70 4.05 12.74
N ASN A 106 -2.49 5.07 13.08
CA ASN A 106 -3.46 4.97 14.15
C ASN A 106 -4.87 5.25 13.65
N ASN A 107 -5.81 5.39 14.57
CA ASN A 107 -7.20 5.67 14.21
C ASN A 107 -7.42 7.17 14.06
N ASN A 108 -6.69 7.79 13.14
CA ASN A 108 -6.81 9.21 12.88
C ASN A 108 -5.90 9.64 11.74
N ASN A 109 -4.75 8.97 11.63
CA ASN A 109 -3.79 9.29 10.59
C ASN A 109 -3.75 8.20 9.52
N ALA A 110 -4.42 7.08 9.81
CA ALA A 110 -4.47 5.97 8.88
C ALA A 110 -4.92 6.42 7.49
N LYS A 111 -5.83 7.38 7.46
CA LYS A 111 -6.34 7.91 6.20
C LYS A 111 -5.28 8.76 5.50
N GLN A 112 -4.54 9.53 6.28
CA GLN A 112 -3.49 10.39 5.74
C GLN A 112 -2.31 9.57 5.24
N VAL A 113 -1.83 8.67 6.09
CA VAL A 113 -0.70 7.82 5.74
C VAL A 113 -1.03 6.91 4.56
N ALA A 114 -2.27 6.43 4.53
CA ALA A 114 -2.73 5.56 3.45
C ALA A 114 -2.74 6.29 2.12
N SER A 115 -3.11 7.57 2.15
CA SER A 115 -3.16 8.39 0.95
C SER A 115 -1.76 8.68 0.43
N THR A 116 -0.87 9.06 1.34
CA THR A 116 0.51 9.38 0.97
C THR A 116 1.29 8.12 0.61
N LEU A 117 0.99 7.03 1.30
CA LEU A 117 1.66 5.76 1.05
C LEU A 117 1.51 5.33 -0.40
N SER A 118 0.26 5.23 -0.86
CA SER A 118 -0.03 4.85 -2.23
C SER A 118 0.43 5.93 -3.21
N GLU A 119 0.30 7.18 -2.80
CA GLU A 119 0.69 8.30 -3.64
C GLU A 119 2.16 8.22 -4.01
N ASN A 120 3.00 7.92 -3.02
CA ASN A 120 4.44 7.81 -3.23
C ASN A 120 4.81 6.42 -3.75
N LEU A 121 4.10 5.41 -3.26
CA LEU A 121 4.35 4.03 -3.67
C LEU A 121 4.09 3.85 -5.17
N VAL A 122 2.96 4.40 -5.63
CA VAL A 122 2.59 4.30 -7.04
C VAL A 122 3.55 5.10 -7.91
N ARG A 123 3.82 6.33 -7.50
CA ARG A 123 4.72 7.21 -8.24
C ARG A 123 6.07 6.53 -8.48
N GLU A 124 6.65 5.98 -7.41
CA GLU A 124 7.93 5.31 -7.49
C GLU A 124 7.79 3.97 -8.23
N MET A 125 6.74 3.23 -7.91
CA MET A 125 6.49 1.94 -8.53
C MET A 125 6.49 2.06 -10.06
N ALA A 126 5.80 3.09 -10.55
CA ALA A 126 5.71 3.33 -11.99
C ALA A 126 7.06 3.76 -12.55
N ASN A 127 7.81 4.52 -11.77
CA ASN A 127 9.12 5.01 -12.19
C ASN A 127 10.11 3.86 -12.34
N THR A 128 9.89 2.79 -11.57
CA THR A 128 10.77 1.62 -11.60
C THR A 128 10.24 0.59 -12.58
N ALA A 129 8.91 0.42 -12.61
CA ALA A 129 8.28 -0.54 -13.51
C ALA A 129 8.64 -0.26 -14.97
N ARG A 130 8.71 1.02 -15.32
CA ARG A 130 9.05 1.42 -16.68
C ARG A 130 10.38 0.81 -17.11
N ARG A 131 11.30 0.67 -16.16
CA ARG A 131 12.62 0.11 -16.44
C ARG A 131 12.53 -1.41 -16.60
N TYR A 132 11.39 -1.98 -16.24
CA TYR A 132 11.18 -3.41 -16.34
C TYR A 132 10.23 -3.75 -17.48
N ARG A 133 10.26 -2.93 -18.53
CA ARG A 133 9.40 -3.15 -19.69
C ARG A 133 7.97 -2.74 -19.38
N VAL A 134 7.75 -2.19 -18.19
CA VAL A 134 6.42 -1.76 -17.77
C VAL A 134 6.29 -0.23 -17.84
N ASN A 135 6.62 0.33 -18.99
CA ASN A 135 6.54 1.78 -19.18
C ASN A 135 5.17 2.31 -18.74
N VAL A 136 5.19 3.38 -17.96
CA VAL A 136 3.96 3.99 -17.47
C VAL A 136 3.99 5.50 -17.63
N PRO A 137 3.03 6.04 -18.40
CA PRO A 137 2.93 7.49 -18.65
C PRO A 137 2.50 8.25 -17.41
N GLU A 138 3.10 9.41 -17.19
CA GLU A 138 2.78 10.24 -16.03
C GLU A 138 1.29 10.55 -16.00
N ALA A 139 0.64 10.51 -17.17
CA ALA A 139 -0.79 10.79 -17.27
C ALA A 139 -1.60 9.72 -16.55
N SER A 140 -1.08 8.50 -16.52
CA SER A 140 -1.76 7.38 -15.89
C SER A 140 -1.42 7.34 -14.40
N VAL A 141 -0.15 7.50 -14.06
CA VAL A 141 0.29 7.47 -12.68
C VAL A 141 -0.40 8.56 -11.87
N GLN A 142 -0.48 9.76 -12.42
CA GLN A 142 -1.13 10.88 -11.73
C GLN A 142 -2.56 10.52 -11.35
N ALA A 143 -3.25 9.79 -12.22
CA ALA A 143 -4.62 9.39 -11.97
C ALA A 143 -4.70 8.40 -10.81
N ASP A 144 -3.69 7.55 -10.70
CA ASP A 144 -3.64 6.55 -9.64
C ASP A 144 -3.44 7.21 -8.28
N VAL A 145 -2.61 8.25 -8.25
CA VAL A 145 -2.34 8.98 -7.01
C VAL A 145 -3.56 9.74 -6.54
N SER A 146 -4.27 10.35 -7.49
CA SER A 146 -5.46 11.12 -7.17
C SER A 146 -6.62 10.21 -6.75
N LEU A 147 -6.65 9.02 -7.32
CA LEU A 147 -7.68 8.04 -7.02
C LEU A 147 -7.51 7.49 -5.60
N VAL A 148 -6.29 7.04 -5.30
CA VAL A 148 -5.99 6.48 -3.99
C VAL A 148 -6.15 7.53 -2.90
N THR A 149 -5.75 8.77 -3.21
CA THR A 149 -5.84 9.87 -2.25
C THR A 149 -7.29 10.26 -2.01
N SER A 150 -8.06 10.35 -3.08
CA SER A 150 -9.48 10.72 -2.99
C SER A 150 -10.23 9.72 -2.13
N MET A 151 -9.88 8.45 -2.25
CA MET A 151 -10.53 7.39 -1.48
C MET A 151 -10.23 7.54 0.01
N THR A 152 -8.96 7.75 0.34
CA THR A 152 -8.54 7.91 1.73
C THR A 152 -9.13 9.18 2.34
N SER A 153 -9.28 10.22 1.52
CA SER A 153 -9.83 11.49 1.98
C SER A 153 -11.18 11.27 2.65
N THR A 154 -11.93 10.28 2.18
CA THR A 154 -13.24 9.97 2.74
C THR A 154 -13.18 8.73 3.63
N PHE A 155 -12.00 8.43 4.14
CA PHE A 155 -11.82 7.26 5.00
C PHE A 155 -11.95 7.64 6.47
N VAL A 156 -12.98 7.10 7.12
CA VAL A 156 -13.22 7.39 8.53
C VAL A 156 -13.23 6.10 9.35
N ILE A 157 -12.32 6.02 10.32
CA ILE A 157 -12.21 4.85 11.18
C ILE A 157 -13.48 4.68 12.02
N SER A 158 -13.89 3.43 12.20
CA SER A 158 -15.08 3.12 12.99
C SER A 158 -14.75 2.19 14.15
N SER A 159 -13.46 1.97 14.37
CA SER A 159 -13.00 1.10 15.45
C SER A 159 -13.58 1.55 16.79
N GLN A 160 -13.54 2.85 17.03
CA GLN A 160 -14.04 3.41 18.29
C GLN A 160 -14.45 4.87 18.10
N THR A 161 -14.91 5.49 19.18
CA THR A 161 -15.34 6.89 19.14
C THR A 161 -14.15 7.82 19.00
N SER A 162 -13.24 7.78 19.98
CA SER A 162 -12.06 8.63 19.98
C SER A 162 -12.45 10.10 19.97
N VAL A 163 -11.45 10.96 20.15
CA VAL A 163 -11.69 12.41 20.17
C VAL A 163 -12.59 12.80 21.34
N GLN A 164 -11.99 13.39 22.36
CA GLN A 164 -12.74 13.80 23.55
C GLN A 164 -11.84 14.56 24.52
N MET A 165 -12.33 15.69 25.01
CA MET A 165 -11.56 16.50 25.96
C MET A 165 -12.05 16.28 27.38
N GLY A 166 -11.22 16.66 28.35
CA GLY A 166 -11.57 16.48 29.75
C GLY A 166 -10.47 15.84 30.56
N GLY A 167 -9.35 16.54 30.68
CA GLY A 167 -8.23 16.02 31.43
C GLY A 167 -8.22 16.49 32.88
#